data_9G40
#
_entry.id   9G40
#
_cell.length_a   1.00
_cell.length_b   1.00
_cell.length_c   1.00
_cell.angle_alpha   90.00
_cell.angle_beta   90.00
_cell.angle_gamma   90.00
#
_symmetry.space_group_name_H-M   'P 1'
#
loop_
_entity.id
_entity.type
_entity.pdbx_description
1 polymer 'Gamma-tubulin complex component 3'
2 polymer 'Gamma-tubulin complex component'
3 polymer 'Mitotic-spindle organizing protein 2A isoform X4'
4 polymer 'CDK5 regulatory subunit-associated protein 2'
#
loop_
_entity_poly.entity_id
_entity_poly.type
_entity_poly.pdbx_seq_one_letter_code
_entity_poly.pdbx_strand_id
1 'polypeptide(L)'
;MATPDQKSPNVLLQNLCCRILGKSEADVAQQFQYAVRVIGSNFAPTVERDEFLVAEKIKKELTRQRREADAALFSELHRK
LHSQGVLKNKWSILYLLLSLSEDPRKQPSKVSGYAALFAQALPRDAHSTPYYYARPQSLPLNYQERGAPSAQSAGSAGSS
GVSSLGTYALNGPTPPPPPPALLPGQPLPAPGVGDGLRQQLGSRLAWTLTASQPSLPSTTSKAVPSSGSRGAARPRREGD
AAAGAVEVTEAALVRDILYVFQGIDGKHVKMSNADNCYTVEGKANLSKSLRDTAVRLAELGWLHNKIRKYTDQRSLDRSF
GLVGQSFCAALHQELREYYRLLSVLHSQLQLEDDQGVNLGLESSLTLRRLLVWTYDPKMRLKTLAALVDHCQGRKGGELA
SAVHAYTKTGDPYARSLVQHILSLVSHPVLSFLYRWIYDGELEDTYHEFFVASDPAVKADRLWHDKYALRKPMIPSFMTM
DQCRKVLLIGKSINFLHQVCHDQTPTTKMIAVTKSAESPQDAADLFTDLENAFQGKIDAAYFETSKYLLDVLNKKYSLLD
HMQAMRRYLLLGQGDFIRHLMDLLKPELVRPATTLYQHNLTGILETAVRATNAQFDSPEILKRLDVRLLEVSPGDTGWDV
FSLDYHVDGPIATVFTRECMSHYLRAFNFLWRAKRVEYILTDIRKGHMCNARLLRSMPEFSGVLHHCHILASEMVHFIHQ
MQYYVTFEVLECSWDELWNRVQRAQDLDHIIAAHEAFLGTVISRCLLDSDSRALLNQLRAVFDQIIELQNTQDAIYRAAL
EELQRRLQFEEKKKQREAEGQWGVSAAEEEQEKRRVQEFQESIPKMCSQLRILTHFYQGVVQQFLVSLTTSSDESLRFLS
FRLDFNEHYRAREPRLRVSLGTRGRRSSHT
;
F
2 'polypeptide(L)'
;MSEFRIHHDVNELLSLLRVHGGDGAEVYIDLLQKNRTPYVTTTVSAHSAKVKIAEFSRTPEDFLKKYDELKSKNTRNLDP
LVYLLSKLMEDRETLQYLQQNAKERAELAASAAASSTASFGASATASKISMQELEELRKQLGSVATGPTWQQSLELTRKM
LRDKQSKKNSGQRLPVLPAWVYERPALLGDFLPGTGGSADTAVPIGSLPLASQEAAVVEDLLYVLVGVDGRYISAQPLTG
RQGRTFLVDPNLDLSIRELVSRILPVAASYSTVTRFIEEKSSFEYGQVNHALAAAMRTLVKEYLVLVTQLEQLQRQGLLS
LQKLWFYIQPAMRSLDILASLATSVDKGECIGGATLSLLHDRSFSYTGDSQAQELCLHLTKAASTPYFEILEKWIYRGII
DDPYSEFMVEEHELRKEKIQEDYNDKYWDQRYTVVQRQIPSFLQKMAGKVLSTGKYLNVVRECGHDVTCPVAKEVVYTLK
ERAYVEQIEKAFSYASKVLLDFLMGEKELLAHLRSIKRYFLMDQGDFFVHFMDLTEEELKKPVDDITPTRLEALLELALR
MSTANTDPFKDDLKIDLMPHDLITQLLRVLAIETQQEKAMVHADPTELTLSGLEAFSFDYVVTWPLSLIINRKALTRYQM
LFRHMFYCKHVERQLCSVWISNKAAKRFSLHSAKWFAGAFTLRQRMLNFVQNIQSYMMFEVMEPTWHVLEQNLRSASNID
DVLGHHASFLDNCLKDCMLTNPELLRVFSKLMSVCVMFTNCLQRFTQSMKLDSELGHPALEPGAMLGPPTEAERAEERAR
KELARKCLAEHVDAPQLASSFEATITKFDKNFSAHLLDLLARLSIYSTSDCEHGMASVISRLDFNGFYTERLERLSAERS
QKAAPPVPGPRGPPALVPRVAVTAQ
;
G
3 'polypeptide(L)'
;MAAPGAGPGPGAPPGLEAALQKLALRRKKVLSAEETELFELAQAAGGAMDPEVFKILVDLLKLNVAPLAVFQMLKSMCAG
QRLASEPQDPVAVPLPTTSVPETRGRNRGSSALGGGPALAERSGREGSSQRMPRQPSATRLPKGGGPGKSPTRST
;
X
4 'polypeptide(L)'
;MMDLVLEEDVTVPGTLSGCSGLVPSVPDDLDGINPNAGLGNGLLPNVSEETVSPTRARNMKDFENQITELKKENFNLKLR
IYFLEERMQQEFHGPTEHIYKTNIELKVEVESLKRELQEREQLLIKASKAVESLAEAGGSEIQRVKEDARKKVQQVEDLL
TKRILLLEKDVTAAQAELEKAFAGTETEKALRLRLESKLSEMKKMHEGDLAMALVLDEKDRLIEELKLSLKSKEALIQCL
KEEKSQMACPDENVSSGELRGLCAAPREEKERETEAAQMEHQKERNSFEERIQALEEDLREKEREIATEKKNSLKRDKAI
QGLTMALKSKEKKVEELNSEIEKLSAAFAKAREALQKAQTQEFQGSEDYETALSGKEALSAALRSQNLTKSTENHRLRRS
IKKITQELSDLQQERERLEKDLEEAHREKSKGDCTIRDLRNEVEKLRNEVNEREKAMENRYKSLLSESNKKLHNQEQVIK
HLTESTNQKDVLLQKFNEKDLEVIQQNCYLMAAEDLELRSEGLITEKCSSQQPPGSKTIFSKEKKQSSDYEELIQVLKKE
QDIYTHLVKSLQESDSINNLQAELNKIFALRKQLEQDVLSYQNLRKTLEEQISEIRRREEESFSLYSDQTSYLSICLEEN
NRFQVEHFSQEELKKKVSDLIQLVKELYTDNQHLKKTIFDLSCMGFQGNGFPDRLASTEQTELLASKEDEDTIKIGEDDE
INFLSDQHLQQSNEIMKDLSKGGCKNGYLRHTESKISDCDGAHAPGCLEEGAFINLLAPLFNEKATLLLESRPDLLKVVR
ELLLGQLFLTEQEVSGEHLDGKTEKTPKQKGELVHFVQTNSFSKPHDELKLSCEAQLVKAGEVPKVGLKDASVQTVATEG
DLLRFKHEATREAWEEKPINTALSAEHRPENLHGVPGWQAALLSLPGITNREAKKSRLPILIKPSRSLGNMYRLPATQEV
VTQLQSQILELQGELKEFKTCNKQLHQKLILAEAVMEGRPTPDKTLLNAQPPVGAAYQDSPGEQKGIKTTSSVWRDKEMD
SDQQRSYEIDSEICPPDDLASLPSCKENPEDVLSPTSVATYLSSKSQPSAKVSVMGTDQSESINTSNETEYLKQKIHDLE
TELEGYQNFIFQLQKHSQCSEAIITVLCGTEGAQDGLSKPKNGSDGEEMTFSSLHQVRYVKHVKILGPLAPEMIDSRVLE
NLKQQLEEQEYKLQKEQNLNMQLFSEIHNLQNKFRDLSPPRYDSLVQSQARELSLQRQQIKDGHGICVISRQHMNTMIKA
FEELLQASDVDYCVAEGFQEQLNQCAELLEKLEKLFLNGKSVGVEMNTQNELMERIEEDNLTYQHLLPESPEPSASHALS
DYETSEKSFFSRDQKQDNETEKTSVMVNSFSQDLLMEHIQEIRTLRKRLEESIKTNEKLRKQLERQGSEFVQGSTSIFAS
GSELHSSLTSEIHFLRKQNQALNAMLIKGSRDKQKENDKLRESLSRKTVSLEHLQREYASVKEENERLQKEGSEKERHNQ
QLIQEVRCSGQELSRVQEEVKLRQQLLSQNDKLLQSLRVELKAYEKLDEEHRRLREASGEGWKGQDPFRDLHSLLMEIQA
LRLQLERSIETSSTLQSRLKEQLARGAEKAQEGALTLAVQAVSIPEVPLQPDKHDGDKYPMESDNSFDLFDSSQAVTPKS
VSETPPLSGNDTDSLSCDSGSSATSTPCVSRLVTGHHLWASKNGRHVLGLIEDYEALLKQISQGQRLLAEMDIQTQEAPS
STSQELGTKGPHPAPLSKFVSSVSTAKLTLEEAYRRLKLLWRVSLPEDGQCPLHCEQIGEMKAEVTKLHKKLFEQEKKLQ
NTMKLLQLSKRQEKVIFDQLVVTHKILRKARGNLELRPGGAHPGTCSPSRPGS
;
u,v
#
# COMPACT_ATOMS: atom_id res chain seq x y z
N VAL A 248 44.67 26.66 61.94
CA VAL A 248 45.35 27.22 60.79
C VAL A 248 44.84 28.63 60.50
N THR A 249 45.45 29.29 59.52
CA THR A 249 45.08 30.65 59.18
C THR A 249 43.73 30.68 58.48
N GLU A 250 43.11 31.87 58.49
CA GLU A 250 41.82 32.04 57.84
C GLU A 250 41.95 32.09 56.32
N ALA A 251 43.14 32.37 55.79
CA ALA A 251 43.34 32.30 54.35
C ALA A 251 43.06 30.90 53.83
N ALA A 252 43.56 29.89 54.53
CA ALA A 252 43.25 28.52 54.15
C ALA A 252 41.75 28.26 54.26
N LEU A 253 41.11 28.82 55.28
CA LEU A 253 39.67 28.62 55.44
C LEU A 253 38.90 29.18 54.24
N VAL A 254 39.26 30.40 53.81
CA VAL A 254 38.55 30.99 52.68
C VAL A 254 38.86 30.24 51.40
N ARG A 255 40.11 29.80 51.22
CA ARG A 255 40.42 28.98 50.06
C ARG A 255 39.56 27.73 50.03
N ASP A 256 39.47 27.04 51.16
CA ASP A 256 38.69 25.80 51.24
C ASP A 256 37.22 26.07 51.00
N ILE A 257 36.68 27.16 51.57
CA ILE A 257 35.26 27.44 51.39
C ILE A 257 34.97 27.77 49.93
N LEU A 258 35.89 28.49 49.28
CA LEU A 258 35.71 28.75 47.85
C LEU A 258 35.73 27.45 47.06
N TYR A 259 36.63 26.53 47.40
CA TYR A 259 36.63 25.24 46.73
C TYR A 259 35.33 24.50 46.96
N VAL A 260 34.80 24.53 48.18
CA VAL A 260 33.55 23.86 48.49
C VAL A 260 32.41 24.48 47.67
N PHE A 261 32.41 25.81 47.52
CA PHE A 261 31.41 26.46 46.69
C PHE A 261 31.38 25.84 45.29
N GLN A 262 32.54 25.41 44.80
CA GLN A 262 32.61 24.70 43.53
C GLN A 262 32.23 23.24 43.66
N GLY A 263 31.86 22.78 44.86
CA GLY A 263 31.51 21.39 45.08
C GLY A 263 32.69 20.48 45.34
N ILE A 264 33.91 21.00 45.37
CA ILE A 264 35.09 20.18 45.59
C ILE A 264 35.55 20.38 47.02
N ASP A 265 36.14 19.34 47.59
CA ASP A 265 36.52 19.36 48.99
C ASP A 265 37.63 20.38 49.24
N GLY A 266 37.77 20.78 50.50
CA GLY A 266 38.80 21.69 50.93
C GLY A 266 39.88 20.99 51.72
N LYS A 267 40.95 21.74 52.00
CA LYS A 267 42.08 21.17 52.75
C LYS A 267 41.66 20.76 54.15
N HIS A 268 40.86 21.58 54.83
CA HIS A 268 40.44 21.32 56.20
C HIS A 268 38.92 21.41 56.32
N VAL A 269 38.22 20.82 55.36
CA VAL A 269 36.76 20.74 55.40
C VAL A 269 36.36 19.64 54.44
N LYS A 270 35.49 18.73 54.88
CA LYS A 270 35.10 17.59 54.06
C LYS A 270 33.58 17.45 54.14
N MET A 271 33.07 16.37 53.55
CA MET A 271 31.66 16.05 53.56
C MET A 271 31.43 14.85 54.46
N SER A 272 30.76 15.08 55.59
CA SER A 272 30.49 14.01 56.54
C SER A 272 29.34 13.15 56.03
N ASN A 273 29.63 11.87 55.78
CA ASN A 273 28.60 10.93 55.34
C ASN A 273 27.49 10.80 56.38
N ALA A 274 27.77 11.12 57.65
CA ALA A 274 26.76 11.00 58.69
C ALA A 274 25.57 11.92 58.42
N ASP A 275 25.81 13.05 57.73
CA ASP A 275 24.77 14.04 57.48
C ASP A 275 24.78 14.54 56.03
N ASN A 276 25.51 13.86 55.14
CA ASN A 276 25.56 14.23 53.73
C ASN A 276 25.73 15.73 53.55
N CYS A 277 26.53 16.37 54.40
CA CYS A 277 26.75 17.79 54.35
C CYS A 277 28.18 18.09 54.76
N TYR A 278 28.65 19.29 54.41
CA TYR A 278 30.03 19.66 54.64
C TYR A 278 30.24 20.14 56.06
N THR A 279 31.44 19.88 56.58
CA THR A 279 31.78 20.25 57.95
C THR A 279 33.30 20.20 58.11
N VAL A 280 33.76 20.80 59.21
CA VAL A 280 35.16 20.76 59.61
C VAL A 280 35.46 19.36 60.12
N GLU A 281 36.75 19.07 60.31
CA GLU A 281 37.19 17.77 60.78
C GLU A 281 37.88 17.91 62.14
N GLY A 282 37.87 16.81 62.89
CA GLY A 282 38.49 16.83 64.21
C GLY A 282 39.95 17.21 64.17
N LYS A 283 40.63 16.91 63.07
CA LYS A 283 42.02 17.31 62.88
C LYS A 283 42.14 18.76 62.42
N ALA A 284 41.03 19.44 62.18
CA ALA A 284 41.00 20.83 61.73
C ALA A 284 40.38 21.72 62.80
N ASN A 285 40.71 21.46 64.06
CA ASN A 285 40.12 22.21 65.16
C ASN A 285 40.49 23.69 65.07
N LEU A 286 39.49 24.55 65.24
CA LEU A 286 39.69 25.99 65.22
C LEU A 286 38.57 26.62 66.06
N SER A 287 38.45 27.94 65.99
CA SER A 287 37.43 28.64 66.76
C SER A 287 36.04 28.13 66.38
N LYS A 288 35.19 27.99 67.39
CA LYS A 288 33.83 27.53 67.16
C LYS A 288 33.08 28.48 66.24
N SER A 289 33.34 29.79 66.36
CA SER A 289 32.70 30.75 65.47
C SER A 289 33.08 30.49 64.02
N LEU A 290 34.35 30.16 63.77
CA LEU A 290 34.77 29.83 62.42
C LEU A 290 34.01 28.61 61.89
N ARG A 291 33.86 27.58 62.72
CA ARG A 291 33.09 26.42 62.30
C ARG A 291 31.65 26.82 61.98
N ASP A 292 31.03 27.64 62.83
CA ASP A 292 29.64 28.01 62.63
C ASP A 292 29.46 28.78 61.33
N THR A 293 30.33 29.77 61.08
CA THR A 293 30.22 30.53 59.85
C THR A 293 30.51 29.66 58.63
N ALA A 294 31.50 28.77 58.72
CA ALA A 294 31.80 27.89 57.59
C ALA A 294 30.61 27.02 57.25
N VAL A 295 29.99 26.41 58.27
CA VAL A 295 28.84 25.56 57.99
C VAL A 295 27.67 26.39 57.48
N ARG A 296 27.47 27.59 58.03
CA ARG A 296 26.39 28.45 57.55
C ARG A 296 26.58 28.78 56.07
N LEU A 297 27.82 29.01 55.65
CA LEU A 297 28.08 29.29 54.25
C LEU A 297 28.00 28.03 53.38
N ALA A 298 28.33 26.86 53.94
CA ALA A 298 28.36 25.63 53.16
C ALA A 298 27.01 25.24 52.58
N GLU A 299 25.94 25.95 52.93
CA GLU A 299 24.63 25.62 52.37
C GLU A 299 24.64 25.80 50.85
N LEU A 300 25.26 26.88 50.36
CA LEU A 300 25.35 27.06 48.92
C LEU A 300 26.12 25.93 48.27
N GLY A 301 27.23 25.51 48.87
CA GLY A 301 27.98 24.41 48.33
C GLY A 301 27.18 23.12 48.30
N TRP A 302 26.42 22.87 49.36
CA TRP A 302 25.59 21.66 49.40
C TRP A 302 24.53 21.69 48.31
N LEU A 303 23.87 22.83 48.13
CA LEU A 303 22.88 22.95 47.07
C LEU A 303 23.52 22.78 45.70
N HIS A 304 24.70 23.36 45.51
CA HIS A 304 25.41 23.19 44.24
C HIS A 304 25.73 21.73 43.99
N ASN A 305 26.18 21.01 45.02
CA ASN A 305 26.46 19.59 44.87
C ASN A 305 25.19 18.84 44.49
N LYS A 306 24.07 19.15 45.13
CA LYS A 306 22.83 18.45 44.83
C LYS A 306 22.41 18.68 43.39
N ILE A 307 22.43 19.94 42.94
CA ILE A 307 22.02 20.25 41.58
C ILE A 307 22.97 19.61 40.58
N ARG A 308 24.27 19.63 40.86
CA ARG A 308 25.23 18.99 39.97
C ARG A 308 24.96 17.50 39.87
N LYS A 309 24.70 16.85 41.01
CA LYS A 309 24.40 15.42 40.98
C LYS A 309 23.17 15.15 40.14
N TYR A 310 22.11 15.92 40.34
CA TYR A 310 20.88 15.70 39.57
C TYR A 310 21.13 15.87 38.08
N THR A 311 21.75 16.99 37.70
CA THR A 311 21.93 17.27 36.28
C THR A 311 22.86 16.25 35.63
N ASP A 312 23.92 15.84 36.35
CA ASP A 312 24.81 14.81 35.82
C ASP A 312 24.06 13.49 35.62
N GLN A 313 23.30 13.07 36.63
CA GLN A 313 22.59 11.80 36.52
C GLN A 313 21.60 11.82 35.38
N ARG A 314 20.85 12.92 35.23
CA ARG A 314 19.83 12.97 34.19
C ARG A 314 20.39 13.42 32.84
N SER A 315 21.68 13.74 32.76
CA SER A 315 22.31 14.05 31.49
C SER A 315 23.08 12.87 30.91
N LEU A 316 23.45 11.89 31.73
CA LEU A 316 24.04 10.66 31.23
C LEU A 316 23.05 9.80 30.47
N ASP A 317 21.76 10.13 30.53
CA ASP A 317 20.71 9.37 29.86
C ASP A 317 20.09 10.20 28.76
N ARG A 318 19.97 9.61 27.58
CA ARG A 318 19.36 10.28 26.43
C ARG A 318 17.87 10.03 26.32
N SER A 319 17.30 9.18 27.17
CA SER A 319 15.88 8.88 27.17
C SER A 319 15.07 9.87 27.99
N PHE A 320 15.72 10.85 28.62
CA PHE A 320 15.03 11.73 29.55
C PHE A 320 13.92 12.52 28.86
N GLY A 321 14.24 13.20 27.77
CA GLY A 321 13.25 13.98 27.04
C GLY A 321 13.74 15.34 26.60
N LEU A 322 13.04 15.94 25.63
CA LEU A 322 13.43 17.24 25.12
C LEU A 322 13.22 18.33 26.16
N VAL A 323 12.04 18.35 26.78
CA VAL A 323 11.77 19.35 27.82
C VAL A 323 12.75 19.18 28.97
N GLY A 324 13.07 17.94 29.32
CA GLY A 324 14.08 17.71 30.34
C GLY A 324 15.44 18.26 29.92
N GLN A 325 15.79 18.11 28.65
CA GLN A 325 17.05 18.67 28.16
C GLN A 325 17.07 20.19 28.28
N SER A 326 15.97 20.85 27.92
CA SER A 326 15.91 22.30 28.06
C SER A 326 16.01 22.72 29.51
N PHE A 327 15.34 21.97 30.41
CA PHE A 327 15.43 22.26 31.83
C PHE A 327 16.86 22.13 32.33
N CYS A 328 17.55 21.06 31.90
CA CYS A 328 18.94 20.88 32.29
C CYS A 328 19.81 22.01 31.75
N ALA A 329 19.55 22.45 30.52
CA ALA A 329 20.32 23.56 29.96
C ALA A 329 20.11 24.83 30.76
N ALA A 330 18.88 25.11 31.16
CA ALA A 330 18.61 26.28 31.99
C ALA A 330 19.36 26.18 33.31
N LEU A 331 19.33 25.01 33.95
CA LEU A 331 20.07 24.83 35.19
C LEU A 331 21.56 25.03 34.95
N HIS A 332 22.07 24.58 33.79
CA HIS A 332 23.47 24.77 33.46
C HIS A 332 23.81 26.25 33.35
N GLN A 333 22.93 27.03 32.73
CA GLN A 333 23.15 28.47 32.64
C GLN A 333 23.17 29.10 34.03
N GLU A 334 22.25 28.67 34.91
CA GLU A 334 22.25 29.20 36.26
C GLU A 334 23.54 28.85 36.98
N LEU A 335 24.03 27.63 36.79
CA LEU A 335 25.31 27.25 37.37
C LEU A 335 26.43 28.11 36.82
N ARG A 336 26.38 28.43 35.53
CA ARG A 336 27.40 29.29 34.95
C ARG A 336 27.39 30.68 35.58
N GLU A 337 26.19 31.23 35.82
CA GLU A 337 26.11 32.53 36.49
C GLU A 337 26.67 32.43 37.91
N TYR A 338 26.34 31.35 38.62
CA TYR A 338 26.93 31.13 39.93
C TYR A 338 28.45 31.10 39.85
N TYR A 339 28.98 30.46 38.80
CA TYR A 339 30.42 30.42 38.60
C TYR A 339 30.98 31.82 38.33
N ARG A 340 30.22 32.63 37.59
CA ARG A 340 30.64 34.02 37.37
C ARG A 340 30.79 34.75 38.69
N LEU A 341 29.82 34.58 39.59
CA LEU A 341 29.94 35.24 40.90
C LEU A 341 31.11 34.67 41.68
N LEU A 342 31.33 33.36 41.59
CA LEU A 342 32.50 32.78 42.24
C LEU A 342 33.78 33.39 41.72
N SER A 343 33.88 33.59 40.41
CA SER A 343 35.07 34.18 39.82
C SER A 343 35.24 35.63 40.26
N VAL A 344 34.16 36.40 40.29
CA VAL A 344 34.29 37.81 40.64
C VAL A 344 34.69 37.95 42.10
N LEU A 345 34.20 37.07 42.98
CA LEU A 345 34.65 37.12 44.37
C LEU A 345 36.08 36.60 44.50
N HIS A 346 36.49 35.64 43.67
CA HIS A 346 37.87 35.19 43.68
C HIS A 346 38.81 36.30 43.24
N SER A 347 38.33 37.19 42.36
CA SER A 347 39.12 38.35 41.98
C SER A 347 39.48 39.18 43.19
N GLN A 348 38.50 39.41 44.07
CA GLN A 348 38.77 40.11 45.32
C GLN A 348 39.53 39.25 46.33
N LEU A 349 39.50 37.92 46.17
CA LEU A 349 40.25 37.06 47.08
C LEU A 349 41.72 37.45 47.08
N GLN A 350 42.31 37.67 45.91
CA GLN A 350 43.70 38.09 45.84
C GLN A 350 43.87 39.43 46.57
N LEU A 351 44.93 39.51 47.36
CA LEU A 351 45.19 40.70 48.17
C LEU A 351 43.99 41.01 49.07
N SER A 364 42.71 37.14 52.37
CA SER A 364 42.20 37.97 53.46
C SER A 364 40.68 37.92 53.51
N LEU A 365 40.04 39.06 53.25
CA LEU A 365 38.58 39.14 53.29
C LEU A 365 38.06 38.69 54.65
N THR A 366 36.74 38.56 54.76
CA THR A 366 36.13 38.10 56.00
C THR A 366 34.81 37.43 55.67
N LEU A 367 34.36 36.58 56.60
CA LEU A 367 33.13 35.82 56.36
C LEU A 367 31.92 36.74 56.23
N ARG A 368 31.96 37.92 56.85
CA ARG A 368 30.86 38.87 56.70
C ARG A 368 30.73 39.29 55.24
N ARG A 369 31.85 39.55 54.57
CA ARG A 369 31.81 39.88 53.14
C ARG A 369 31.23 38.73 52.34
N LEU A 370 31.61 37.50 52.68
CA LEU A 370 31.05 36.35 51.98
C LEU A 370 29.54 36.29 52.16
N LEU A 371 29.06 36.54 53.38
CA LEU A 371 27.62 36.53 53.63
C LEU A 371 26.93 37.61 52.79
N VAL A 372 27.45 38.84 52.83
CA VAL A 372 26.79 39.93 52.12
C VAL A 372 26.89 39.74 50.61
N TRP A 373 27.81 38.91 50.14
CA TRP A 373 27.87 38.60 48.72
C TRP A 373 27.02 37.39 48.33
N THR A 374 26.74 36.49 49.27
CA THR A 374 26.16 35.20 48.92
C THR A 374 24.71 35.02 49.35
N TYR A 375 24.22 35.79 50.32
CA TYR A 375 22.87 35.55 50.82
C TYR A 375 21.84 35.63 49.69
N ASP A 376 22.00 36.58 48.78
CA ASP A 376 21.15 36.60 47.60
C ASP A 376 21.34 35.33 46.77
N PRO A 377 22.56 34.93 46.42
CA PRO A 377 22.73 33.58 45.86
C PRO A 377 22.14 32.50 46.73
N LYS A 378 22.18 32.67 48.06
CA LYS A 378 21.56 31.68 48.94
C LYS A 378 20.07 31.58 48.65
N MET A 379 19.40 32.72 48.52
CA MET A 379 17.96 32.70 48.24
C MET A 379 17.68 32.07 46.89
N ARG A 380 18.42 32.47 45.85
CA ARG A 380 18.14 31.93 44.52
C ARG A 380 18.42 30.43 44.46
N LEU A 381 19.48 29.97 45.12
CA LEU A 381 19.75 28.54 45.15
C LEU A 381 18.72 27.78 45.96
N LYS A 382 18.19 28.38 47.03
CA LYS A 382 17.09 27.74 47.73
C LYS A 382 15.87 27.59 46.82
N THR A 383 15.55 28.63 46.06
CA THR A 383 14.42 28.54 45.14
C THR A 383 14.66 27.45 44.10
N LEU A 384 15.87 27.39 43.54
CA LEU A 384 16.16 26.36 42.54
C LEU A 384 16.12 24.97 43.15
N ALA A 385 16.58 24.82 44.40
CA ALA A 385 16.50 23.53 45.07
C ALA A 385 15.05 23.11 45.27
N ALA A 386 14.20 24.06 45.68
CA ALA A 386 12.77 23.77 45.79
C ALA A 386 12.15 23.45 44.43
N LEU A 387 12.74 23.97 43.34
CA LEU A 387 12.22 23.66 42.02
C LEU A 387 12.63 22.27 41.55
N VAL A 388 13.86 21.85 41.87
CA VAL A 388 14.33 20.56 41.38
C VAL A 388 13.70 19.41 42.16
N ASP A 389 13.57 19.54 43.48
CA ASP A 389 13.06 18.44 44.29
C ASP A 389 11.60 18.12 44.00
N HIS A 390 10.90 18.96 43.25
CA HIS A 390 9.54 18.71 42.82
C HIS A 390 9.49 18.35 41.33
N CYS A 391 10.53 17.70 40.84
CA CYS A 391 10.63 17.36 39.42
C CYS A 391 11.08 15.94 39.15
N GLN A 392 11.62 15.21 40.13
CA GLN A 392 12.15 13.88 39.86
C GLN A 392 11.05 12.96 39.36
N GLY A 393 11.42 12.07 38.44
CA GLY A 393 10.47 11.13 37.89
C GLY A 393 9.35 11.77 37.11
N ARG A 394 9.48 13.03 36.74
CA ARG A 394 8.46 13.76 36.01
C ARG A 394 9.03 14.20 34.66
N LYS A 395 8.16 14.24 33.66
CA LYS A 395 8.59 14.56 32.31
C LYS A 395 7.40 15.07 31.52
N GLY A 396 7.70 15.72 30.40
CA GLY A 396 6.65 16.21 29.51
C GLY A 396 5.95 17.43 30.07
N GLY A 397 4.72 17.64 29.61
CA GLY A 397 3.97 18.82 30.00
C GLY A 397 3.81 18.96 31.50
N GLU A 398 3.83 17.84 32.22
CA GLU A 398 3.71 17.92 33.67
C GLU A 398 4.81 18.78 34.28
N LEU A 399 6.02 18.71 33.71
CA LEU A 399 7.10 19.56 34.18
C LEU A 399 6.69 21.04 34.10
N ALA A 400 6.07 21.42 32.99
CA ALA A 400 5.54 22.78 32.90
C ALA A 400 4.65 23.07 34.10
N SER A 401 3.70 22.17 34.39
CA SER A 401 2.87 22.34 35.58
C SER A 401 3.73 22.46 36.82
N ALA A 402 4.72 21.57 36.96
CA ALA A 402 5.66 21.68 38.07
C ALA A 402 6.30 23.06 38.08
N VAL A 403 6.80 23.52 36.92
CA VAL A 403 7.29 24.89 36.83
C VAL A 403 6.16 25.86 37.13
N HIS A 404 4.99 25.62 36.55
CA HIS A 404 3.84 26.46 36.82
C HIS A 404 3.42 26.38 38.28
N ALA A 405 3.90 25.38 39.02
CA ALA A 405 3.62 25.33 40.45
C ALA A 405 4.19 26.53 41.18
N TYR A 406 5.14 27.25 40.56
CA TYR A 406 5.75 28.42 41.18
C TYR A 406 5.42 29.72 40.44
N THR A 407 4.54 29.66 39.44
CA THR A 407 4.22 30.88 38.69
C THR A 407 3.59 31.94 39.58
N LYS A 408 2.68 31.54 40.46
CA LYS A 408 1.97 32.48 41.31
C LYS A 408 2.69 32.75 42.64
N THR A 409 3.87 32.19 42.84
CA THR A 409 4.58 32.39 44.10
C THR A 409 5.02 33.85 44.23
N GLY A 410 5.17 34.29 45.48
CA GLY A 410 5.61 35.64 45.75
C GLY A 410 7.09 35.83 45.47
N ASP A 411 7.76 36.67 46.27
CA ASP A 411 9.21 36.83 46.13
C ASP A 411 9.54 37.28 44.71
N PRO A 412 9.24 38.54 44.36
CA PRO A 412 9.31 38.94 42.94
C PRO A 412 10.59 38.54 42.24
N TYR A 413 11.73 38.50 42.94
CA TYR A 413 12.96 38.07 42.28
C TYR A 413 12.92 36.59 41.94
N ALA A 414 12.51 35.75 42.90
CA ALA A 414 12.34 34.34 42.61
C ALA A 414 11.26 34.13 41.56
N ARG A 415 10.18 34.91 41.63
CA ARG A 415 9.15 34.85 40.61
C ARG A 415 9.73 35.11 39.23
N SER A 416 10.57 36.14 39.12
CA SER A 416 11.17 36.46 37.83
C SER A 416 12.06 35.34 37.34
N LEU A 417 12.87 34.76 38.24
CA LEU A 417 13.75 33.68 37.83
C LEU A 417 12.95 32.48 37.33
N VAL A 418 11.91 32.09 38.08
CA VAL A 418 11.12 30.93 37.68
C VAL A 418 10.35 31.23 36.39
N GLN A 419 9.88 32.47 36.23
CA GLN A 419 9.18 32.82 34.99
C GLN A 419 10.10 32.75 33.79
N HIS A 420 11.34 33.22 33.94
CA HIS A 420 12.31 33.11 32.86
C HIS A 420 12.59 31.65 32.54
N ILE A 421 12.73 30.81 33.57
CA ILE A 421 12.96 29.39 33.34
C ILE A 421 11.77 28.78 32.61
N LEU A 422 10.55 29.15 33.01
CA LEU A 422 9.36 28.65 32.33
C LEU A 422 9.37 29.04 30.87
N SER A 423 9.60 30.33 30.58
CA SER A 423 9.62 30.79 29.19
C SER A 423 10.67 30.04 28.39
N LEU A 424 11.84 29.81 28.97
CA LEU A 424 12.89 29.09 28.26
C LEU A 424 12.49 27.64 27.99
N VAL A 425 11.93 26.96 29.00
CA VAL A 425 11.62 25.54 28.87
C VAL A 425 10.27 25.30 28.23
N SER A 426 9.42 26.32 28.12
CA SER A 426 8.15 26.16 27.44
C SER A 426 8.28 26.18 25.92
N HIS A 427 9.38 26.69 25.40
CA HIS A 427 9.53 26.79 23.95
C HIS A 427 9.40 25.44 23.24
N PRO A 428 9.99 24.34 23.73
CA PRO A 428 9.81 23.06 23.01
C PRO A 428 8.35 22.67 22.85
N VAL A 429 7.55 22.74 23.92
CA VAL A 429 6.15 22.36 23.80
C VAL A 429 5.41 23.33 22.91
N LEU A 430 5.76 24.62 22.97
CA LEU A 430 5.12 25.59 22.09
C LEU A 430 5.39 25.26 20.63
N SER A 431 6.64 24.93 20.30
CA SER A 431 6.97 24.57 18.92
C SER A 431 6.26 23.29 18.51
N PHE A 432 6.19 22.32 19.42
CA PHE A 432 5.47 21.09 19.13
C PHE A 432 4.01 21.38 18.81
N LEU A 433 3.38 22.23 19.60
CA LEU A 433 1.99 22.60 19.35
C LEU A 433 1.85 23.34 18.03
N TYR A 434 2.78 24.25 17.73
CA TYR A 434 2.70 25.01 16.48
C TYR A 434 2.79 24.08 15.28
N ARG A 435 3.73 23.14 15.30
CA ARG A 435 3.83 22.19 14.19
C ARG A 435 2.63 21.25 14.14
N TRP A 436 2.10 20.86 15.31
CA TRP A 436 0.93 20.01 15.34
C TRP A 436 -0.29 20.70 14.74
N ILE A 437 -0.39 22.02 14.89
CA ILE A 437 -1.52 22.74 14.34
C ILE A 437 -1.30 23.17 12.89
N TYR A 438 -0.05 23.35 12.47
CA TYR A 438 0.27 23.73 11.09
C TYR A 438 0.44 22.52 10.19
N ASP A 439 1.36 21.62 10.54
CA ASP A 439 1.65 20.44 9.74
C ASP A 439 1.10 19.16 10.34
N GLY A 440 0.92 19.10 11.66
CA GLY A 440 0.28 17.96 12.28
C GLY A 440 1.10 16.69 12.25
N GLU A 441 2.22 16.68 12.98
CA GLU A 441 3.05 15.48 13.13
C GLU A 441 3.44 15.32 14.59
N LEU A 442 3.64 14.06 14.98
CA LEU A 442 4.05 13.71 16.35
C LEU A 442 5.23 12.75 16.25
N GLU A 443 6.44 13.31 16.17
CA GLU A 443 7.67 12.54 16.21
C GLU A 443 8.12 12.29 17.64
N ASP A 444 7.25 12.49 18.62
CA ASP A 444 7.59 12.24 20.01
C ASP A 444 8.13 10.84 20.17
N THR A 445 9.29 10.73 20.83
CA THR A 445 9.90 9.43 21.08
C THR A 445 9.47 8.83 22.40
N TYR A 446 9.32 9.67 23.43
CA TYR A 446 8.85 9.24 24.74
C TYR A 446 7.41 9.67 24.99
N HIS A 447 6.67 9.96 23.93
CA HIS A 447 5.28 10.42 24.02
C HIS A 447 5.10 11.43 25.15
N GLU A 448 5.82 12.55 25.01
CA GLU A 448 5.67 13.65 25.95
C GLU A 448 4.57 14.62 25.52
N PHE A 449 4.24 14.67 24.23
CA PHE A 449 3.15 15.51 23.76
C PHE A 449 1.82 14.98 24.28
N PHE A 450 0.96 15.90 24.73
CA PHE A 450 -0.28 15.48 25.36
C PHE A 450 -1.18 14.68 24.43
N VAL A 451 -0.99 14.80 23.11
CA VAL A 451 -1.75 14.02 22.13
C VAL A 451 -0.96 12.74 21.87
N ALA A 452 -1.26 11.69 22.62
CA ALA A 452 -0.60 10.41 22.42
C ALA A 452 -1.15 9.73 21.17
N SER A 453 -0.48 8.66 20.76
CA SER A 453 -0.87 7.91 19.57
C SER A 453 -0.71 6.42 19.84
N ASP A 454 -1.44 5.62 19.07
CA ASP A 454 -1.41 4.16 19.18
C ASP A 454 -1.07 3.56 17.82
N PRO A 455 0.20 3.20 17.57
CA PRO A 455 0.55 2.70 16.24
C PRO A 455 0.00 1.31 15.95
N ALA A 456 -1.32 1.16 16.07
CA ALA A 456 -1.97 -0.12 15.83
C ALA A 456 -3.31 0.05 15.13
N VAL A 457 -3.43 1.05 14.27
CA VAL A 457 -4.68 1.36 13.59
C VAL A 457 -4.44 1.52 12.10
N LYS A 458 -5.49 1.35 11.32
CA LYS A 458 -5.43 1.48 9.87
C LYS A 458 -5.66 2.93 9.47
N ALA A 459 -5.85 3.17 8.17
CA ALA A 459 -5.97 4.52 7.64
C ALA A 459 -7.39 5.07 7.69
N ASP A 460 -8.36 4.29 8.19
CA ASP A 460 -9.74 4.75 8.32
C ASP A 460 -10.28 4.66 9.73
N ARG A 461 -9.92 3.62 10.48
CA ARG A 461 -10.33 3.52 11.88
C ARG A 461 -9.51 4.44 12.78
N LEU A 462 -8.50 5.10 12.24
CA LEU A 462 -7.66 6.01 13.02
C LEU A 462 -8.48 7.12 13.67
N TRP A 463 -9.64 7.47 13.12
CA TRP A 463 -10.38 8.62 13.60
C TRP A 463 -10.80 8.46 15.06
N HIS A 464 -10.82 7.24 15.60
CA HIS A 464 -11.27 7.03 16.96
C HIS A 464 -10.35 6.11 17.76
N ASP A 465 -9.27 5.62 17.18
CA ASP A 465 -8.43 4.63 17.87
C ASP A 465 -7.02 5.11 18.13
N LYS A 466 -6.34 5.67 17.13
CA LYS A 466 -4.91 5.90 17.25
C LYS A 466 -4.61 7.09 18.16
N TYR A 467 -5.07 8.28 17.79
CA TYR A 467 -4.81 9.49 18.56
C TYR A 467 -5.86 9.66 19.64
N ALA A 468 -5.46 10.30 20.73
CA ALA A 468 -6.38 10.57 21.84
C ALA A 468 -5.76 11.64 22.72
N LEU A 469 -6.40 11.91 23.86
CA LEU A 469 -5.91 12.85 24.83
C LEU A 469 -5.20 12.12 25.97
N ARG A 470 -4.50 12.90 26.80
CA ARG A 470 -3.73 12.36 27.91
C ARG A 470 -3.98 13.24 29.13
N LYS A 471 -4.96 12.86 29.95
CA LYS A 471 -5.27 13.65 31.14
C LYS A 471 -4.05 13.86 32.03
N PRO A 472 -3.25 12.84 32.34
CA PRO A 472 -2.11 13.08 33.24
C PRO A 472 -1.08 14.04 32.68
N MET A 473 -1.06 14.26 31.37
CA MET A 473 -0.03 15.07 30.73
C MET A 473 -0.64 16.25 29.97
N ILE A 474 -1.75 16.77 30.48
CA ILE A 474 -2.36 17.96 29.87
C ILE A 474 -1.49 19.18 30.20
N PRO A 475 -1.16 20.03 29.24
CA PRO A 475 -0.35 21.22 29.56
C PRO A 475 -1.05 22.11 30.58
N SER A 476 -0.26 22.66 31.50
CA SER A 476 -0.82 23.47 32.57
C SER A 476 -1.50 24.72 32.01
N PHE A 477 -0.89 25.37 31.02
CA PHE A 477 -1.46 26.61 30.50
C PHE A 477 -2.86 26.39 29.94
N MET A 478 -3.06 25.31 29.18
CA MET A 478 -4.34 25.03 28.57
C MET A 478 -5.18 24.14 29.47
N THR A 479 -6.45 23.97 29.08
CA THR A 479 -7.38 23.12 29.80
C THR A 479 -8.04 22.13 28.85
N MET A 480 -9.06 21.42 29.33
CA MET A 480 -9.64 20.33 28.55
C MET A 480 -10.19 20.84 27.22
N ASP A 481 -10.93 21.96 27.24
CA ASP A 481 -11.53 22.46 26.01
C ASP A 481 -10.45 22.85 25.00
N GLN A 482 -9.40 23.52 25.47
CA GLN A 482 -8.31 23.88 24.57
C GLN A 482 -7.68 22.63 23.96
N CYS A 483 -7.48 21.60 24.77
CA CYS A 483 -6.92 20.35 24.26
C CYS A 483 -7.83 19.73 23.22
N ARG A 484 -9.14 19.73 23.47
CA ARG A 484 -10.06 19.15 22.50
C ARG A 484 -10.01 19.90 21.17
N LYS A 485 -10.03 21.23 21.23
CA LYS A 485 -10.02 21.99 19.98
C LYS A 485 -8.69 21.80 19.23
N VAL A 486 -7.56 21.82 19.95
CA VAL A 486 -6.29 21.63 19.26
C VAL A 486 -6.20 20.22 18.69
N LEU A 487 -6.75 19.23 19.39
CA LEU A 487 -6.77 17.88 18.84
C LEU A 487 -7.60 17.81 17.58
N LEU A 488 -8.74 18.51 17.55
CA LEU A 488 -9.53 18.57 16.33
C LEU A 488 -8.74 19.21 15.20
N ILE A 489 -8.03 20.29 15.51
CA ILE A 489 -7.21 20.96 14.49
C ILE A 489 -6.16 19.99 13.95
N GLY A 490 -5.49 19.27 14.84
CA GLY A 490 -4.48 18.32 14.42
C GLY A 490 -5.06 17.21 13.56
N LYS A 491 -6.22 16.69 13.95
CA LYS A 491 -6.90 15.68 13.14
C LYS A 491 -7.17 16.21 11.74
N SER A 492 -7.71 17.43 11.65
CA SER A 492 -8.01 18.00 10.35
C SER A 492 -6.76 18.16 9.52
N ILE A 493 -5.69 18.70 10.12
CA ILE A 493 -4.46 18.92 9.37
C ILE A 493 -3.87 17.60 8.89
N ASN A 494 -3.87 16.59 9.75
CA ASN A 494 -3.38 15.28 9.34
C ASN A 494 -4.21 14.72 8.20
N PHE A 495 -5.53 14.87 8.28
CA PHE A 495 -6.40 14.37 7.22
C PHE A 495 -6.20 15.12 5.91
N LEU A 496 -5.76 16.38 5.98
CA LEU A 496 -5.62 17.17 4.76
C LEU A 496 -4.78 16.46 3.72
N HIS A 497 -3.71 15.77 4.15
CA HIS A 497 -2.81 15.11 3.21
C HIS A 497 -2.63 13.62 3.47
N GLN A 498 -2.72 13.15 4.71
CA GLN A 498 -2.54 11.73 4.98
C GLN A 498 -3.60 10.88 4.31
N VAL A 499 -4.74 11.47 3.96
CA VAL A 499 -5.83 10.77 3.28
C VAL A 499 -6.17 11.42 1.95
N CYS A 500 -6.43 12.73 1.98
CA CYS A 500 -6.76 13.47 0.77
C CYS A 500 -5.52 13.87 -0.04
N HIS A 501 -4.32 13.77 0.53
CA HIS A 501 -3.08 14.08 -0.17
C HIS A 501 -3.10 15.51 -0.72
N ASP A 502 -3.69 16.42 0.06
CA ASP A 502 -3.73 17.84 -0.28
C ASP A 502 -3.00 18.63 0.80
N GLN A 503 -2.15 19.56 0.37
CA GLN A 503 -1.38 20.39 1.28
C GLN A 503 -1.54 21.85 0.88
N THR A 504 -1.68 22.72 1.88
CA THR A 504 -1.82 24.15 1.65
C THR A 504 -1.01 24.91 2.71
N PRO A 505 -0.53 26.10 2.37
CA PRO A 505 0.09 26.94 3.40
C PRO A 505 -0.92 27.39 4.44
N THR A 506 -0.43 27.61 5.66
CA THR A 506 -1.26 28.07 6.76
C THR A 506 -1.42 29.59 6.71
N ASP A 528 5.70 35.80 25.58
CA ASP A 528 4.76 34.94 24.85
C ASP A 528 3.38 35.56 24.84
N LEU A 529 2.65 35.36 23.73
CA LEU A 529 1.30 35.88 23.59
C LEU A 529 0.33 34.93 24.27
N GLU A 530 -0.46 35.46 25.19
CA GLU A 530 -1.42 34.65 25.95
C GLU A 530 -2.83 35.21 25.89
N ASN A 531 -2.99 36.54 25.96
CA ASN A 531 -4.33 37.12 26.01
C ASN A 531 -5.13 36.77 24.76
N ALA A 532 -4.55 36.97 23.58
CA ALA A 532 -5.19 36.62 22.32
C ALA A 532 -4.80 35.24 21.84
N PHE A 533 -3.96 34.52 22.59
CA PHE A 533 -3.55 33.18 22.19
C PHE A 533 -4.76 32.27 22.01
N GLN A 534 -5.69 32.31 22.97
CA GLN A 534 -6.90 31.51 22.84
C GLN A 534 -7.71 31.96 21.63
N GLY A 535 -7.85 33.27 21.44
CA GLY A 535 -8.52 33.76 20.25
C GLY A 535 -7.81 33.39 18.97
N LYS A 536 -6.47 33.42 19.00
CA LYS A 536 -5.70 33.00 17.84
C LYS A 536 -5.98 31.54 17.50
N ILE A 537 -5.98 30.68 18.51
CA ILE A 537 -6.26 29.27 18.29
C ILE A 537 -7.68 29.08 17.76
N ASP A 538 -8.64 29.84 18.31
CA ASP A 538 -10.02 29.71 17.84
C ASP A 538 -10.15 30.12 16.39
N ALA A 539 -9.54 31.24 16.00
CA ALA A 539 -9.61 31.68 14.61
C ALA A 539 -8.92 30.67 13.69
N ALA A 540 -7.76 30.15 14.11
CA ALA A 540 -7.10 29.13 13.31
C ALA A 540 -7.98 27.90 13.15
N TYR A 541 -8.64 27.47 14.23
CA TYR A 541 -9.54 26.32 14.15
C TYR A 541 -10.67 26.59 13.17
N PHE A 542 -11.29 27.78 13.25
CA PHE A 542 -12.39 28.10 12.37
C PHE A 542 -11.95 28.06 10.91
N GLU A 543 -10.85 28.74 10.59
CA GLU A 543 -10.39 28.78 9.20
C GLU A 543 -10.00 27.39 8.72
N THR A 544 -9.32 26.60 9.56
CA THR A 544 -8.91 25.27 9.16
C THR A 544 -10.12 24.38 8.92
N SER A 545 -11.13 24.45 9.79
CA SER A 545 -12.33 23.65 9.57
C SER A 545 -13.03 24.06 8.29
N LYS A 546 -13.15 25.36 8.04
CA LYS A 546 -13.79 25.81 6.80
C LYS A 546 -13.03 25.32 5.58
N TYR A 547 -11.69 25.41 5.61
CA TYR A 547 -10.90 24.95 4.48
C TYR A 547 -11.03 23.45 4.29
N LEU A 548 -11.03 22.68 5.39
CA LEU A 548 -11.19 21.24 5.28
C LEU A 548 -12.54 20.89 4.67
N LEU A 549 -13.60 21.56 5.10
CA LEU A 549 -14.91 21.30 4.53
C LEU A 549 -14.94 21.66 3.05
N ASP A 550 -14.31 22.78 2.68
CA ASP A 550 -14.24 23.14 1.27
C ASP A 550 -13.50 22.08 0.46
N VAL A 551 -12.38 21.58 0.99
CA VAL A 551 -11.63 20.57 0.28
C VAL A 551 -12.47 19.31 0.11
N LEU A 552 -13.16 18.89 1.17
CA LEU A 552 -13.99 17.69 1.08
C LEU A 552 -15.12 17.89 0.07
N ASN A 553 -15.77 19.04 0.09
CA ASN A 553 -16.92 19.25 -0.78
C ASN A 553 -16.54 19.54 -2.22
N LYS A 554 -15.28 19.93 -2.49
CA LYS A 554 -14.83 20.15 -3.85
C LYS A 554 -14.16 18.91 -4.44
N LYS A 555 -13.10 18.41 -3.79
CA LYS A 555 -12.40 17.25 -4.31
C LYS A 555 -13.31 16.02 -4.33
N TYR A 556 -14.10 15.82 -3.27
CA TYR A 556 -14.99 14.68 -3.16
C TYR A 556 -16.46 15.04 -3.29
N SER A 557 -16.89 16.15 -2.70
CA SER A 557 -18.29 16.58 -2.75
C SER A 557 -19.20 15.53 -2.14
N LEU A 558 -18.99 15.31 -0.84
CA LEU A 558 -19.84 14.37 -0.09
C LEU A 558 -21.33 14.65 -0.34
N LEU A 559 -21.69 15.87 -0.72
CA LEU A 559 -23.07 16.14 -1.11
C LEU A 559 -23.48 15.25 -2.28
N ASP A 560 -22.60 15.10 -3.27
CA ASP A 560 -22.92 14.20 -4.38
C ASP A 560 -22.99 12.75 -3.90
N HIS A 561 -22.14 12.36 -2.96
CA HIS A 561 -22.23 11.03 -2.38
C HIS A 561 -23.63 10.79 -1.82
N MET A 562 -24.10 11.70 -0.97
CA MET A 562 -25.42 11.55 -0.38
C MET A 562 -26.51 11.55 -1.44
N GLN A 563 -26.40 12.45 -2.43
CA GLN A 563 -27.39 12.54 -3.48
C GLN A 563 -27.50 11.22 -4.23
N ALA A 564 -26.37 10.68 -4.69
CA ALA A 564 -26.38 9.43 -5.43
C ALA A 564 -26.86 8.28 -4.56
N MET A 565 -26.44 8.24 -3.29
CA MET A 565 -26.86 7.17 -2.40
C MET A 565 -28.38 7.17 -2.25
N ARG A 566 -28.96 8.34 -1.99
CA ARG A 566 -30.42 8.43 -1.87
C ARG A 566 -31.09 8.08 -3.20
N ARG A 567 -30.50 8.53 -4.32
CA ARG A 567 -31.13 8.32 -5.62
C ARG A 567 -31.13 6.87 -6.03
N TYR A 568 -30.10 6.10 -5.61
CA TYR A 568 -29.96 4.71 -6.02
C TYR A 568 -30.11 3.75 -4.85
N LEU A 569 -29.30 3.87 -3.81
CA LEU A 569 -29.32 2.88 -2.73
C LEU A 569 -30.63 2.91 -1.98
N LEU A 570 -31.29 4.08 -1.91
CA LEU A 570 -32.56 4.22 -1.21
C LEU A 570 -33.75 4.20 -2.16
N LEU A 571 -33.57 3.68 -3.38
CA LEU A 571 -34.65 3.56 -4.35
C LEU A 571 -35.25 4.94 -4.66
N GLY A 572 -34.43 5.75 -5.33
CA GLY A 572 -34.83 7.10 -5.67
C GLY A 572 -35.50 7.15 -7.02
N GLN A 573 -34.80 7.60 -8.05
CA GLN A 573 -35.40 7.67 -9.39
C GLN A 573 -36.01 6.32 -9.75
N GLY A 574 -37.33 6.31 -9.93
CA GLY A 574 -38.06 5.08 -10.14
C GLY A 574 -37.70 4.35 -11.43
N ASP A 575 -37.44 5.09 -12.51
CA ASP A 575 -37.20 4.44 -13.80
C ASP A 575 -36.05 3.47 -13.71
N PHE A 576 -35.03 3.77 -12.90
CA PHE A 576 -33.91 2.85 -12.74
C PHE A 576 -34.39 1.48 -12.27
N ILE A 577 -35.17 1.46 -11.19
CA ILE A 577 -35.62 0.18 -10.64
C ILE A 577 -36.63 -0.47 -11.57
N ARG A 578 -37.46 0.34 -12.24
CA ARG A 578 -38.41 -0.23 -13.19
C ARG A 578 -37.70 -0.97 -14.31
N HIS A 579 -36.67 -0.36 -14.89
CA HIS A 579 -35.91 -1.04 -15.94
C HIS A 579 -35.17 -2.25 -15.39
N LEU A 580 -34.62 -2.14 -14.18
CA LEU A 580 -33.94 -3.28 -13.58
C LEU A 580 -34.89 -4.46 -13.45
N MET A 581 -36.10 -4.21 -12.94
CA MET A 581 -37.08 -5.29 -12.81
C MET A 581 -37.50 -5.81 -14.17
N ASP A 582 -37.71 -4.93 -15.14
CA ASP A 582 -38.10 -5.38 -16.46
C ASP A 582 -37.05 -6.32 -17.06
N LEU A 583 -35.77 -6.02 -16.82
CA LEU A 583 -34.71 -6.87 -17.35
C LEU A 583 -34.58 -8.17 -16.56
N LEU A 584 -34.72 -8.12 -15.24
CA LEU A 584 -34.43 -9.28 -14.40
C LEU A 584 -35.64 -10.15 -14.10
N LYS A 585 -36.84 -9.78 -14.57
CA LYS A 585 -38.01 -10.61 -14.33
C LYS A 585 -37.84 -12.02 -14.89
N PRO A 586 -37.39 -12.22 -16.13
CA PRO A 586 -37.30 -13.58 -16.65
C PRO A 586 -36.24 -14.44 -15.98
N GLU A 587 -35.53 -13.91 -14.98
CA GLU A 587 -34.40 -14.63 -14.40
C GLU A 587 -34.57 -14.88 -12.91
N LEU A 588 -35.08 -13.91 -12.17
CA LEU A 588 -35.14 -14.00 -10.72
C LEU A 588 -36.29 -14.86 -10.23
N VAL A 589 -37.18 -15.30 -11.12
CA VAL A 589 -38.28 -16.17 -10.69
C VAL A 589 -37.75 -17.48 -10.14
N ARG A 590 -36.77 -18.08 -10.82
CA ARG A 590 -36.23 -19.35 -10.39
C ARG A 590 -35.32 -19.15 -9.17
N PRO A 591 -35.01 -20.23 -8.44
CA PRO A 591 -34.15 -20.10 -7.26
C PRO A 591 -32.89 -19.30 -7.57
N ALA A 592 -32.33 -18.70 -6.51
CA ALA A 592 -31.18 -17.81 -6.64
C ALA A 592 -29.90 -18.53 -7.07
N THR A 593 -29.89 -19.86 -7.06
CA THR A 593 -28.67 -20.61 -7.41
C THR A 593 -28.25 -20.41 -8.85
N THR A 594 -28.97 -19.64 -9.67
CA THR A 594 -28.62 -19.48 -11.07
C THR A 594 -28.60 -18.01 -11.49
N LEU A 595 -28.00 -17.15 -10.66
CA LEU A 595 -27.88 -15.74 -10.98
C LEU A 595 -26.45 -15.44 -11.46
N TYR A 596 -26.30 -14.29 -12.12
CA TYR A 596 -25.01 -13.90 -12.68
C TYR A 596 -24.87 -12.38 -12.65
N GLN A 597 -23.77 -11.92 -12.06
CA GLN A 597 -23.53 -10.49 -11.93
C GLN A 597 -23.35 -9.81 -13.28
N HIS A 598 -22.62 -10.44 -14.20
CA HIS A 598 -22.28 -9.77 -15.46
C HIS A 598 -23.52 -9.27 -16.17
N ASN A 599 -24.60 -10.05 -16.14
CA ASN A 599 -25.85 -9.59 -16.73
C ASN A 599 -26.35 -8.35 -16.01
N LEU A 600 -26.25 -8.33 -14.68
CA LEU A 600 -26.70 -7.17 -13.92
C LEU A 600 -25.92 -5.93 -14.32
N THR A 601 -24.60 -6.06 -14.42
CA THR A 601 -23.77 -4.93 -14.81
C THR A 601 -24.13 -4.45 -16.22
N GLY A 602 -24.29 -5.38 -17.15
CA GLY A 602 -24.63 -4.99 -18.51
C GLY A 602 -25.97 -4.28 -18.59
N ILE A 603 -26.98 -4.81 -17.90
CA ILE A 603 -28.30 -4.21 -17.99
C ILE A 603 -28.33 -2.84 -17.31
N LEU A 604 -27.64 -2.69 -16.18
CA LEU A 604 -27.63 -1.39 -15.52
C LEU A 604 -26.86 -0.37 -16.36
N GLU A 605 -25.77 -0.79 -17.03
CA GLU A 605 -25.08 0.11 -17.93
C GLU A 605 -25.97 0.51 -19.09
N THR A 606 -26.72 -0.44 -19.66
CA THR A 606 -27.63 -0.12 -20.75
C THR A 606 -28.72 0.85 -20.29
N ALA A 607 -29.26 0.63 -19.09
CA ALA A 607 -30.27 1.54 -18.56
C ALA A 607 -29.69 2.94 -18.38
N VAL A 608 -28.47 3.03 -17.85
CA VAL A 608 -27.83 4.33 -17.70
C VAL A 608 -27.69 5.00 -19.06
N ARG A 609 -27.27 4.24 -20.07
CA ARG A 609 -27.13 4.80 -21.42
C ARG A 609 -28.46 5.10 -22.09
N ALA A 610 -29.56 4.56 -21.56
CA ALA A 610 -30.88 4.72 -22.16
C ALA A 610 -31.84 5.55 -21.33
N THR A 611 -31.84 5.37 -20.01
CA THR A 611 -32.75 6.11 -19.15
C THR A 611 -32.40 7.60 -19.18
N ASN A 612 -33.22 8.39 -18.50
CA ASN A 612 -32.97 9.82 -18.35
C ASN A 612 -31.87 10.12 -17.34
N ALA A 613 -31.18 9.09 -16.83
CA ALA A 613 -30.13 9.25 -15.83
C ALA A 613 -28.74 9.24 -16.45
N GLN A 614 -28.62 9.64 -17.73
CA GLN A 614 -27.32 9.70 -18.37
C GLN A 614 -26.44 10.79 -17.78
N PHE A 615 -27.04 11.82 -17.18
CA PHE A 615 -26.27 12.92 -16.62
C PHE A 615 -25.44 12.52 -15.42
N ASP A 616 -25.67 11.33 -14.86
CA ASP A 616 -24.94 10.90 -13.67
C ASP A 616 -23.44 10.91 -13.93
N SER A 617 -22.68 11.39 -12.96
CA SER A 617 -21.24 11.41 -13.09
C SER A 617 -20.72 9.99 -13.29
N PRO A 618 -19.92 9.73 -14.34
CA PRO A 618 -19.39 8.37 -14.51
C PRO A 618 -18.58 7.89 -13.32
N GLU A 619 -17.87 8.80 -12.63
CA GLU A 619 -17.12 8.40 -11.46
C GLU A 619 -18.03 7.81 -10.40
N ILE A 620 -19.14 8.48 -10.11
CA ILE A 620 -20.10 7.95 -9.13
C ILE A 620 -20.73 6.67 -9.66
N LEU A 621 -21.07 6.63 -10.95
CA LEU A 621 -21.67 5.44 -11.52
C LEU A 621 -20.78 4.22 -11.34
N LYS A 622 -19.47 4.40 -11.51
CA LYS A 622 -18.55 3.27 -11.43
C LYS A 622 -18.60 2.61 -10.05
N ARG A 623 -18.63 3.41 -8.99
CA ARG A 623 -18.55 2.88 -7.64
C ARG A 623 -19.77 2.07 -7.25
N LEU A 624 -20.87 2.16 -8.00
CA LEU A 624 -22.05 1.37 -7.71
C LEU A 624 -21.83 -0.08 -8.14
N ASP A 625 -22.48 -1.00 -7.44
CA ASP A 625 -22.35 -2.43 -7.73
C ASP A 625 -23.57 -3.15 -7.19
N VAL A 626 -23.49 -4.48 -7.14
CA VAL A 626 -24.56 -5.34 -6.66
C VAL A 626 -24.01 -6.21 -5.55
N ARG A 627 -24.85 -6.55 -4.58
CA ARG A 627 -24.43 -7.25 -3.37
C ARG A 627 -25.20 -8.55 -3.21
N LEU A 628 -24.50 -9.59 -2.79
CA LEU A 628 -25.10 -10.90 -2.51
C LEU A 628 -24.87 -11.26 -1.05
N LEU A 629 -25.92 -11.71 -0.38
CA LEU A 629 -25.83 -12.14 1.01
C LEU A 629 -25.48 -13.62 1.11
N GLU A 630 -26.31 -14.47 0.53
CA GLU A 630 -26.09 -15.92 0.58
C GLU A 630 -26.90 -16.56 -0.54
N VAL A 631 -26.58 -17.81 -0.84
CA VAL A 631 -27.28 -18.59 -1.84
C VAL A 631 -28.26 -19.51 -1.12
N SER A 632 -29.55 -19.24 -1.28
CA SER A 632 -30.61 -20.01 -0.63
C SER A 632 -31.51 -20.62 -1.70
N PRO A 633 -31.30 -21.88 -2.09
CA PRO A 633 -32.18 -22.48 -3.11
C PRO A 633 -33.63 -22.55 -2.70
N GLY A 634 -33.93 -22.51 -1.41
CA GLY A 634 -35.30 -22.52 -0.93
C GLY A 634 -36.03 -21.21 -1.08
N ASP A 635 -35.38 -20.20 -1.66
CA ASP A 635 -35.98 -18.88 -1.86
C ASP A 635 -35.84 -18.49 -3.32
N THR A 636 -36.78 -17.68 -3.79
CA THR A 636 -36.72 -17.19 -5.17
C THR A 636 -35.57 -16.21 -5.32
N GLY A 637 -35.16 -16.00 -6.57
CA GLY A 637 -34.04 -15.12 -6.84
C GLY A 637 -34.25 -13.71 -6.31
N TRP A 638 -35.48 -13.19 -6.42
CA TRP A 638 -35.76 -11.84 -5.97
C TRP A 638 -35.44 -11.64 -4.49
N ASP A 639 -35.53 -12.69 -3.69
CA ASP A 639 -35.45 -12.52 -2.24
C ASP A 639 -34.08 -12.01 -1.81
N VAL A 640 -33.02 -12.79 -2.08
CA VAL A 640 -31.70 -12.46 -1.57
C VAL A 640 -30.98 -11.41 -2.41
N PHE A 641 -31.47 -11.14 -3.62
CA PHE A 641 -30.86 -10.12 -4.46
C PHE A 641 -30.89 -8.77 -3.75
N SER A 642 -29.76 -8.06 -3.80
CA SER A 642 -29.64 -6.78 -3.10
C SER A 642 -28.64 -5.91 -3.87
N LEU A 643 -28.21 -4.82 -3.23
CA LEU A 643 -27.24 -3.91 -3.81
C LEU A 643 -26.30 -3.42 -2.72
N ASP A 644 -25.26 -2.69 -3.12
CA ASP A 644 -24.33 -2.08 -2.20
C ASP A 644 -23.54 -1.01 -2.94
N TYR A 645 -22.93 -0.11 -2.18
CA TYR A 645 -22.12 0.96 -2.74
C TYR A 645 -20.75 0.93 -2.06
N HIS A 646 -19.69 0.83 -2.86
CA HIS A 646 -18.35 0.77 -2.32
C HIS A 646 -17.96 2.11 -1.70
N VAL A 647 -17.15 2.03 -0.64
CA VAL A 647 -16.63 3.21 0.03
C VAL A 647 -15.12 3.04 0.16
N ASP A 648 -14.40 4.17 0.21
CA ASP A 648 -12.96 4.14 0.27
C ASP A 648 -12.43 5.48 0.76
N GLY A 649 -11.24 5.45 1.33
CA GLY A 649 -10.58 6.65 1.80
C GLY A 649 -11.42 7.43 2.79
N PRO A 650 -11.51 8.75 2.60
CA PRO A 650 -12.32 9.54 3.54
C PRO A 650 -13.77 9.11 3.59
N ILE A 651 -14.32 8.70 2.44
CA ILE A 651 -15.71 8.26 2.40
C ILE A 651 -15.90 7.04 3.30
N ALA A 652 -14.97 6.08 3.22
CA ALA A 652 -15.03 4.92 4.10
C ALA A 652 -14.89 5.32 5.55
N THR A 653 -13.97 6.25 5.85
CA THR A 653 -13.77 6.68 7.22
C THR A 653 -15.02 7.31 7.80
N VAL A 654 -15.77 8.05 6.98
CA VAL A 654 -16.98 8.70 7.48
C VAL A 654 -18.20 7.79 7.40
N PHE A 655 -18.15 6.71 6.63
CA PHE A 655 -19.24 5.74 6.53
C PHE A 655 -18.81 4.46 7.23
N THR A 656 -19.26 4.30 8.47
CA THR A 656 -18.96 3.09 9.22
C THR A 656 -19.78 1.91 8.69
N ARG A 657 -19.20 0.72 8.81
CA ARG A 657 -19.87 -0.48 8.30
C ARG A 657 -21.24 -0.68 8.95
N GLU A 658 -21.41 -0.21 10.19
CA GLU A 658 -22.69 -0.38 10.87
C GLU A 658 -23.79 0.45 10.20
N CYS A 659 -23.48 1.71 9.86
CA CYS A 659 -24.45 2.52 9.14
C CYS A 659 -24.79 1.91 7.80
N MET A 660 -23.77 1.39 7.10
CA MET A 660 -24.02 0.73 5.82
C MET A 660 -24.94 -0.47 6.00
N SER A 661 -24.73 -1.25 7.06
CA SER A 661 -25.60 -2.39 7.31
C SER A 661 -27.03 -1.96 7.57
N HIS A 662 -27.21 -0.88 8.35
CA HIS A 662 -28.56 -0.38 8.59
C HIS A 662 -29.22 0.08 7.30
N TYR A 663 -28.47 0.79 6.45
CA TYR A 663 -29.00 1.19 5.16
C TYR A 663 -29.35 -0.02 4.31
N LEU A 664 -28.54 -1.08 4.39
CA LEU A 664 -28.85 -2.29 3.64
C LEU A 664 -30.16 -2.91 4.11
N ARG A 665 -30.38 -2.94 5.43
CA ARG A 665 -31.64 -3.47 5.94
C ARG A 665 -32.83 -2.63 5.46
N ALA A 666 -32.69 -1.31 5.52
CA ALA A 666 -33.75 -0.44 5.02
C ALA A 666 -34.00 -0.69 3.54
N PHE A 667 -32.93 -0.86 2.77
CA PHE A 667 -33.08 -1.16 1.35
C PHE A 667 -33.76 -2.50 1.14
N ASN A 668 -33.49 -3.47 2.02
CA ASN A 668 -34.16 -4.77 1.91
C ASN A 668 -35.66 -4.59 2.06
N PHE A 669 -36.09 -3.87 3.10
CA PHE A 669 -37.52 -3.66 3.28
C PHE A 669 -38.12 -2.90 2.10
N LEU A 670 -37.45 -1.84 1.66
CA LEU A 670 -37.98 -1.05 0.55
C LEU A 670 -38.03 -1.87 -0.73
N TRP A 671 -37.07 -2.77 -0.93
CA TRP A 671 -37.07 -3.64 -2.09
C TRP A 671 -38.21 -4.64 -2.02
N ARG A 672 -38.53 -5.14 -0.83
CA ARG A 672 -39.71 -5.98 -0.70
C ARG A 672 -40.97 -5.22 -1.09
N ALA A 673 -41.09 -3.97 -0.63
CA ALA A 673 -42.24 -3.16 -1.00
C ALA A 673 -42.32 -2.96 -2.50
N LYS A 674 -41.18 -2.63 -3.12
CA LYS A 674 -41.15 -2.45 -4.57
C LYS A 674 -41.51 -3.76 -5.28
N ARG A 675 -41.04 -4.88 -4.75
CA ARG A 675 -41.37 -6.18 -5.31
C ARG A 675 -42.86 -6.39 -5.34
N VAL A 676 -43.53 -6.14 -4.20
CA VAL A 676 -44.97 -6.41 -4.15
C VAL A 676 -45.71 -5.46 -5.08
N GLU A 677 -45.31 -4.19 -5.14
CA GLU A 677 -46.01 -3.26 -6.02
C GLU A 677 -45.83 -3.65 -7.49
N TYR A 678 -44.60 -4.04 -7.86
CA TYR A 678 -44.38 -4.51 -9.23
C TYR A 678 -45.21 -5.75 -9.51
N ILE A 679 -45.30 -6.66 -8.56
CA ILE A 679 -46.09 -7.87 -8.75
C ILE A 679 -47.54 -7.50 -9.03
N LEU A 680 -48.10 -6.59 -8.24
CA LEU A 680 -49.50 -6.22 -8.42
C LEU A 680 -49.71 -5.56 -9.79
N THR A 681 -48.79 -4.65 -10.18
CA THR A 681 -48.93 -4.02 -11.48
C THR A 681 -48.85 -5.04 -12.61
N ASP A 682 -47.90 -5.97 -12.51
CA ASP A 682 -47.75 -6.99 -13.54
C ASP A 682 -49.01 -7.84 -13.63
N ILE A 683 -49.57 -8.22 -12.48
CA ILE A 683 -50.77 -9.05 -12.49
C ILE A 683 -51.94 -8.29 -13.09
N ARG A 684 -52.06 -7.00 -12.80
CA ARG A 684 -53.16 -6.23 -13.37
C ARG A 684 -53.03 -6.14 -14.89
N LYS A 685 -51.82 -5.87 -15.39
CA LYS A 685 -51.67 -5.80 -16.84
C LYS A 685 -51.88 -7.18 -17.48
N GLY A 686 -51.45 -8.25 -16.81
CA GLY A 686 -51.74 -9.58 -17.32
C GLY A 686 -53.23 -9.85 -17.38
N HIS A 687 -53.98 -9.36 -16.38
CA HIS A 687 -55.43 -9.42 -16.46
C HIS A 687 -55.93 -8.71 -17.70
N MET A 688 -55.53 -7.45 -17.86
CA MET A 688 -56.03 -6.66 -18.99
C MET A 688 -55.75 -7.36 -20.31
N CYS A 689 -54.60 -8.04 -20.42
CA CYS A 689 -54.28 -8.74 -21.65
C CYS A 689 -55.10 -10.02 -21.80
N ASN A 690 -54.92 -10.96 -20.87
CA ASN A 690 -55.51 -12.30 -21.05
C ASN A 690 -57.03 -12.26 -20.98
N ALA A 691 -57.60 -11.65 -19.94
CA ALA A 691 -59.05 -11.67 -19.80
C ALA A 691 -59.72 -11.06 -21.02
N ARG A 692 -59.26 -9.88 -21.46
CA ARG A 692 -59.82 -9.29 -22.68
C ARG A 692 -59.56 -10.17 -23.89
N LEU A 693 -58.45 -10.92 -23.89
CA LEU A 693 -58.17 -11.86 -24.97
C LEU A 693 -58.86 -13.20 -24.78
N LEU A 694 -59.41 -13.47 -23.59
CA LEU A 694 -60.06 -14.75 -23.30
C LEU A 694 -61.42 -14.51 -22.65
N ARG A 695 -62.20 -13.59 -23.21
CA ARG A 695 -63.59 -13.39 -22.80
C ARG A 695 -64.49 -13.84 -23.94
N SER A 696 -64.79 -15.14 -23.95
CA SER A 696 -65.69 -15.71 -24.95
C SER A 696 -66.61 -16.78 -24.36
N MET A 697 -66.46 -17.13 -23.09
CA MET A 697 -67.28 -18.14 -22.43
C MET A 697 -67.67 -17.63 -21.05
N PRO A 698 -68.80 -18.09 -20.50
CA PRO A 698 -69.16 -17.70 -19.14
C PRO A 698 -68.47 -18.51 -18.05
N GLU A 699 -67.58 -19.45 -18.42
CA GLU A 699 -66.96 -20.31 -17.43
C GLU A 699 -66.05 -19.51 -16.49
N PHE A 700 -65.28 -18.58 -17.04
CA PHE A 700 -64.31 -17.82 -16.26
C PHE A 700 -64.88 -16.56 -15.63
N SER A 701 -66.16 -16.27 -15.84
CA SER A 701 -66.72 -15.01 -15.36
C SER A 701 -66.51 -14.85 -13.85
N GLY A 702 -66.93 -15.84 -13.07
CA GLY A 702 -66.84 -15.72 -11.63
C GLY A 702 -65.41 -15.58 -11.15
N VAL A 703 -64.53 -16.45 -11.65
CA VAL A 703 -63.13 -16.43 -11.22
C VAL A 703 -62.49 -15.10 -11.59
N LEU A 704 -62.73 -14.63 -12.82
CA LEU A 704 -62.10 -13.40 -13.26
C LEU A 704 -62.60 -12.19 -12.47
N HIS A 705 -63.91 -12.13 -12.20
CA HIS A 705 -64.43 -11.00 -11.44
C HIS A 705 -63.90 -11.04 -10.00
N HIS A 706 -63.83 -12.22 -9.40
CA HIS A 706 -63.26 -12.32 -8.06
C HIS A 706 -61.80 -11.89 -8.05
N CYS A 707 -61.04 -12.29 -9.06
CA CYS A 707 -59.64 -11.90 -9.16
C CYS A 707 -59.52 -10.39 -9.32
N HIS A 708 -60.38 -9.80 -10.14
CA HIS A 708 -60.37 -8.35 -10.29
C HIS A 708 -60.61 -7.66 -8.95
N ILE A 709 -61.60 -8.15 -8.19
CA ILE A 709 -61.91 -7.51 -6.91
C ILE A 709 -60.71 -7.61 -5.97
N LEU A 710 -60.15 -8.81 -5.82
CA LEU A 710 -59.05 -8.97 -4.88
C LEU A 710 -57.83 -8.19 -5.33
N ALA A 711 -57.58 -8.14 -6.64
CA ALA A 711 -56.46 -7.36 -7.15
C ALA A 711 -56.66 -5.88 -6.86
N SER A 712 -57.89 -5.38 -7.01
CA SER A 712 -58.17 -3.99 -6.69
C SER A 712 -57.88 -3.71 -5.22
N GLU A 713 -58.32 -4.60 -4.34
CA GLU A 713 -58.06 -4.40 -2.92
C GLU A 713 -56.55 -4.38 -2.65
N MET A 714 -55.83 -5.35 -3.22
CA MET A 714 -54.39 -5.43 -2.99
C MET A 714 -53.68 -4.18 -3.49
N VAL A 715 -54.02 -3.73 -4.70
CA VAL A 715 -53.35 -2.56 -5.26
C VAL A 715 -53.68 -1.32 -4.45
N HIS A 716 -54.92 -1.20 -3.97
CA HIS A 716 -55.25 -0.09 -3.08
C HIS A 716 -54.33 -0.06 -1.86
N PHE A 717 -54.23 -1.20 -1.17
CA PHE A 717 -53.41 -1.24 0.03
C PHE A 717 -51.95 -0.92 -0.29
N ILE A 718 -51.41 -1.55 -1.32
CA ILE A 718 -50.00 -1.36 -1.65
C ILE A 718 -49.73 0.08 -2.07
N HIS A 719 -50.63 0.66 -2.86
CA HIS A 719 -50.44 2.04 -3.30
C HIS A 719 -50.46 3.00 -2.12
N GLN A 720 -51.39 2.80 -1.18
CA GLN A 720 -51.41 3.66 0.00
C GLN A 720 -50.12 3.51 0.80
N MET A 721 -49.65 2.28 0.99
CA MET A 721 -48.43 2.08 1.76
C MET A 721 -47.23 2.73 1.07
N GLN A 722 -47.16 2.60 -0.26
CA GLN A 722 -46.07 3.23 -0.99
C GLN A 722 -46.14 4.74 -0.90
N TYR A 723 -47.35 5.31 -0.98
CA TYR A 723 -47.49 6.75 -0.78
C TYR A 723 -46.92 7.16 0.57
N TYR A 724 -47.30 6.44 1.62
CA TYR A 724 -46.83 6.78 2.96
C TYR A 724 -45.31 6.70 3.04
N VAL A 725 -44.74 5.59 2.55
CA VAL A 725 -43.30 5.41 2.70
C VAL A 725 -42.54 6.44 1.88
N THR A 726 -43.05 6.82 0.71
CA THR A 726 -42.37 7.79 -0.12
C THR A 726 -42.45 9.19 0.46
N PHE A 727 -43.61 9.60 0.96
CA PHE A 727 -43.75 10.95 1.50
C PHE A 727 -43.45 11.03 2.99
N GLU A 728 -42.95 9.96 3.61
CA GLU A 728 -42.50 10.00 4.99
C GLU A 728 -40.98 9.92 5.09
N VAL A 729 -40.38 8.88 4.52
CA VAL A 729 -38.95 8.65 4.69
C VAL A 729 -38.14 9.39 3.63
N LEU A 730 -38.55 9.27 2.36
CA LEU A 730 -37.74 9.82 1.28
C LEU A 730 -37.56 11.33 1.42
N GLU A 731 -38.62 12.05 1.78
CA GLU A 731 -38.57 13.51 1.78
C GLU A 731 -38.22 14.07 3.16
N CYS A 732 -39.06 13.78 4.17
CA CYS A 732 -38.95 14.50 5.44
C CYS A 732 -37.54 14.40 6.02
N SER A 733 -37.10 13.18 6.33
CA SER A 733 -35.80 13.01 6.98
C SER A 733 -34.68 13.49 6.08
N TRP A 734 -34.71 13.11 4.80
CA TRP A 734 -33.65 13.53 3.89
C TRP A 734 -33.67 15.05 3.68
N ASP A 735 -34.86 15.63 3.55
CA ASP A 735 -34.93 17.08 3.35
C ASP A 735 -34.37 17.82 4.55
N GLU A 736 -34.77 17.41 5.76
CA GLU A 736 -34.25 18.10 6.94
C GLU A 736 -32.75 17.88 7.09
N LEU A 737 -32.25 16.68 6.75
CA LEU A 737 -30.81 16.45 6.81
C LEU A 737 -30.07 17.36 5.85
N TRP A 738 -30.57 17.49 4.61
CA TRP A 738 -29.93 18.35 3.64
C TRP A 738 -29.94 19.79 4.11
N ASN A 739 -31.09 20.26 4.60
CA ASN A 739 -31.17 21.64 5.08
C ASN A 739 -30.19 21.88 6.22
N ARG A 740 -30.10 20.92 7.15
CA ARG A 740 -29.21 21.08 8.29
C ARG A 740 -27.75 21.08 7.86
N VAL A 741 -27.38 20.22 6.91
CA VAL A 741 -25.99 20.19 6.47
C VAL A 741 -25.61 21.42 5.65
N GLN A 742 -26.55 22.00 4.89
CA GLN A 742 -26.22 23.17 4.09
C GLN A 742 -25.62 24.30 4.94
N ARG A 743 -26.10 24.48 6.17
CA ARG A 743 -25.52 25.45 7.09
C ARG A 743 -24.47 24.84 8.00
N ALA A 744 -24.28 23.52 7.96
CA ALA A 744 -23.24 22.88 8.74
C ALA A 744 -21.86 23.29 8.25
N GLN A 745 -20.91 23.34 9.18
CA GLN A 745 -19.55 23.76 8.83
C GLN A 745 -18.49 22.91 9.52
N ASP A 746 -18.83 21.72 9.99
CA ASP A 746 -17.87 20.86 10.67
C ASP A 746 -18.12 19.41 10.32
N LEU A 747 -17.04 18.63 10.30
CA LEU A 747 -17.15 17.19 10.06
C LEU A 747 -17.94 16.52 11.18
N ASP A 748 -17.71 16.94 12.43
CA ASP A 748 -18.48 16.40 13.53
C ASP A 748 -19.97 16.63 13.32
N HIS A 749 -20.33 17.81 12.85
CA HIS A 749 -21.73 18.09 12.54
C HIS A 749 -22.25 17.13 11.47
N ILE A 750 -21.45 16.88 10.44
CA ILE A 750 -21.89 16.01 9.35
C ILE A 750 -22.14 14.60 9.86
N ILE A 751 -21.20 14.07 10.65
CA ILE A 751 -21.36 12.70 11.15
C ILE A 751 -22.55 12.62 12.09
N ALA A 752 -22.71 13.61 12.98
CA ALA A 752 -23.85 13.60 13.89
C ALA A 752 -25.15 13.65 13.12
N ALA A 753 -25.24 14.50 12.09
CA ALA A 753 -26.44 14.61 11.29
C ALA A 753 -26.75 13.30 10.58
N HIS A 754 -25.72 12.67 10.01
CA HIS A 754 -25.94 11.42 9.28
C HIS A 754 -26.42 10.32 10.22
N GLU A 755 -25.79 10.18 11.39
CA GLU A 755 -26.23 9.15 12.33
C GLU A 755 -27.63 9.43 12.85
N ALA A 756 -27.96 10.70 13.10
CA ALA A 756 -29.31 11.03 13.55
C ALA A 756 -30.34 10.71 12.45
N PHE A 757 -30.00 11.02 11.20
CA PHE A 757 -30.90 10.70 10.09
C PHE A 757 -31.11 9.19 9.99
N LEU A 758 -30.03 8.42 10.12
CA LEU A 758 -30.17 6.97 10.07
C LEU A 758 -31.05 6.47 11.21
N GLY A 759 -30.85 7.02 12.41
CA GLY A 759 -31.69 6.63 13.54
C GLY A 759 -33.16 6.96 13.30
N THR A 760 -33.43 8.15 12.77
CA THR A 760 -34.81 8.51 12.47
C THR A 760 -35.42 7.57 11.44
N VAL A 761 -34.68 7.27 10.38
CA VAL A 761 -35.22 6.40 9.34
C VAL A 761 -35.50 5.02 9.90
N ILE A 762 -34.57 4.45 10.66
CA ILE A 762 -34.77 3.11 11.20
C ILE A 762 -35.93 3.11 12.18
N SER A 763 -36.06 4.15 13.01
CA SER A 763 -37.18 4.21 13.95
C SER A 763 -38.51 4.28 13.22
N ARG A 764 -38.58 5.09 12.17
CA ARG A 764 -39.80 5.22 11.38
C ARG A 764 -39.98 4.11 10.37
N CYS A 765 -39.00 3.23 10.23
CA CYS A 765 -39.08 2.08 9.32
C CYS A 765 -39.63 0.83 10.01
N LEU A 766 -40.10 0.97 11.25
CA LEU A 766 -40.66 -0.14 12.01
C LEU A 766 -39.62 -1.21 12.34
N LEU A 767 -38.33 -0.90 12.16
CA LEU A 767 -37.26 -1.85 12.40
C LEU A 767 -36.80 -1.86 13.86
N ASP A 768 -37.34 -0.99 14.70
CA ASP A 768 -36.97 -0.99 16.10
C ASP A 768 -37.51 -2.23 16.80
N SER A 769 -36.91 -2.56 17.94
CA SER A 769 -37.30 -3.74 18.69
C SER A 769 -38.70 -3.64 19.28
N ASP A 770 -39.31 -2.46 19.27
CA ASP A 770 -40.65 -2.27 19.81
C ASP A 770 -41.74 -2.40 18.76
N SER A 771 -41.38 -2.67 17.50
CA SER A 771 -42.33 -2.80 16.41
C SER A 771 -42.19 -4.16 15.73
N ARG A 772 -41.88 -5.19 16.51
CA ARG A 772 -41.68 -6.52 15.95
C ARG A 772 -42.99 -7.07 15.39
N ALA A 773 -44.08 -6.94 16.15
CA ALA A 773 -45.35 -7.52 15.72
C ALA A 773 -45.82 -6.89 14.41
N LEU A 774 -45.70 -5.57 14.29
CA LEU A 774 -46.14 -4.89 13.07
C LEU A 774 -45.36 -5.39 11.86
N LEU A 775 -44.05 -5.48 11.99
CA LEU A 775 -43.22 -5.96 10.88
C LEU A 775 -43.58 -7.41 10.54
N ASN A 776 -43.79 -8.25 11.55
CA ASN A 776 -44.11 -9.64 11.29
C ASN A 776 -45.43 -9.76 10.54
N GLN A 777 -46.44 -9.01 10.95
CA GLN A 777 -47.73 -9.09 10.25
C GLN A 777 -47.65 -8.50 8.85
N LEU A 778 -46.86 -7.44 8.67
CA LEU A 778 -46.67 -6.91 7.32
C LEU A 778 -45.98 -7.93 6.42
N ARG A 779 -44.98 -8.63 6.96
CA ARG A 779 -44.34 -9.69 6.20
C ARG A 779 -45.32 -10.81 5.86
N ALA A 780 -46.21 -11.13 6.81
CA ALA A 780 -47.24 -12.13 6.53
C ALA A 780 -48.15 -11.66 5.39
N VAL A 781 -48.51 -10.38 5.39
CA VAL A 781 -49.31 -9.84 4.29
C VAL A 781 -48.56 -10.01 2.97
N PHE A 782 -47.28 -9.69 2.96
CA PHE A 782 -46.49 -9.85 1.74
C PHE A 782 -46.46 -11.31 1.30
N ASP A 783 -46.32 -12.23 2.25
CA ASP A 783 -46.31 -13.65 1.91
C ASP A 783 -47.64 -14.07 1.29
N GLN A 784 -48.75 -13.60 1.85
CA GLN A 784 -50.05 -13.93 1.26
C GLN A 784 -50.18 -13.33 -0.14
N ILE A 785 -49.66 -12.12 -0.33
CA ILE A 785 -49.70 -11.50 -1.65
C ILE A 785 -48.96 -12.35 -2.68
N ILE A 786 -47.75 -12.79 -2.32
CA ILE A 786 -46.97 -13.59 -3.27
C ILE A 786 -47.64 -14.94 -3.51
N GLU A 787 -48.24 -15.52 -2.46
CA GLU A 787 -48.94 -16.79 -2.63
C GLU A 787 -50.11 -16.66 -3.59
N LEU A 788 -50.91 -15.60 -3.44
CA LEU A 788 -52.03 -15.42 -4.35
C LEU A 788 -51.53 -15.10 -5.76
N GLN A 789 -50.39 -14.42 -5.88
CA GLN A 789 -49.80 -14.22 -7.20
C GLN A 789 -49.46 -15.56 -7.84
N ASN A 790 -48.85 -16.46 -7.07
CA ASN A 790 -48.53 -17.78 -7.60
C ASN A 790 -49.79 -18.54 -8.00
N THR A 791 -50.83 -18.46 -7.18
CA THR A 791 -52.09 -19.12 -7.51
C THR A 791 -52.65 -18.57 -8.82
N GLN A 792 -52.63 -17.26 -8.99
CA GLN A 792 -53.16 -16.66 -10.21
C GLN A 792 -52.30 -17.06 -11.40
N ASP A 793 -50.99 -17.20 -11.21
CA ASP A 793 -50.14 -17.68 -12.28
C ASP A 793 -50.51 -19.10 -12.69
N ALA A 794 -50.80 -19.95 -11.70
CA ALA A 794 -51.26 -21.30 -12.01
C ALA A 794 -52.56 -21.28 -12.79
N ILE A 795 -53.49 -20.41 -12.39
CA ILE A 795 -54.77 -20.32 -13.11
C ILE A 795 -54.52 -19.83 -14.54
N TYR A 796 -53.60 -18.89 -14.71
CA TYR A 796 -53.23 -18.44 -16.05
C TYR A 796 -52.69 -19.58 -16.88
N ARG A 797 -51.82 -20.41 -16.29
CA ARG A 797 -51.28 -21.55 -17.02
C ARG A 797 -52.39 -22.50 -17.44
N ALA A 798 -53.33 -22.78 -16.53
CA ALA A 798 -54.45 -23.66 -16.86
C ALA A 798 -55.28 -23.09 -18.00
N ALA A 799 -55.56 -21.78 -17.94
CA ALA A 799 -56.35 -21.15 -19.00
C ALA A 799 -55.62 -21.22 -20.34
N LEU A 800 -54.31 -20.97 -20.34
CA LEU A 800 -53.54 -21.06 -21.58
C LEU A 800 -53.56 -22.47 -22.15
N GLU A 801 -53.41 -23.48 -21.28
CA GLU A 801 -53.46 -24.86 -21.75
C GLU A 801 -54.83 -25.19 -22.35
N GLU A 802 -55.90 -24.74 -21.69
CA GLU A 802 -57.24 -24.98 -22.23
C GLU A 802 -57.43 -24.29 -23.57
N LEU A 803 -56.94 -23.06 -23.69
CA LEU A 803 -57.03 -22.36 -24.98
C LEU A 803 -56.29 -23.11 -26.07
N GLN A 804 -55.07 -23.58 -25.76
CA GLN A 804 -54.30 -24.33 -26.75
C GLN A 804 -55.04 -25.59 -27.16
N ARG A 805 -55.59 -26.32 -26.19
CA ARG A 805 -56.32 -27.55 -26.51
C ARG A 805 -57.53 -27.25 -27.38
N ARG A 806 -58.29 -26.20 -27.04
CA ARG A 806 -59.49 -25.88 -27.80
C ARG A 806 -59.15 -25.47 -29.23
N LEU A 807 -58.14 -24.62 -29.41
CA LEU A 807 -57.78 -24.21 -30.76
C LEU A 807 -57.22 -25.39 -31.56
N GLN A 808 -56.48 -26.28 -30.90
CA GLN A 808 -55.99 -27.47 -31.58
C GLN A 808 -57.15 -28.35 -32.03
N PHE A 809 -58.16 -28.51 -31.17
CA PHE A 809 -59.32 -29.31 -31.55
C PHE A 809 -60.07 -28.69 -32.72
N GLU A 810 -60.22 -27.36 -32.70
CA GLU A 810 -60.89 -26.70 -33.82
C GLU A 810 -60.11 -26.87 -35.11
N GLU A 811 -58.78 -26.75 -35.04
CA GLU A 811 -57.95 -26.94 -36.22
C GLU A 811 -58.07 -28.36 -36.75
N LYS A 812 -58.09 -29.35 -35.84
CA LYS A 812 -58.24 -30.73 -36.26
C LYS A 812 -59.59 -30.97 -36.90
N LYS A 813 -60.65 -30.35 -36.36
CA LYS A 813 -61.96 -30.46 -37.00
C LYS A 813 -61.95 -29.86 -38.39
N LYS A 814 -61.32 -28.70 -38.54
CA LYS A 814 -61.24 -28.07 -39.87
C LYS A 814 -60.49 -28.96 -40.85
N GLN A 815 -59.37 -29.55 -40.40
CA GLN A 815 -58.62 -30.42 -41.28
C GLN A 815 -59.41 -31.67 -41.64
N ARG A 816 -60.14 -32.24 -40.68
CA ARG A 816 -61.00 -33.38 -40.97
C ARG A 816 -62.05 -33.04 -42.00
N GLU A 817 -62.69 -31.88 -41.86
CA GLU A 817 -63.70 -31.48 -42.82
C GLU A 817 -63.10 -31.24 -44.20
N ALA A 818 -61.91 -30.64 -44.26
CA ALA A 818 -61.28 -30.29 -45.52
C ALA A 818 -60.60 -31.47 -46.21
N GLU A 819 -60.34 -32.56 -45.48
CA GLU A 819 -59.64 -33.71 -46.05
C GLU A 819 -60.59 -34.79 -46.56
N GLY A 820 -61.89 -34.54 -46.55
CA GLY A 820 -62.86 -35.50 -47.06
C GLY A 820 -63.61 -36.27 -46.00
N GLN A 821 -63.38 -36.00 -44.71
CA GLN A 821 -64.09 -36.65 -43.63
C GLN A 821 -65.10 -35.69 -43.03
N TRP A 822 -66.33 -36.15 -42.88
CA TRP A 822 -67.44 -35.32 -42.42
C TRP A 822 -67.85 -35.75 -41.01
N GLY A 823 -68.18 -34.78 -40.18
CA GLY A 823 -68.55 -35.06 -38.81
C GLY A 823 -67.35 -35.16 -37.89
N VAL A 824 -67.63 -35.56 -36.65
CA VAL A 824 -66.62 -35.70 -35.62
C VAL A 824 -66.50 -37.18 -35.26
N SER A 825 -65.27 -37.68 -35.23
CA SER A 825 -65.05 -39.07 -34.87
C SER A 825 -65.49 -39.33 -33.44
N ALA A 826 -65.90 -40.57 -33.17
CA ALA A 826 -66.38 -40.91 -31.84
C ALA A 826 -65.32 -40.67 -30.78
N ALA A 827 -64.08 -41.06 -31.06
CA ALA A 827 -62.99 -40.83 -30.11
C ALA A 827 -62.77 -39.33 -29.89
N GLU A 828 -62.81 -38.55 -30.97
CA GLU A 828 -62.62 -37.11 -30.85
C GLU A 828 -63.70 -36.48 -29.98
N GLU A 829 -64.96 -36.83 -30.23
CA GLU A 829 -66.05 -36.28 -29.43
C GLU A 829 -65.94 -36.72 -27.98
N GLU A 830 -65.59 -37.98 -27.75
CA GLU A 830 -65.43 -38.47 -26.38
C GLU A 830 -64.35 -37.70 -25.64
N GLN A 831 -63.19 -37.51 -26.29
CA GLN A 831 -62.11 -36.75 -25.66
C GLN A 831 -62.54 -35.32 -25.39
N GLU A 832 -63.22 -34.69 -26.36
CA GLU A 832 -63.68 -33.32 -26.17
C GLU A 832 -64.58 -33.20 -24.95
N LYS A 833 -65.62 -34.04 -24.89
CA LYS A 833 -66.55 -33.95 -23.77
C LYS A 833 -65.87 -34.26 -22.45
N ARG A 834 -65.00 -35.28 -22.43
CA ARG A 834 -64.29 -35.62 -21.21
C ARG A 834 -63.46 -34.44 -20.72
N ARG A 835 -62.68 -33.83 -21.62
CA ARG A 835 -61.81 -32.73 -21.24
C ARG A 835 -62.61 -31.54 -20.72
N VAL A 836 -63.65 -31.16 -21.47
CA VAL A 836 -64.43 -29.99 -21.06
C VAL A 836 -65.10 -30.25 -19.72
N GLN A 837 -65.68 -31.44 -19.54
CA GLN A 837 -66.37 -31.74 -18.29
C GLN A 837 -65.40 -31.76 -17.11
N GLU A 838 -64.23 -32.37 -17.29
CA GLU A 838 -63.28 -32.41 -16.18
C GLU A 838 -62.79 -31.01 -15.82
N PHE A 839 -62.52 -30.17 -16.83
CA PHE A 839 -62.10 -28.81 -16.51
C PHE A 839 -63.23 -28.05 -15.81
N GLN A 840 -64.47 -28.22 -16.27
CA GLN A 840 -65.58 -27.52 -15.65
C GLN A 840 -65.78 -27.95 -14.19
N GLU A 841 -65.66 -29.25 -13.92
CA GLU A 841 -65.81 -29.71 -12.55
C GLU A 841 -64.63 -29.28 -11.67
N SER A 842 -63.45 -29.10 -12.25
CA SER A 842 -62.32 -28.60 -11.48
C SER A 842 -62.44 -27.11 -11.20
N ILE A 843 -63.09 -26.36 -12.09
CA ILE A 843 -63.21 -24.90 -11.90
C ILE A 843 -63.75 -24.54 -10.52
N PRO A 844 -64.84 -25.14 -10.03
CA PRO A 844 -65.35 -24.74 -8.70
C PRO A 844 -64.33 -24.92 -7.60
N LYS A 845 -63.41 -25.88 -7.72
CA LYS A 845 -62.34 -25.99 -6.74
C LYS A 845 -61.46 -24.74 -6.77
N MET A 846 -61.15 -24.25 -7.97
CA MET A 846 -60.39 -23.00 -8.07
C MET A 846 -61.15 -21.84 -7.47
N CYS A 847 -62.46 -21.77 -7.71
CA CYS A 847 -63.26 -20.72 -7.11
C CYS A 847 -63.19 -20.79 -5.58
N SER A 848 -63.33 -22.00 -5.03
CA SER A 848 -63.34 -22.15 -3.58
C SER A 848 -61.99 -21.78 -2.98
N GLN A 849 -60.90 -22.19 -3.62
CA GLN A 849 -59.59 -21.85 -3.08
C GLN A 849 -59.32 -20.36 -3.19
N LEU A 850 -59.79 -19.70 -4.26
CA LEU A 850 -59.68 -18.25 -4.32
C LEU A 850 -60.47 -17.60 -3.20
N ARG A 851 -61.67 -18.11 -2.92
CA ARG A 851 -62.44 -17.60 -1.79
C ARG A 851 -61.67 -17.75 -0.49
N ILE A 852 -61.05 -18.91 -0.28
CA ILE A 852 -60.30 -19.17 0.95
C ILE A 852 -59.13 -18.21 1.07
N LEU A 853 -58.39 -18.02 -0.03
CA LEU A 853 -57.25 -17.09 0.01
C LEU A 853 -57.72 -15.67 0.28
N THR A 854 -58.84 -15.26 -0.32
CA THR A 854 -59.37 -13.94 -0.05
C THR A 854 -59.76 -13.79 1.43
N HIS A 855 -60.37 -14.82 2.00
CA HIS A 855 -60.72 -14.77 3.42
C HIS A 855 -59.46 -14.65 4.28
N PHE A 856 -58.42 -15.42 3.94
CA PHE A 856 -57.17 -15.34 4.69
C PHE A 856 -56.59 -13.93 4.62
N TYR A 857 -56.56 -13.35 3.42
CA TYR A 857 -56.03 -12.00 3.26
C TYR A 857 -56.86 -11.00 4.07
N GLN A 858 -58.18 -11.13 4.01
CA GLN A 858 -59.04 -10.22 4.76
C GLN A 858 -58.77 -10.31 6.25
N GLY A 859 -58.66 -11.53 6.78
CA GLY A 859 -58.36 -11.67 8.19
C GLY A 859 -57.00 -11.09 8.56
N VAL A 860 -56.00 -11.33 7.72
CA VAL A 860 -54.65 -10.83 8.01
C VAL A 860 -54.65 -9.30 8.02
N VAL A 861 -55.29 -8.68 7.03
CA VAL A 861 -55.29 -7.22 7.00
C VAL A 861 -56.12 -6.65 8.14
N GLN A 862 -57.22 -7.32 8.51
CA GLN A 862 -58.03 -6.81 9.61
C GLN A 862 -57.28 -6.88 10.94
N GLN A 863 -56.55 -7.98 11.18
CA GLN A 863 -55.75 -8.02 12.39
C GLN A 863 -54.58 -7.04 12.31
N PHE A 864 -54.05 -6.77 11.12
CA PHE A 864 -53.07 -5.71 10.97
C PHE A 864 -53.66 -4.38 11.40
N LEU A 865 -54.88 -4.09 10.96
CA LEU A 865 -55.52 -2.83 11.31
C LEU A 865 -55.78 -2.75 12.81
N VAL A 866 -56.25 -3.84 13.42
CA VAL A 866 -56.53 -3.79 14.84
C VAL A 866 -55.23 -3.61 15.63
N SER A 867 -54.14 -4.22 15.16
CA SER A 867 -52.84 -3.97 15.77
C SER A 867 -52.46 -2.50 15.64
N LEU A 868 -52.63 -1.92 14.45
CA LEU A 868 -52.30 -0.52 14.25
C LEU A 868 -53.17 0.40 15.09
N THR A 869 -54.37 -0.05 15.47
CA THR A 869 -55.26 0.79 16.27
C THR A 869 -54.60 1.24 17.56
N THR A 870 -53.63 0.48 18.07
CA THR A 870 -52.85 0.88 19.23
C THR A 870 -51.75 1.86 18.87
N SER A 871 -51.81 2.45 17.69
CA SER A 871 -50.79 3.39 17.25
C SER A 871 -50.48 4.41 18.34
N SER A 872 -49.20 4.76 18.44
CA SER A 872 -48.72 5.70 19.46
C SER A 872 -48.51 7.09 18.88
N ASP A 873 -47.69 7.22 17.84
CA ASP A 873 -47.41 8.52 17.24
C ASP A 873 -48.59 8.92 16.34
N GLU A 874 -48.37 9.93 15.51
CA GLU A 874 -49.44 10.51 14.70
C GLU A 874 -49.49 9.97 13.28
N SER A 875 -48.35 9.67 12.68
CA SER A 875 -48.35 9.21 11.28
C SER A 875 -49.21 7.97 11.12
N LEU A 876 -49.06 7.00 12.04
CA LEU A 876 -49.85 5.78 11.95
C LEU A 876 -51.34 6.08 12.01
N ARG A 877 -51.74 7.04 12.86
CA ARG A 877 -53.14 7.39 12.97
C ARG A 877 -53.65 8.01 11.67
N PHE A 878 -52.84 8.87 11.05
CA PHE A 878 -53.23 9.43 9.76
C PHE A 878 -53.38 8.34 8.72
N LEU A 879 -52.48 7.36 8.70
CA LEU A 879 -52.63 6.25 7.76
C LEU A 879 -53.91 5.47 8.03
N SER A 880 -54.18 5.19 9.31
CA SER A 880 -55.38 4.43 9.65
C SER A 880 -56.63 5.15 9.16
N PHE A 881 -56.73 6.45 9.43
CA PHE A 881 -57.89 7.20 8.94
C PHE A 881 -57.93 7.25 7.42
N ARG A 882 -56.78 7.43 6.77
CA ARG A 882 -56.74 7.51 5.32
C ARG A 882 -56.93 6.15 4.65
N LEU A 883 -56.94 5.07 5.42
CA LEU A 883 -57.18 3.74 4.86
C LEU A 883 -58.62 3.53 4.44
N ASP A 884 -59.51 4.49 4.68
CA ASP A 884 -60.94 4.31 4.49
C ASP A 884 -61.42 4.79 3.13
N PHE A 885 -60.59 4.68 2.10
CA PHE A 885 -61.07 5.04 0.76
C PHE A 885 -62.27 4.18 0.38
N ASN A 886 -62.21 2.89 0.71
CA ASN A 886 -63.39 2.02 0.57
C ASN A 886 -64.41 2.25 1.67
N GLU A 887 -63.96 2.62 2.87
CA GLU A 887 -64.84 2.81 4.02
C GLU A 887 -65.62 1.53 4.34
N HIS A 888 -65.06 0.38 3.95
CA HIS A 888 -65.74 -0.90 4.09
C HIS A 888 -64.92 -1.85 4.95
N TYR A 889 -64.40 -1.37 6.07
CA TYR A 889 -63.54 -2.16 6.94
C TYR A 889 -64.05 -2.28 8.36
N ARG A 890 -64.62 -1.20 8.91
CA ARG A 890 -65.04 -1.23 10.31
C ARG A 890 -66.20 -2.20 10.56
N ALA A 891 -66.96 -2.55 9.51
CA ALA A 891 -68.12 -3.41 9.71
C ALA A 891 -67.73 -4.77 10.27
N ARG A 892 -66.70 -5.40 9.68
CA ARG A 892 -66.30 -6.73 10.13
C ARG A 892 -65.80 -6.71 11.57
N GLU A 893 -65.01 -5.69 11.93
CA GLU A 893 -64.46 -5.60 13.27
C GLU A 893 -65.11 -4.43 14.00
N PRO A 894 -66.02 -4.68 14.95
CA PRO A 894 -66.66 -3.56 15.67
C PRO A 894 -65.68 -2.67 16.40
N ARG A 895 -64.54 -3.21 16.85
CA ARG A 895 -63.56 -2.38 17.56
C ARG A 895 -63.10 -1.21 16.71
N LEU A 896 -63.05 -1.39 15.39
CA LEU A 896 -62.67 -0.30 14.50
C LEU A 896 -63.61 0.90 14.63
N ARG A 897 -64.84 0.68 15.10
CA ARG A 897 -65.79 1.77 15.26
C ARG A 897 -65.76 2.29 16.69
N SER B 2 14.06 -10.69 -6.81
CA SER B 2 13.95 -9.24 -6.66
C SER B 2 13.04 -8.87 -5.51
N GLU B 3 11.75 -8.72 -5.80
CA GLU B 3 10.75 -8.42 -4.78
C GLU B 3 10.08 -9.66 -4.23
N PHE B 4 10.53 -10.85 -4.64
CA PHE B 4 9.91 -12.11 -4.23
C PHE B 4 10.63 -12.77 -3.07
N ARG B 5 11.63 -12.10 -2.48
CA ARG B 5 12.34 -12.67 -1.35
C ARG B 5 11.38 -13.06 -0.23
N ILE B 6 10.30 -12.31 -0.05
CA ILE B 6 9.37 -12.61 1.03
C ILE B 6 8.79 -14.01 0.87
N HIS B 7 8.44 -14.39 -0.35
CA HIS B 7 7.83 -15.70 -0.56
C HIS B 7 8.81 -16.82 -0.21
N HIS B 8 10.05 -16.71 -0.68
CA HIS B 8 11.05 -17.72 -0.36
C HIS B 8 11.30 -17.78 1.15
N ASP B 9 11.41 -16.62 1.79
CA ASP B 9 11.68 -16.60 3.23
C ASP B 9 10.54 -17.25 4.00
N VAL B 10 9.30 -16.92 3.66
CA VAL B 10 8.17 -17.48 4.40
C VAL B 10 8.04 -18.98 4.12
N ASN B 11 8.30 -19.41 2.89
CA ASN B 11 8.28 -20.84 2.60
C ASN B 11 9.34 -21.56 3.42
N GLU B 12 10.54 -21.00 3.52
CA GLU B 12 11.59 -21.61 4.33
C GLU B 12 11.19 -21.64 5.79
N LEU B 13 10.55 -20.58 6.28
CA LEU B 13 10.08 -20.55 7.66
C LEU B 13 9.08 -21.67 7.91
N LEU B 14 8.12 -21.83 6.99
CA LEU B 14 7.13 -22.90 7.15
C LEU B 14 7.80 -24.27 7.14
N SER B 15 8.74 -24.48 6.21
CA SER B 15 9.42 -25.76 6.16
C SER B 15 10.19 -26.04 7.44
N LEU B 16 10.89 -25.02 7.95
CA LEU B 16 11.65 -25.19 9.19
C LEU B 16 10.73 -25.48 10.37
N LEU B 17 9.61 -24.78 10.47
CA LEU B 17 8.62 -25.04 11.52
C LEU B 17 7.92 -26.38 11.34
N ARG B 18 8.02 -26.99 10.17
CA ARG B 18 7.46 -28.31 9.88
C ARG B 18 6.04 -28.44 10.43
N VAL B 19 5.15 -27.59 9.90
CA VAL B 19 3.74 -27.62 10.23
C VAL B 19 2.95 -27.71 8.92
N HIS B 20 2.04 -28.68 8.84
CA HIS B 20 1.22 -28.87 7.66
C HIS B 20 -0.22 -28.42 7.86
N GLY B 21 -0.74 -28.47 9.07
CA GLY B 21 -2.11 -28.09 9.30
C GLY B 21 -2.36 -26.62 9.04
N GLY B 22 -3.62 -26.29 8.81
CA GLY B 22 -4.01 -24.92 8.52
C GLY B 22 -3.80 -24.57 7.06
N ASP B 23 -4.17 -23.33 6.73
CA ASP B 23 -4.06 -22.82 5.37
C ASP B 23 -2.66 -22.31 5.05
N GLY B 24 -1.75 -22.30 6.01
CA GLY B 24 -0.41 -21.81 5.78
C GLY B 24 -0.35 -20.30 5.81
N ALA B 25 0.83 -19.78 5.47
CA ALA B 25 1.08 -18.35 5.47
C ALA B 25 0.65 -17.67 4.18
N GLU B 26 0.13 -18.43 3.21
CA GLU B 26 -0.17 -17.87 1.90
C GLU B 26 -1.19 -16.72 2.03
N VAL B 27 -2.26 -16.93 2.79
CA VAL B 27 -3.16 -15.82 3.11
C VAL B 27 -2.41 -14.76 3.89
N TYR B 28 -1.53 -15.18 4.79
CA TYR B 28 -0.70 -14.23 5.52
C TYR B 28 0.27 -13.51 4.59
N ILE B 29 0.74 -14.20 3.55
CA ILE B 29 1.56 -13.52 2.54
C ILE B 29 0.74 -12.44 1.84
N ASP B 30 -0.52 -12.76 1.52
CA ASP B 30 -1.39 -11.76 0.91
C ASP B 30 -1.56 -10.57 1.84
N LEU B 31 -1.76 -10.83 3.13
CA LEU B 31 -1.89 -9.74 4.10
C LEU B 31 -0.63 -8.89 4.14
N LEU B 32 0.55 -9.53 4.16
CA LEU B 32 1.80 -8.79 4.20
C LEU B 32 2.00 -7.96 2.93
N GLN B 33 1.53 -8.45 1.79
CA GLN B 33 1.75 -7.74 0.54
C GLN B 33 1.12 -6.35 0.54
N LYS B 34 0.17 -6.09 1.44
CA LYS B 34 -0.51 -4.80 1.49
C LYS B 34 0.15 -3.82 2.47
N ASN B 35 1.44 -3.99 2.74
CA ASN B 35 2.21 -3.08 3.58
C ASN B 35 3.51 -2.67 2.90
N ARG B 36 3.42 -2.36 1.61
CA ARG B 36 4.60 -2.14 0.78
C ARG B 36 4.97 -0.66 0.76
N THR B 37 6.27 -0.39 0.93
CA THR B 37 6.83 0.95 0.79
C THR B 37 8.28 0.82 0.34
N PRO B 38 8.78 1.75 -0.48
CA PRO B 38 10.19 1.72 -0.87
C PRO B 38 11.14 2.19 0.21
N TYR B 39 10.66 2.40 1.43
CA TYR B 39 11.48 2.86 2.54
C TYR B 39 10.89 2.31 3.83
N VAL B 40 11.40 2.79 4.96
CA VAL B 40 10.96 2.34 6.28
C VAL B 40 10.23 3.49 6.97
N THR B 41 9.17 3.15 7.68
CA THR B 41 8.41 4.12 8.48
C THR B 41 8.01 3.50 9.81
N THR B 42 8.76 2.50 10.27
CA THR B 42 8.42 1.73 11.47
C THR B 42 8.74 2.47 12.76
N THR B 43 9.07 3.76 12.70
CA THR B 43 9.35 4.52 13.91
C THR B 43 8.17 4.40 14.88
N VAL B 44 8.40 3.76 16.02
CA VAL B 44 7.38 3.55 17.03
C VAL B 44 7.99 3.78 18.41
N SER B 45 7.18 3.59 19.45
CA SER B 45 7.62 3.84 20.81
C SER B 45 8.56 2.73 21.28
N ALA B 46 9.84 2.86 20.94
CA ALA B 46 10.83 1.91 21.42
C ALA B 46 10.92 1.90 22.93
N HIS B 47 10.54 2.99 23.59
CA HIS B 47 10.52 3.03 25.05
C HIS B 47 9.51 2.04 25.60
N SER B 48 8.33 1.96 25.00
CA SER B 48 7.32 1.01 25.46
C SER B 48 7.83 -0.43 25.34
N ALA B 49 8.43 -0.76 24.20
CA ALA B 49 8.99 -2.09 24.03
C ALA B 49 10.11 -2.34 25.04
N LYS B 50 10.94 -1.34 25.28
CA LYS B 50 12.03 -1.49 26.24
C LYS B 50 11.48 -1.83 27.62
N VAL B 51 10.46 -1.09 28.06
CA VAL B 51 9.91 -1.33 29.39
C VAL B 51 9.21 -2.69 29.44
N LYS B 52 8.51 -3.05 28.37
CA LYS B 52 7.83 -4.35 28.35
C LYS B 52 8.83 -5.49 28.42
N ILE B 53 9.99 -5.33 27.79
CA ILE B 53 11.03 -6.35 27.89
C ILE B 53 11.64 -6.36 29.28
N ALA B 54 11.93 -5.16 29.82
CA ALA B 54 12.60 -5.07 31.10
C ALA B 54 11.76 -5.68 32.22
N GLU B 55 10.46 -5.39 32.24
CA GLU B 55 9.61 -5.95 33.29
C GLU B 55 9.66 -7.47 33.29
N PHE B 56 9.85 -8.08 32.13
CA PHE B 56 10.05 -9.51 32.02
C PHE B 56 11.52 -9.92 31.98
N SER B 57 12.42 -8.99 31.67
CA SER B 57 13.83 -9.32 31.54
C SER B 57 14.35 -9.93 32.82
N ARG B 58 14.83 -11.17 32.74
CA ARG B 58 15.37 -11.86 33.90
C ARG B 58 16.74 -11.33 34.30
N THR B 59 17.52 -10.85 33.33
CA THR B 59 18.84 -10.26 33.57
C THR B 59 18.84 -8.89 32.92
N PRO B 60 18.23 -7.90 33.56
CA PRO B 60 18.04 -6.60 32.89
C PRO B 60 19.33 -5.94 32.44
N GLU B 61 20.41 -6.07 33.20
CA GLU B 61 21.64 -5.37 32.85
C GLU B 61 22.17 -5.83 31.50
N ASP B 62 22.14 -7.14 31.24
CA ASP B 62 22.62 -7.65 29.97
C ASP B 62 21.83 -7.04 28.80
N PHE B 63 20.50 -7.08 28.90
CA PHE B 63 19.67 -6.53 27.83
C PHE B 63 19.94 -5.04 27.66
N LEU B 64 20.05 -4.30 28.76
CA LEU B 64 20.29 -2.86 28.67
C LEU B 64 21.60 -2.58 27.97
N LYS B 65 22.68 -3.26 28.36
CA LYS B 65 23.97 -3.00 27.74
C LYS B 65 23.95 -3.37 26.26
N LYS B 66 23.35 -4.51 25.91
CA LYS B 66 23.31 -4.90 24.50
C LYS B 66 22.52 -3.89 23.67
N TYR B 67 21.36 -3.46 24.17
CA TYR B 67 20.56 -2.51 23.43
C TYR B 67 21.28 -1.17 23.29
N ASP B 68 21.96 -0.73 24.35
CA ASP B 68 22.71 0.51 24.29
C ASP B 68 23.83 0.42 23.26
N GLU B 69 24.54 -0.70 23.23
CA GLU B 69 25.60 -0.87 22.24
C GLU B 69 25.03 -0.86 20.82
N LEU B 70 23.92 -1.56 20.60
CA LEU B 70 23.32 -1.57 19.27
C LEU B 70 22.87 -0.17 18.88
N LYS B 71 22.31 0.59 19.81
CA LYS B 71 21.99 1.99 19.54
C LYS B 71 23.24 2.76 19.15
N SER B 72 24.33 2.58 19.90
CA SER B 72 25.58 3.24 19.58
C SER B 72 26.00 2.94 18.14
N LYS B 73 25.84 1.69 17.71
CA LYS B 73 26.09 1.37 16.31
C LYS B 73 25.05 1.98 15.38
N ASN B 74 23.88 2.35 15.89
CA ASN B 74 22.85 3.02 15.11
C ASN B 74 22.45 2.19 13.89
N THR B 75 22.40 0.87 14.07
CA THR B 75 21.95 -0.01 13.00
C THR B 75 20.43 0.08 12.84
N ARG B 76 19.97 -0.08 11.60
CA ARG B 76 18.55 -0.03 11.31
C ARG B 76 17.87 -1.33 11.73
N ASN B 77 16.55 -1.37 11.54
CA ASN B 77 15.75 -2.56 11.82
C ASN B 77 15.66 -2.84 13.31
N LEU B 78 16.37 -2.05 14.13
CA LEU B 78 16.37 -2.30 15.57
C LEU B 78 15.00 -2.05 16.17
N ASP B 79 14.32 -0.98 15.75
CA ASP B 79 13.03 -0.64 16.34
C ASP B 79 12.00 -1.74 16.13
N PRO B 80 11.71 -2.19 14.91
CA PRO B 80 10.73 -3.28 14.75
C PRO B 80 11.14 -4.56 15.44
N LEU B 81 12.43 -4.89 15.45
CA LEU B 81 12.87 -6.12 16.12
C LEU B 81 12.61 -6.04 17.62
N VAL B 82 12.93 -4.90 18.23
CA VAL B 82 12.67 -4.73 19.65
C VAL B 82 11.16 -4.75 19.92
N TYR B 83 10.38 -4.16 19.01
CA TYR B 83 8.93 -4.20 19.15
C TYR B 83 8.43 -5.64 19.19
N LEU B 84 8.87 -6.45 18.22
CA LEU B 84 8.48 -7.85 18.18
C LEU B 84 8.92 -8.58 19.44
N LEU B 85 10.16 -8.36 19.87
CA LEU B 85 10.64 -9.04 21.07
C LEU B 85 9.78 -8.67 22.28
N SER B 86 9.46 -7.38 22.42
CA SER B 86 8.66 -6.93 23.56
C SER B 86 7.29 -7.58 23.55
N LYS B 87 6.62 -7.58 22.38
CA LYS B 87 5.28 -8.15 22.34
C LYS B 87 5.29 -9.67 22.28
N LEU B 88 6.45 -10.31 22.12
CA LEU B 88 6.51 -11.76 22.06
C LEU B 88 6.05 -12.40 23.36
N MET B 89 6.61 -11.95 24.49
CA MET B 89 6.33 -12.60 25.77
C MET B 89 4.89 -12.42 26.24
N GLU B 90 4.13 -11.52 25.62
CA GLU B 90 2.71 -11.41 25.96
C GLU B 90 1.96 -12.69 25.61
N ASP B 91 2.42 -13.43 24.61
CA ASP B 91 1.83 -14.69 24.19
C ASP B 91 2.75 -15.81 24.68
N ARG B 92 2.52 -16.26 25.91
CA ARG B 92 3.36 -17.32 26.47
C ARG B 92 3.22 -18.60 25.66
N GLU B 93 2.03 -18.89 25.14
CA GLU B 93 1.87 -20.08 24.31
C GLU B 93 2.73 -20.00 23.05
N THR B 94 2.80 -18.82 22.42
CA THR B 94 3.65 -18.66 21.25
C THR B 94 5.11 -18.88 21.61
N LEU B 95 5.56 -18.35 22.75
CA LEU B 95 6.93 -18.55 23.17
C LEU B 95 7.21 -20.03 23.42
N GLN B 96 6.28 -20.74 24.06
CA GLN B 96 6.47 -22.16 24.29
C GLN B 96 6.53 -22.92 22.97
N TYR B 97 5.67 -22.56 22.02
CA TYR B 97 5.70 -23.22 20.71
C TYR B 97 7.04 -23.01 20.02
N LEU B 98 7.54 -21.78 20.04
CA LEU B 98 8.84 -21.50 19.42
C LEU B 98 9.95 -22.27 20.13
N GLN B 99 9.92 -22.32 21.46
CA GLN B 99 10.94 -23.06 22.20
C GLN B 99 10.89 -24.55 21.85
N GLN B 100 9.70 -25.12 21.77
CA GLN B 100 9.59 -26.54 21.41
C GLN B 100 10.11 -26.78 20.01
N ASN B 101 9.80 -25.88 19.07
CA ASN B 101 10.30 -26.03 17.71
C ASN B 101 11.82 -25.95 17.69
N ALA B 102 12.39 -25.02 18.45
CA ALA B 102 13.84 -24.90 18.52
C ALA B 102 14.48 -26.16 19.10
N LYS B 103 13.88 -26.70 20.17
CA LYS B 103 14.41 -27.93 20.75
C LYS B 103 14.35 -29.07 19.75
N GLU B 104 13.23 -29.21 19.04
CA GLU B 104 13.11 -30.27 18.04
C GLU B 104 14.15 -30.12 16.95
N ARG B 105 14.33 -28.89 16.45
CA ARG B 105 15.31 -28.66 15.39
C ARG B 105 16.72 -28.97 15.87
N ALA B 106 17.06 -28.53 17.08
CA ALA B 106 18.39 -28.80 17.62
C ALA B 106 18.63 -30.29 17.79
N GLU B 107 17.64 -31.01 18.32
CA GLU B 107 17.79 -32.45 18.49
C GLU B 107 17.92 -33.16 17.14
N LEU B 108 17.15 -32.73 16.14
CA LEU B 108 17.25 -33.32 14.82
C LEU B 108 18.63 -33.07 14.22
N ALA B 109 19.15 -31.85 14.37
CA ALA B 109 20.48 -31.55 13.85
C ALA B 109 21.54 -32.37 14.56
N ALA B 110 21.42 -32.53 15.89
CA ALA B 110 22.38 -33.33 16.63
C ALA B 110 22.34 -34.79 16.18
N SER B 111 21.14 -35.33 15.98
CA SER B 111 21.02 -36.70 15.51
C SER B 111 21.63 -36.87 14.13
N ALA B 112 21.37 -35.90 13.24
CA ALA B 112 21.95 -35.97 11.89
C ALA B 112 23.47 -35.93 11.95
N ALA B 113 24.02 -35.04 12.79
CA ALA B 113 25.48 -34.95 12.91
C ALA B 113 26.07 -36.24 13.47
N ALA B 114 25.42 -36.82 14.48
CA ALA B 114 25.93 -38.08 15.05
C ALA B 114 25.87 -39.21 14.03
N SER B 115 24.77 -39.30 13.27
CA SER B 115 24.64 -40.37 12.30
C SER B 115 25.54 -40.14 11.09
N SER B 116 25.58 -38.91 10.58
CA SER B 116 26.37 -38.60 9.41
C SER B 116 27.78 -38.16 9.79
N GLY B 147 45.86 -4.65 25.29
CA GLY B 147 44.47 -4.42 24.95
C GLY B 147 44.29 -4.11 23.47
N PRO B 148 43.04 -3.90 23.05
CA PRO B 148 42.78 -3.62 21.64
C PRO B 148 43.44 -2.34 21.17
N THR B 149 44.46 -2.46 20.31
CA THR B 149 45.14 -1.29 19.76
C THR B 149 44.22 -0.58 18.79
N TRP B 150 44.17 0.76 18.89
CA TRP B 150 43.28 1.52 18.02
C TRP B 150 43.85 1.65 16.62
N GLN B 151 45.17 1.77 16.50
CA GLN B 151 45.78 2.01 15.21
C GLN B 151 45.55 0.83 14.27
N GLN B 152 45.72 -0.39 14.76
CA GLN B 152 45.49 -1.55 13.92
C GLN B 152 44.03 -1.65 13.49
N SER B 153 43.10 -1.35 14.40
CA SER B 153 41.69 -1.38 14.05
C SER B 153 41.37 -0.36 12.96
N LEU B 154 41.91 0.86 13.10
CA LEU B 154 41.69 1.88 12.08
C LEU B 154 42.28 1.46 10.74
N GLU B 155 43.49 0.88 10.76
CA GLU B 155 44.11 0.41 9.53
C GLU B 155 43.25 -0.67 8.86
N LEU B 156 42.76 -1.62 9.65
CA LEU B 156 41.92 -2.67 9.09
C LEU B 156 40.64 -2.08 8.50
N THR B 157 40.02 -1.14 9.21
CA THR B 157 38.78 -0.55 8.72
C THR B 157 39.01 0.17 7.40
N ARG B 158 40.06 0.98 7.33
CA ARG B 158 40.33 1.72 6.09
C ARG B 158 40.70 0.77 4.96
N LYS B 159 41.46 -0.29 5.26
CA LYS B 159 41.79 -1.27 4.22
C LYS B 159 40.53 -1.95 3.69
N MET B 160 39.63 -2.35 4.59
CA MET B 160 38.40 -3.00 4.16
C MET B 160 37.55 -2.05 3.31
N LEU B 161 37.44 -0.79 3.74
CA LEU B 161 36.66 0.16 2.95
C LEU B 161 37.28 0.39 1.58
N ARG B 162 38.61 0.48 1.52
CA ARG B 162 39.28 0.63 0.23
C ARG B 162 39.01 -0.57 -0.66
N ASP B 163 39.08 -1.78 -0.10
CA ASP B 163 38.80 -2.96 -0.90
C ASP B 163 37.38 -2.96 -1.42
N LYS B 164 36.41 -2.62 -0.57
CA LYS B 164 35.02 -2.61 -0.99
C LYS B 164 34.78 -1.57 -2.09
N GLN B 165 35.32 -0.36 -1.92
CA GLN B 165 35.12 0.67 -2.92
C GLN B 165 35.82 0.32 -4.23
N SER B 166 36.99 -0.32 -4.16
CA SER B 166 37.66 -0.76 -5.38
C SER B 166 36.84 -1.82 -6.10
N LYS B 167 36.28 -2.77 -5.35
CA LYS B 167 35.43 -3.78 -5.97
C LYS B 167 34.20 -3.14 -6.62
N LYS B 168 33.53 -2.23 -5.92
CA LYS B 168 32.33 -1.61 -6.46
C LYS B 168 32.66 -0.76 -7.69
N ASN B 169 33.78 -0.05 -7.66
CA ASN B 169 34.15 0.83 -8.77
C ASN B 169 34.26 0.03 -10.06
N SER B 170 35.24 -0.86 -10.14
CA SER B 170 35.36 -1.82 -11.24
C SER B 170 35.34 -1.12 -12.60
N GLY B 171 36.42 -0.40 -12.90
CA GLY B 171 36.59 0.18 -14.21
C GLY B 171 37.10 1.61 -14.21
N GLN B 172 37.41 2.15 -13.04
CA GLN B 172 37.92 3.50 -12.91
C GLN B 172 39.05 3.53 -11.89
N ARG B 173 39.89 4.56 -12.01
CA ARG B 173 41.08 4.65 -11.17
C ARG B 173 40.71 4.83 -9.70
N LEU B 174 41.50 4.24 -8.83
CA LEU B 174 41.25 4.31 -7.40
C LEU B 174 41.87 5.60 -6.84
N PRO B 175 41.07 6.47 -6.20
CA PRO B 175 41.64 7.71 -5.64
C PRO B 175 42.27 7.49 -4.27
N VAL B 176 43.43 6.83 -4.25
CA VAL B 176 44.14 6.50 -3.02
C VAL B 176 45.18 7.58 -2.77
N LEU B 177 45.54 7.77 -1.50
CA LEU B 177 46.50 8.77 -1.10
C LEU B 177 47.84 8.13 -0.74
N PRO B 178 48.92 8.89 -0.80
CA PRO B 178 50.23 8.33 -0.42
C PRO B 178 50.25 7.95 1.06
N ALA B 179 51.05 6.92 1.37
CA ALA B 179 51.08 6.38 2.72
C ALA B 179 51.64 7.36 3.74
N TRP B 180 52.50 8.29 3.33
CA TRP B 180 53.12 9.18 4.31
C TRP B 180 52.13 10.12 4.97
N VAL B 181 50.90 10.22 4.46
CA VAL B 181 49.91 11.07 5.11
C VAL B 181 49.70 10.65 6.55
N TYR B 182 49.61 9.34 6.80
CA TYR B 182 49.56 8.83 8.16
C TYR B 182 50.93 8.86 8.84
N GLU B 183 52.01 8.94 8.08
CA GLU B 183 53.35 9.00 8.63
C GLU B 183 53.74 10.46 8.85
N ARG B 184 55.03 10.71 9.10
CA ARG B 184 55.45 12.01 9.60
C ARG B 184 54.55 12.36 10.77
N PRO B 185 54.55 11.57 11.84
CA PRO B 185 53.58 11.79 12.93
C PRO B 185 53.73 13.17 13.54
N ALA B 186 52.79 13.49 14.42
CA ALA B 186 52.69 14.77 15.11
C ALA B 186 52.17 15.88 14.22
N LEU B 187 52.05 15.66 12.91
CA LEU B 187 51.51 16.69 12.02
C LEU B 187 50.06 16.97 12.35
N LEU B 188 49.27 15.93 12.60
CA LEU B 188 47.87 16.12 12.96
C LEU B 188 47.74 16.85 14.29
N GLY B 189 48.56 16.50 15.28
CA GLY B 189 48.57 17.22 16.54
C GLY B 189 48.26 16.39 17.77
N ASP B 190 48.51 15.09 17.71
CA ASP B 190 48.29 14.25 18.87
C ASP B 190 49.47 14.37 19.85
N PHE B 191 49.30 13.79 21.03
CA PHE B 191 50.34 13.85 22.04
C PHE B 191 51.51 12.95 21.65
N LEU B 192 52.69 13.31 22.16
CA LEU B 192 53.91 12.54 21.90
C LEU B 192 54.48 11.99 23.19
N VAL B 203 61.04 18.79 38.26
CA VAL B 203 61.17 19.89 39.20
C VAL B 203 60.17 19.70 40.35
N PRO B 204 60.65 19.55 41.58
CA PRO B 204 59.74 19.26 42.69
C PRO B 204 58.74 20.39 42.89
N ILE B 205 57.50 20.00 43.21
CA ILE B 205 56.43 20.96 43.48
C ILE B 205 55.68 20.65 44.75
N GLY B 206 55.95 19.52 45.41
CA GLY B 206 55.17 19.15 46.57
C GLY B 206 55.23 20.19 47.68
N SER B 207 56.42 20.70 47.95
CA SER B 207 56.62 21.69 49.01
C SER B 207 56.53 23.12 48.52
N LEU B 208 56.26 23.34 47.24
CA LEU B 208 56.24 24.69 46.70
C LEU B 208 55.03 25.46 47.22
N PRO B 209 55.10 26.79 47.18
CA PRO B 209 53.96 27.60 47.65
C PRO B 209 52.71 27.35 46.81
N LEU B 210 51.56 27.61 47.44
CA LEU B 210 50.28 27.32 46.80
C LEU B 210 50.11 28.12 45.51
N ALA B 211 50.38 29.43 45.57
CA ALA B 211 50.22 30.26 44.38
C ALA B 211 51.17 29.83 43.28
N SER B 212 52.41 29.50 43.64
CA SER B 212 53.39 29.09 42.63
C SER B 212 52.94 27.82 41.92
N GLN B 213 52.52 26.81 42.69
CA GLN B 213 52.06 25.58 42.06
C GLN B 213 50.80 25.83 41.24
N GLU B 214 49.92 26.72 41.68
CA GLU B 214 48.73 27.03 40.89
C GLU B 214 49.13 27.66 39.56
N ALA B 215 50.10 28.59 39.59
CA ALA B 215 50.56 29.21 38.35
C ALA B 215 51.18 28.18 37.42
N ALA B 216 52.00 27.28 37.96
CA ALA B 216 52.59 26.24 37.13
C ALA B 216 51.51 25.35 36.54
N VAL B 217 50.50 25.00 37.33
CA VAL B 217 49.44 24.13 36.84
C VAL B 217 48.67 24.82 35.72
N VAL B 218 48.37 26.11 35.88
CA VAL B 218 47.62 26.79 34.83
C VAL B 218 48.45 26.91 33.56
N GLU B 219 49.76 27.13 33.69
CA GLU B 219 50.62 27.11 32.51
C GLU B 219 50.56 25.75 31.82
N ASP B 220 50.69 24.69 32.61
CA ASP B 220 50.64 23.34 32.04
C ASP B 220 49.32 23.11 31.32
N LEU B 221 48.21 23.53 31.94
CA LEU B 221 46.91 23.39 31.29
C LEU B 221 46.87 24.17 29.98
N LEU B 222 47.30 25.43 30.01
CA LEU B 222 47.34 26.22 28.77
C LEU B 222 48.05 25.46 27.68
N TYR B 223 49.18 24.81 28.02
CA TYR B 223 49.88 24.04 26.99
C TYR B 223 49.17 22.74 26.66
N VAL B 224 48.33 22.21 27.55
CA VAL B 224 47.64 20.96 27.28
C VAL B 224 46.30 21.16 26.60
N LEU B 225 45.64 22.30 26.81
CA LEU B 225 44.38 22.56 26.13
C LEU B 225 44.56 22.58 24.61
N VAL B 226 45.79 22.77 24.14
CA VAL B 226 46.10 22.66 22.72
C VAL B 226 46.60 21.27 22.36
N GLY B 227 46.38 20.29 23.23
CA GLY B 227 46.81 18.93 22.96
C GLY B 227 48.31 18.78 22.85
N VAL B 228 49.05 19.46 23.72
CA VAL B 228 50.51 19.37 23.76
C VAL B 228 50.92 18.99 25.17
N ASP B 229 51.78 17.99 25.28
CA ASP B 229 52.17 17.47 26.59
C ASP B 229 52.77 18.58 27.44
N GLY B 230 52.40 18.58 28.72
CA GLY B 230 52.94 19.50 29.70
C GLY B 230 54.10 18.91 30.48
N ARG B 231 54.42 19.55 31.59
CA ARG B 231 55.51 19.10 32.45
C ARG B 231 55.03 18.33 33.67
N TYR B 232 53.87 18.68 34.23
CA TYR B 232 53.33 18.00 35.40
C TYR B 232 52.05 17.23 35.12
N ILE B 233 51.40 17.45 33.99
CA ILE B 233 50.25 16.67 33.55
C ILE B 233 50.63 15.99 32.25
N SER B 234 50.51 14.66 32.21
CA SER B 234 50.96 13.87 31.07
C SER B 234 49.84 12.97 30.60
N ALA B 235 49.55 13.02 29.30
CA ALA B 235 48.60 12.08 28.72
C ALA B 235 49.25 10.70 28.59
N GLN B 236 48.43 9.66 28.71
CA GLN B 236 48.92 8.30 28.69
C GLN B 236 48.11 7.47 27.70
N PRO B 237 48.76 6.56 26.98
CA PRO B 237 48.00 5.68 26.09
C PRO B 237 47.11 4.74 26.89
N LEU B 238 45.98 4.38 26.28
CA LEU B 238 44.97 3.56 26.96
C LEU B 238 44.62 2.33 26.13
N THR B 239 43.62 1.58 26.60
CA THR B 239 43.11 0.40 25.91
C THR B 239 41.67 0.66 25.49
N GLY B 240 41.35 0.36 24.25
CA GLY B 240 40.03 0.62 23.70
C GLY B 240 39.91 2.02 23.14
N ARG B 241 38.80 2.26 22.45
CA ARG B 241 38.56 3.55 21.78
C ARG B 241 37.89 4.50 22.76
N GLN B 242 38.66 5.47 23.25
CA GLN B 242 38.15 6.52 24.12
C GLN B 242 39.21 7.61 24.22
N GLY B 243 39.01 8.56 25.13
CA GLY B 243 39.97 9.61 25.36
C GLY B 243 41.19 9.11 26.12
N ARG B 244 42.15 10.02 26.29
CA ARG B 244 43.41 9.70 26.95
C ARG B 244 43.34 10.10 28.40
N THR B 245 43.82 9.22 29.28
CA THR B 245 43.88 9.51 30.70
C THR B 245 45.11 10.34 31.02
N PHE B 246 44.93 11.36 31.85
CA PHE B 246 45.98 12.30 32.19
C PHE B 246 46.43 12.08 33.62
N LEU B 247 47.73 11.87 33.80
CA LEU B 247 48.31 11.63 35.12
C LEU B 247 49.03 12.89 35.60
N VAL B 248 49.05 13.08 36.91
CA VAL B 248 49.66 14.23 37.55
C VAL B 248 50.48 13.74 38.74
N ASP B 249 51.30 14.65 39.27
CA ASP B 249 52.15 14.29 40.39
C ASP B 249 51.30 13.99 41.62
N PRO B 250 51.60 12.91 42.36
CA PRO B 250 50.78 12.58 43.53
C PRO B 250 50.78 13.65 44.59
N ASN B 251 51.90 14.35 44.79
CA ASN B 251 51.99 15.36 45.83
C ASN B 251 51.05 16.53 45.59
N LEU B 252 50.51 16.67 44.38
CA LEU B 252 49.62 17.79 44.09
C LEU B 252 48.38 17.72 44.97
N ASP B 253 47.88 18.89 45.35
CA ASP B 253 46.78 18.98 46.30
C ASP B 253 45.54 18.25 45.78
N LEU B 254 44.76 17.70 46.72
CA LEU B 254 43.55 16.97 46.34
C LEU B 254 42.54 17.89 45.67
N SER B 255 42.34 19.09 46.22
CA SER B 255 41.35 20.00 45.64
C SER B 255 41.76 20.44 44.24
N ILE B 256 43.01 20.88 44.09
CA ILE B 256 43.45 21.37 42.78
C ILE B 256 43.42 20.24 41.76
N ARG B 257 43.90 19.05 42.15
CA ARG B 257 43.91 17.94 41.20
C ARG B 257 42.50 17.55 40.81
N GLU B 258 41.56 17.56 41.76
CA GLU B 258 40.17 17.28 41.43
C GLU B 258 39.61 18.32 40.48
N LEU B 259 39.92 19.60 40.72
CA LEU B 259 39.42 20.65 39.84
C LEU B 259 39.97 20.49 38.43
N VAL B 260 41.27 20.22 38.31
CA VAL B 260 41.83 20.05 36.97
C VAL B 260 41.27 18.79 36.33
N SER B 261 40.92 17.77 37.13
CA SER B 261 40.23 16.63 36.57
C SER B 261 38.87 17.03 36.00
N ARG B 262 38.17 17.91 36.71
CA ARG B 262 36.91 18.43 36.16
C ARG B 262 37.17 19.25 34.90
N ILE B 263 38.36 19.82 34.78
CA ILE B 263 38.67 20.70 33.64
C ILE B 263 39.03 19.87 32.41
N LEU B 264 39.78 18.78 32.60
CA LEU B 264 40.45 18.10 31.49
C LEU B 264 39.52 17.49 30.44
N PRO B 265 38.24 17.20 30.75
CA PRO B 265 37.36 16.69 29.68
C PRO B 265 37.44 17.50 28.40
N VAL B 266 37.69 18.81 28.50
CA VAL B 266 37.90 19.60 27.29
C VAL B 266 39.10 19.09 26.51
N ALA B 267 40.20 18.81 27.22
CA ALA B 267 41.39 18.30 26.56
C ALA B 267 41.13 16.93 25.95
N ALA B 268 40.41 16.06 26.66
CA ALA B 268 40.10 14.75 26.11
C ALA B 268 39.25 14.87 24.85
N SER B 269 38.26 15.76 24.86
CA SER B 269 37.46 15.98 23.67
C SER B 269 38.31 16.52 22.54
N TYR B 270 39.25 17.41 22.85
CA TYR B 270 40.14 17.94 21.82
C TYR B 270 40.96 16.81 21.20
N SER B 271 41.50 15.91 22.03
CA SER B 271 42.28 14.80 21.51
C SER B 271 41.43 13.92 20.60
N THR B 272 40.21 13.58 21.05
CA THR B 272 39.35 12.73 20.25
C THR B 272 39.00 13.40 18.93
N VAL B 273 38.67 14.69 18.95
CA VAL B 273 38.27 15.36 17.73
C VAL B 273 39.45 15.52 16.77
N THR B 274 40.65 15.78 17.29
CA THR B 274 41.80 15.87 16.39
C THR B 274 42.09 14.52 15.75
N ARG B 275 41.98 13.43 16.52
CA ARG B 275 42.13 12.11 15.92
C ARG B 275 41.07 11.88 14.85
N PHE B 276 39.83 12.23 15.14
CA PHE B 276 38.76 12.06 14.16
C PHE B 276 39.06 12.83 12.89
N ILE B 277 39.38 14.11 13.01
CA ILE B 277 39.58 14.94 11.83
C ILE B 277 40.76 14.42 11.02
N GLU B 278 41.87 14.08 11.67
CA GLU B 278 43.03 13.62 10.92
C GLU B 278 42.74 12.30 10.21
N GLU B 279 42.12 11.34 10.93
CA GLU B 279 41.92 10.02 10.35
C GLU B 279 40.78 9.98 9.34
N LYS B 280 39.80 10.87 9.46
CA LYS B 280 38.66 10.90 8.54
C LYS B 280 38.88 11.85 7.37
N SER B 281 40.06 12.45 7.25
CA SER B 281 40.32 13.36 6.15
C SER B 281 40.57 12.63 4.83
N SER B 282 40.77 11.32 4.86
CA SER B 282 41.12 10.57 3.66
C SER B 282 39.96 10.55 2.68
N PHE B 283 40.30 10.40 1.39
CA PHE B 283 39.30 10.45 0.33
C PHE B 283 38.26 9.36 0.49
N GLU B 284 38.68 8.15 0.85
CA GLU B 284 37.79 7.00 0.83
C GLU B 284 36.62 7.11 1.82
N TYR B 285 36.44 8.18 2.59
CA TYR B 285 35.33 8.28 3.53
C TYR B 285 34.17 9.12 3.00
N GLY B 286 34.17 9.48 1.73
CA GLY B 286 33.04 10.16 1.13
C GLY B 286 33.09 11.67 1.33
N GLN B 287 32.22 12.35 0.59
CA GLN B 287 32.20 13.82 0.62
C GLN B 287 31.59 14.34 1.91
N VAL B 288 30.49 13.74 2.38
CA VAL B 288 29.79 14.25 3.54
C VAL B 288 30.71 14.23 4.76
N ASN B 289 31.42 13.12 4.95
CA ASN B 289 32.36 13.04 6.05
C ASN B 289 33.41 14.14 5.95
N HIS B 290 33.81 14.49 4.73
CA HIS B 290 34.81 15.54 4.56
C HIS B 290 34.23 16.92 4.87
N ALA B 291 32.96 17.15 4.55
CA ALA B 291 32.32 18.39 4.96
C ALA B 291 32.28 18.50 6.48
N LEU B 292 31.93 17.40 7.14
CA LEU B 292 31.98 17.36 8.60
C LEU B 292 33.39 17.67 9.09
N ALA B 293 34.39 17.09 8.44
CA ALA B 293 35.77 17.33 8.82
C ALA B 293 36.14 18.80 8.69
N ALA B 294 35.74 19.44 7.60
CA ALA B 294 36.05 20.85 7.40
C ALA B 294 35.37 21.72 8.45
N ALA B 295 34.11 21.40 8.78
CA ALA B 295 33.44 22.13 9.84
C ALA B 295 34.18 21.99 11.16
N MET B 296 34.62 20.77 11.47
CA MET B 296 35.39 20.56 12.70
C MET B 296 36.68 21.37 12.67
N ARG B 297 37.35 21.41 11.52
CA ARG B 297 38.57 22.19 11.43
C ARG B 297 38.32 23.66 11.71
N THR B 298 37.26 24.22 11.13
CA THR B 298 36.96 25.64 11.37
C THR B 298 36.67 25.87 12.86
N LEU B 299 35.85 25.01 13.46
CA LEU B 299 35.49 25.20 14.85
C LEU B 299 36.70 25.07 15.76
N VAL B 300 37.58 24.10 15.49
CA VAL B 300 38.75 23.93 16.34
C VAL B 300 39.71 25.08 16.14
N LYS B 301 39.78 25.66 14.93
CA LYS B 301 40.57 26.86 14.75
C LYS B 301 40.04 28.00 15.61
N GLU B 302 38.71 28.15 15.66
CA GLU B 302 38.13 29.17 16.54
C GLU B 302 38.47 28.89 17.99
N TYR B 303 38.42 27.62 18.40
CA TYR B 303 38.80 27.25 19.76
C TYR B 303 40.25 27.61 20.03
N LEU B 304 41.13 27.39 19.06
CA LEU B 304 42.53 27.78 19.21
C LEU B 304 42.65 29.29 19.37
N VAL B 305 41.85 30.06 18.62
CA VAL B 305 41.85 31.50 18.80
C VAL B 305 41.47 31.85 20.24
N LEU B 306 40.43 31.19 20.76
CA LEU B 306 40.02 31.47 22.14
C LEU B 306 41.14 31.14 23.13
N VAL B 307 41.79 29.99 22.96
CA VAL B 307 42.81 29.60 23.92
C VAL B 307 44.02 30.51 23.84
N THR B 308 44.38 30.98 22.64
CA THR B 308 45.50 31.91 22.56
C THR B 308 45.14 33.27 23.13
N GLN B 309 43.87 33.70 23.02
CA GLN B 309 43.46 34.91 23.71
C GLN B 309 43.56 34.72 25.22
N LEU B 310 43.17 33.55 25.71
CA LEU B 310 43.37 33.27 27.13
C LEU B 310 44.84 33.33 27.49
N GLU B 311 45.70 32.81 26.62
CA GLU B 311 47.14 32.85 26.87
C GLU B 311 47.64 34.28 26.96
N GLN B 312 47.22 35.13 26.02
CA GLN B 312 47.70 36.51 26.03
C GLN B 312 47.17 37.26 27.24
N LEU B 313 45.96 36.95 27.69
CA LEU B 313 45.49 37.51 28.95
C LEU B 313 46.34 37.03 30.11
N GLN B 314 46.68 35.74 30.12
CA GLN B 314 47.54 35.20 31.18
C GLN B 314 48.91 35.86 31.17
N ARG B 315 49.36 36.32 30.01
CA ARG B 315 50.68 36.94 29.92
C ARG B 315 50.84 38.05 30.94
N GLN B 316 49.75 38.78 31.23
CA GLN B 316 49.77 39.78 32.29
C GLN B 316 49.89 39.15 33.67
N GLY B 317 49.73 37.84 33.79
CA GLY B 317 49.86 37.17 35.07
C GLY B 317 48.79 37.52 36.08
N LEU B 318 47.54 37.64 35.63
CA LEU B 318 46.42 38.01 36.47
C LEU B 318 45.25 37.06 36.26
N LEU B 319 45.53 35.77 36.23
CA LEU B 319 44.52 34.74 36.05
C LEU B 319 44.72 33.63 37.07
N SER B 320 43.65 32.88 37.31
CA SER B 320 43.69 31.75 38.24
C SER B 320 42.73 30.68 37.75
N LEU B 321 42.62 29.60 38.53
CA LEU B 321 41.82 28.46 38.12
C LEU B 321 40.37 28.86 37.86
N GLN B 322 39.78 29.64 38.76
CA GLN B 322 38.36 29.94 38.65
C GLN B 322 38.05 30.72 37.38
N LYS B 323 38.89 31.70 37.04
CA LYS B 323 38.62 32.52 35.87
C LYS B 323 38.60 31.68 34.61
N LEU B 324 39.64 30.89 34.39
CA LEU B 324 39.69 30.06 33.19
C LEU B 324 38.57 29.03 33.21
N TRP B 325 38.26 28.49 34.39
CA TRP B 325 37.18 27.51 34.47
C TRP B 325 35.87 28.11 34.01
N PHE B 326 35.56 29.33 34.46
CA PHE B 326 34.35 29.99 33.99
C PHE B 326 34.44 30.27 32.50
N TYR B 327 35.61 30.72 32.02
CA TYR B 327 35.72 31.12 30.62
C TYR B 327 35.50 29.94 29.68
N ILE B 328 36.02 28.76 30.03
CA ILE B 328 35.99 27.64 29.10
C ILE B 328 34.62 26.97 28.99
N GLN B 329 33.71 27.24 29.91
CA GLN B 329 32.45 26.49 29.95
C GLN B 329 31.73 26.45 28.60
N PRO B 330 31.56 27.55 27.87
CA PRO B 330 30.90 27.45 26.57
C PRO B 330 31.65 26.54 25.61
N ALA B 331 32.94 26.79 25.40
CA ALA B 331 33.74 25.92 24.57
C ALA B 331 33.78 24.50 25.13
N MET B 332 33.75 24.37 26.46
CA MET B 332 33.73 23.05 27.06
C MET B 332 32.52 22.26 26.58
N ARG B 333 31.33 22.84 26.70
CA ARG B 333 30.12 22.16 26.26
C ARG B 333 30.13 21.92 24.76
N SER B 334 30.60 22.91 23.99
CA SER B 334 30.63 22.75 22.54
C SER B 334 31.50 21.56 22.16
N LEU B 335 32.69 21.46 22.76
CA LEU B 335 33.58 20.35 22.44
C LEU B 335 33.03 19.04 22.97
N ASP B 336 32.28 19.05 24.06
CA ASP B 336 31.57 17.84 24.47
C ASP B 336 30.63 17.39 23.36
N ILE B 337 29.87 18.31 22.80
CA ILE B 337 28.93 17.97 21.73
C ILE B 337 29.70 17.40 20.54
N LEU B 338 30.78 18.08 20.14
CA LEU B 338 31.53 17.62 18.97
C LEU B 338 32.16 16.25 19.21
N ALA B 339 32.68 16.02 20.43
CA ALA B 339 33.25 14.72 20.74
C ALA B 339 32.19 13.63 20.69
N SER B 340 31.00 13.90 21.22
CA SER B 340 29.91 12.93 21.13
C SER B 340 29.59 12.63 19.68
N LEU B 341 29.46 13.66 18.85
CA LEU B 341 29.17 13.45 17.44
C LEU B 341 30.24 12.58 16.79
N ALA B 342 31.52 12.92 17.01
CA ALA B 342 32.60 12.21 16.37
C ALA B 342 32.64 10.75 16.81
N THR B 343 32.55 10.51 18.11
CA THR B 343 32.62 9.13 18.59
C THR B 343 31.42 8.32 18.09
N SER B 344 30.23 8.91 18.09
CA SER B 344 29.07 8.19 17.57
C SER B 344 29.27 7.83 16.10
N VAL B 345 29.70 8.80 15.29
CA VAL B 345 29.89 8.54 13.87
C VAL B 345 30.93 7.45 13.65
N ASP B 346 32.06 7.54 14.35
CA ASP B 346 33.13 6.57 14.14
C ASP B 346 32.71 5.17 14.60
N LYS B 347 32.07 5.07 15.77
CA LYS B 347 31.65 3.76 16.26
C LYS B 347 30.55 3.17 15.39
N GLY B 348 29.74 4.01 14.74
CA GLY B 348 28.74 3.50 13.82
C GLY B 348 29.27 3.16 12.45
N GLU B 349 30.48 3.63 12.12
CA GLU B 349 31.07 3.39 10.81
C GLU B 349 30.09 3.77 9.69
N CYS B 350 29.35 4.84 9.94
CA CYS B 350 28.32 5.29 9.00
C CYS B 350 28.91 6.27 8.00
N ILE B 351 28.56 6.08 6.73
CA ILE B 351 29.04 6.92 5.64
C ILE B 351 27.88 7.19 4.70
N GLY B 352 27.81 8.41 4.17
CA GLY B 352 26.81 8.78 3.19
C GLY B 352 25.57 9.36 3.85
N GLY B 353 24.48 9.36 3.07
CA GLY B 353 23.23 9.93 3.54
C GLY B 353 22.80 9.43 4.90
N ALA B 354 23.15 8.20 5.25
CA ALA B 354 22.87 7.71 6.59
C ALA B 354 23.55 8.58 7.64
N THR B 355 24.72 9.12 7.32
CA THR B 355 25.39 10.06 8.22
C THR B 355 24.54 11.32 8.39
N LEU B 356 23.95 11.82 7.31
CA LEU B 356 23.05 12.96 7.43
C LEU B 356 21.85 12.61 8.30
N SER B 357 21.33 11.39 8.15
CA SER B 357 20.23 10.94 8.99
C SER B 357 20.62 10.97 10.45
N LEU B 358 21.80 10.44 10.77
CA LEU B 358 22.28 10.43 12.15
C LEU B 358 22.43 11.86 12.68
N LEU B 359 23.01 12.74 11.87
CA LEU B 359 23.22 14.11 12.31
C LEU B 359 21.89 14.82 12.54
N HIS B 360 20.92 14.59 11.66
CA HIS B 360 19.60 15.20 11.84
C HIS B 360 18.92 14.66 13.10
N ASP B 361 19.05 13.36 13.35
CA ASP B 361 18.48 12.79 14.56
C ASP B 361 19.10 13.40 15.80
N ARG B 362 20.42 13.57 15.80
CA ARG B 362 21.09 14.20 16.92
C ARG B 362 20.61 15.65 17.09
N SER B 363 20.52 16.39 15.98
CA SER B 363 20.06 17.77 16.05
C SER B 363 18.68 17.85 16.69
N PHE B 364 17.76 16.99 16.24
CA PHE B 364 16.43 16.97 16.84
C PHE B 364 16.48 16.57 18.31
N SER B 365 17.31 15.58 18.67
CA SER B 365 17.45 15.18 20.06
C SER B 365 17.98 16.31 20.93
N TYR B 366 18.72 17.26 20.36
CA TYR B 366 19.19 18.42 21.10
C TYR B 366 18.31 19.64 20.85
N THR B 367 17.05 19.43 20.48
CA THR B 367 16.11 20.54 20.35
C THR B 367 15.81 21.12 21.72
N GLY B 368 15.48 22.42 21.74
CA GLY B 368 15.22 23.12 22.96
C GLY B 368 16.43 23.79 23.58
N ASP B 369 17.61 23.63 22.99
CA ASP B 369 18.83 24.27 23.46
C ASP B 369 19.37 25.16 22.35
N SER B 370 19.60 26.43 22.69
CA SER B 370 19.94 27.42 21.67
C SER B 370 21.26 27.10 20.99
N GLN B 371 22.36 27.14 21.74
CA GLN B 371 23.68 27.01 21.12
C GLN B 371 23.85 25.64 20.48
N ALA B 372 23.36 24.58 21.15
CA ALA B 372 23.45 23.25 20.55
C ALA B 372 22.67 23.19 19.24
N GLN B 373 21.48 23.78 19.22
CA GLN B 373 20.70 23.77 17.99
C GLN B 373 21.41 24.52 16.88
N GLU B 374 21.99 25.68 17.19
CA GLU B 374 22.70 26.45 16.16
C GLU B 374 23.90 25.68 15.65
N LEU B 375 24.66 25.06 16.55
CA LEU B 375 25.83 24.29 16.13
C LEU B 375 25.41 23.12 15.24
N CYS B 376 24.35 22.41 15.62
CA CYS B 376 23.87 21.31 14.81
C CYS B 376 23.38 21.80 13.45
N LEU B 377 22.73 22.97 13.43
CA LEU B 377 22.28 23.53 12.16
C LEU B 377 23.47 23.81 11.25
N HIS B 378 24.52 24.43 11.80
CA HIS B 378 25.71 24.70 11.01
C HIS B 378 26.30 23.39 10.47
N LEU B 379 26.48 22.40 11.35
CA LEU B 379 27.11 21.15 10.92
C LEU B 379 26.27 20.45 9.87
N THR B 380 24.96 20.40 10.05
CA THR B 380 24.11 19.69 9.10
C THR B 380 24.07 20.41 7.76
N LYS B 381 24.02 21.75 7.77
CA LYS B 381 24.08 22.47 6.51
C LYS B 381 25.38 22.18 5.79
N ALA B 382 26.50 22.23 6.51
CA ALA B 382 27.79 21.94 5.88
C ALA B 382 27.83 20.54 5.30
N ALA B 383 27.37 19.56 6.08
CA ALA B 383 27.39 18.17 5.63
C ALA B 383 26.49 17.98 4.41
N SER B 384 25.31 18.58 4.42
CA SER B 384 24.37 18.42 3.32
C SER B 384 24.81 19.15 2.06
N THR B 385 25.63 20.19 2.18
CA THR B 385 26.05 20.94 1.01
C THR B 385 26.48 20.05 -0.15
N PRO B 386 27.52 19.21 -0.04
CA PRO B 386 27.84 18.33 -1.16
C PRO B 386 26.73 17.36 -1.50
N TYR B 387 26.05 16.83 -0.48
CA TYR B 387 24.97 15.88 -0.75
C TYR B 387 23.85 16.55 -1.52
N PHE B 388 23.48 17.77 -1.12
CA PHE B 388 22.43 18.49 -1.86
C PHE B 388 22.90 18.89 -3.24
N GLU B 389 24.19 19.18 -3.41
CA GLU B 389 24.71 19.43 -4.75
C GLU B 389 24.49 18.21 -5.64
N ILE B 390 24.87 17.03 -5.15
CA ILE B 390 24.67 15.81 -5.94
C ILE B 390 23.19 15.59 -6.20
N LEU B 391 22.36 15.82 -5.19
CA LEU B 391 20.92 15.64 -5.36
C LEU B 391 20.37 16.55 -6.44
N GLU B 392 20.77 17.83 -6.43
CA GLU B 392 20.29 18.75 -7.46
C GLU B 392 20.79 18.34 -8.83
N LYS B 393 22.04 17.89 -8.93
CA LYS B 393 22.56 17.44 -10.22
C LYS B 393 21.76 16.24 -10.73
N TRP B 394 21.43 15.31 -9.84
CA TRP B 394 20.67 14.12 -10.22
C TRP B 394 19.20 14.42 -10.46
N ILE B 395 18.69 15.52 -9.93
CA ILE B 395 17.27 15.85 -10.07
C ILE B 395 17.01 16.68 -11.31
N TYR B 396 17.78 17.75 -11.52
CA TYR B 396 17.55 18.65 -12.64
C TYR B 396 18.18 18.15 -13.93
N ARG B 397 19.46 17.77 -13.89
CA ARG B 397 20.14 17.28 -15.09
C ARG B 397 20.18 15.77 -15.17
N GLY B 398 19.86 15.07 -14.09
CA GLY B 398 19.85 13.62 -14.13
C GLY B 398 21.21 12.99 -14.27
N ILE B 399 22.28 13.77 -14.17
CA ILE B 399 23.64 13.24 -14.29
C ILE B 399 24.02 12.61 -12.96
N ILE B 400 24.33 11.32 -12.99
CA ILE B 400 24.74 10.62 -11.77
C ILE B 400 26.21 10.87 -11.53
N ASP B 401 26.55 11.16 -10.27
CA ASP B 401 27.94 11.37 -9.86
C ASP B 401 28.17 10.57 -8.60
N ASP B 402 29.00 9.53 -8.69
CA ASP B 402 29.23 8.59 -7.59
C ASP B 402 30.74 8.47 -7.37
N PRO B 403 31.36 9.47 -6.75
CA PRO B 403 32.79 9.34 -6.44
C PRO B 403 33.09 8.11 -5.61
N TYR B 404 32.21 7.77 -4.66
CA TYR B 404 32.36 6.54 -3.89
C TYR B 404 31.03 5.80 -3.75
N SER B 405 29.99 6.22 -4.48
CA SER B 405 28.69 5.55 -4.49
C SER B 405 28.06 5.55 -3.09
N GLU B 406 27.76 6.76 -2.63
CA GLU B 406 26.94 6.96 -1.43
C GLU B 406 25.61 7.61 -1.73
N PHE B 407 25.43 8.17 -2.92
CA PHE B 407 24.15 8.75 -3.29
C PHE B 407 23.05 7.71 -3.18
N MET B 408 21.81 8.19 -3.08
CA MET B 408 20.69 7.30 -2.83
C MET B 408 20.35 6.41 -4.03
N VAL B 409 20.83 6.75 -5.21
CA VAL B 409 20.58 5.97 -6.42
C VAL B 409 21.87 5.25 -6.78
N GLU B 410 21.84 3.93 -6.78
CA GLU B 410 22.98 3.10 -7.14
C GLU B 410 22.79 2.59 -8.56
N GLU B 411 23.81 2.76 -9.39
CA GLU B 411 23.77 2.36 -10.79
C GLU B 411 24.54 1.06 -10.97
N HIS B 412 23.92 0.10 -11.64
CA HIS B 412 24.56 -1.17 -11.96
C HIS B 412 24.87 -1.23 -13.45
N GLU B 413 26.09 -1.68 -13.75
CA GLU B 413 26.51 -1.79 -15.15
C GLU B 413 25.56 -2.69 -15.91
N LEU B 414 25.14 -2.23 -17.08
CA LEU B 414 24.22 -2.99 -17.91
C LEU B 414 24.26 -2.43 -19.32
N ARG B 415 23.74 -3.21 -20.26
CA ARG B 415 23.71 -2.84 -21.68
C ARG B 415 22.27 -2.82 -22.17
N LYS B 416 22.07 -2.19 -23.31
CA LYS B 416 20.73 -2.01 -23.88
C LYS B 416 20.35 -3.08 -24.90
N GLU B 417 21.27 -3.43 -25.80
CA GLU B 417 20.98 -4.51 -26.74
C GLU B 417 20.69 -5.82 -26.00
N LYS B 418 21.24 -5.98 -24.80
CA LYS B 418 21.05 -7.23 -24.07
C LYS B 418 19.58 -7.47 -23.76
N ILE B 419 18.88 -6.48 -23.23
CA ILE B 419 17.46 -6.66 -22.93
C ILE B 419 16.66 -6.83 -24.21
N GLN B 420 17.02 -6.10 -25.27
CA GLN B 420 16.36 -6.30 -26.55
C GLN B 420 16.52 -7.73 -27.03
N GLU B 421 17.61 -8.39 -26.65
CA GLU B 421 17.85 -9.78 -27.02
C GLU B 421 17.37 -10.77 -25.97
N ASP B 422 17.59 -10.49 -24.69
CA ASP B 422 17.21 -11.40 -23.61
C ASP B 422 15.81 -11.09 -23.11
N TYR B 423 15.07 -12.15 -22.77
CA TYR B 423 13.70 -11.99 -22.31
C TYR B 423 13.64 -11.51 -20.86
N ASN B 424 14.61 -11.88 -20.04
CA ASN B 424 14.59 -11.52 -18.63
C ASN B 424 14.64 -10.00 -18.46
N ASP B 425 13.92 -9.52 -17.45
CA ASP B 425 13.80 -8.08 -17.19
C ASP B 425 14.89 -7.65 -16.22
N LYS B 426 15.76 -6.76 -16.67
CA LYS B 426 16.84 -6.25 -15.85
C LYS B 426 16.90 -4.72 -15.82
N TYR B 427 16.65 -4.06 -16.96
CA TYR B 427 16.99 -2.65 -17.09
C TYR B 427 16.28 -1.81 -16.04
N TRP B 428 14.95 -1.76 -16.08
CA TRP B 428 14.20 -0.92 -15.15
C TRP B 428 14.09 -1.53 -13.76
N ASP B 429 14.81 -2.61 -13.49
CA ASP B 429 14.80 -3.23 -12.16
C ASP B 429 16.16 -3.24 -11.49
N GLN B 430 17.23 -3.55 -12.20
CA GLN B 430 18.57 -3.58 -11.62
C GLN B 430 19.53 -2.72 -12.45
N ARG B 431 19.08 -1.51 -12.79
CA ARG B 431 19.95 -0.49 -13.35
C ARG B 431 20.12 0.68 -12.39
N TYR B 432 19.03 1.30 -11.96
CA TYR B 432 19.05 2.40 -11.01
C TYR B 432 18.22 1.97 -9.81
N THR B 433 18.88 1.37 -8.84
CA THR B 433 18.22 0.85 -7.64
C THR B 433 18.40 1.79 -6.46
N VAL B 434 17.61 1.54 -5.42
CA VAL B 434 17.68 2.33 -4.20
C VAL B 434 18.52 1.57 -3.19
N VAL B 435 19.47 2.27 -2.58
CA VAL B 435 20.31 1.67 -1.54
C VAL B 435 19.65 1.91 -0.19
N GLN B 436 19.32 0.83 0.50
CA GLN B 436 18.67 0.92 1.81
C GLN B 436 19.66 1.02 2.96
N ARG B 437 20.86 0.45 2.83
CA ARG B 437 21.87 0.61 3.87
C ARG B 437 22.13 2.08 4.15
N GLN B 438 22.07 2.92 3.13
CA GLN B 438 22.19 4.36 3.26
C GLN B 438 20.84 4.98 2.91
N ILE B 439 20.26 5.73 3.84
CA ILE B 439 18.95 6.32 3.65
C ILE B 439 18.93 7.71 4.28
N PRO B 440 18.26 8.70 3.68
CA PRO B 440 18.14 10.00 4.35
C PRO B 440 16.90 10.04 5.24
N SER B 441 17.08 10.39 6.51
CA SER B 441 15.99 10.27 7.47
C SER B 441 14.76 11.03 7.01
N PHE B 442 14.93 12.27 6.56
CA PHE B 442 13.81 13.14 6.24
C PHE B 442 13.40 13.08 4.77
N LEU B 443 14.03 12.23 3.96
CA LEU B 443 13.66 12.06 2.57
C LEU B 443 12.94 10.75 2.30
N GLN B 444 12.83 9.87 3.30
CA GLN B 444 12.22 8.56 3.08
C GLN B 444 10.86 8.69 2.43
N LYS B 445 10.02 9.59 2.95
CA LYS B 445 8.65 9.69 2.46
C LYS B 445 8.58 10.04 0.97
N MET B 446 9.66 10.58 0.41
CA MET B 446 9.72 10.89 -1.02
C MET B 446 10.91 10.23 -1.69
N ALA B 447 11.45 9.18 -1.06
CA ALA B 447 12.61 8.50 -1.63
C ALA B 447 12.32 7.97 -3.03
N GLY B 448 11.37 7.04 -3.14
CA GLY B 448 11.11 6.41 -4.42
C GLY B 448 10.88 7.42 -5.53
N LYS B 449 10.08 8.44 -5.27
CA LYS B 449 9.82 9.45 -6.29
C LYS B 449 11.11 9.95 -6.90
N VAL B 450 12.07 10.33 -6.06
CA VAL B 450 13.35 10.82 -6.55
C VAL B 450 13.86 9.92 -7.65
N LEU B 451 13.99 8.62 -7.33
CA LEU B 451 14.48 7.66 -8.32
C LEU B 451 13.85 7.93 -9.68
N SER B 452 12.53 7.83 -9.76
CA SER B 452 11.86 7.94 -11.05
C SER B 452 12.31 9.20 -11.77
N THR B 453 12.25 10.34 -11.08
CA THR B 453 12.67 11.59 -11.71
C THR B 453 14.00 11.40 -12.42
N GLY B 454 15.03 11.05 -11.66
CA GLY B 454 16.35 10.96 -12.25
C GLY B 454 16.37 10.01 -13.42
N LYS B 455 15.73 8.84 -13.27
CA LYS B 455 15.80 7.86 -14.33
C LYS B 455 15.18 8.42 -15.60
N TYR B 456 14.08 9.15 -15.49
CA TYR B 456 13.50 9.79 -16.67
C TYR B 456 14.55 10.63 -17.38
N LEU B 457 15.25 11.48 -16.62
CA LEU B 457 16.28 12.31 -17.24
C LEU B 457 17.34 11.46 -17.91
N ASN B 458 17.70 10.34 -17.29
CA ASN B 458 18.71 9.48 -17.90
C ASN B 458 18.29 9.08 -19.30
N VAL B 459 16.99 8.80 -19.50
CA VAL B 459 16.51 8.42 -20.82
C VAL B 459 16.80 9.53 -21.81
N VAL B 460 16.50 10.79 -21.43
CA VAL B 460 16.80 11.91 -22.31
C VAL B 460 18.27 12.35 -22.20
N ARG B 461 19.03 11.76 -21.28
CA ARG B 461 20.46 12.07 -21.20
C ARG B 461 21.23 11.24 -22.22
N GLU B 462 21.11 9.91 -22.14
CA GLU B 462 21.84 9.05 -23.07
C GLU B 462 21.43 9.30 -24.52
N CYS B 463 20.21 9.80 -24.76
CA CYS B 463 19.80 10.20 -26.10
C CYS B 463 20.58 11.40 -26.61
N GLY B 464 21.30 12.10 -25.74
CA GLY B 464 22.04 13.28 -26.14
C GLY B 464 21.17 14.44 -26.58
N HIS B 465 20.03 14.65 -25.91
CA HIS B 465 19.14 15.76 -26.21
C HIS B 465 18.63 16.40 -24.92
N ASP B 466 19.53 16.58 -23.95
CA ASP B 466 19.17 17.19 -22.68
C ASP B 466 19.25 18.70 -22.77
N VAL B 467 18.38 19.37 -22.01
CA VAL B 467 18.35 20.82 -21.93
C VAL B 467 18.24 21.22 -20.47
N THR B 468 18.74 22.42 -20.17
CA THR B 468 18.65 22.94 -18.82
C THR B 468 17.19 23.17 -18.44
N CYS B 469 16.83 22.81 -17.21
CA CYS B 469 15.46 22.98 -16.77
C CYS B 469 15.11 24.47 -16.68
N PRO B 470 13.89 24.85 -17.03
CA PRO B 470 13.51 26.27 -16.89
C PRO B 470 13.64 26.76 -15.46
N VAL B 471 13.37 25.90 -14.48
CA VAL B 471 13.57 26.22 -13.07
C VAL B 471 14.84 25.53 -12.61
N ALA B 472 15.72 26.30 -11.95
CA ALA B 472 17.00 25.79 -11.47
C ALA B 472 17.21 26.19 -10.02
N LYS B 473 16.12 26.37 -9.28
CA LYS B 473 16.21 26.77 -7.89
C LYS B 473 17.02 25.74 -7.10
N GLU B 474 18.08 26.19 -6.46
CA GLU B 474 18.90 25.30 -5.66
C GLU B 474 18.10 24.76 -4.48
N VAL B 475 18.37 23.52 -4.12
CA VAL B 475 17.77 22.89 -2.95
C VAL B 475 18.67 23.12 -1.75
N VAL B 476 18.10 23.58 -0.64
CA VAL B 476 18.85 23.94 0.55
C VAL B 476 18.27 23.20 1.75
N TYR B 477 19.13 22.95 2.73
CA TYR B 477 18.69 22.28 3.95
C TYR B 477 17.66 23.12 4.68
N THR B 478 16.65 22.46 5.23
CA THR B 478 15.61 23.13 5.97
C THR B 478 15.14 22.21 7.10
N LEU B 479 14.92 22.81 8.27
CA LEU B 479 14.47 22.01 9.42
C LEU B 479 13.11 21.39 9.16
N LYS B 480 12.19 22.15 8.56
CA LYS B 480 10.90 21.60 8.15
C LYS B 480 11.11 20.77 6.87
N GLU B 481 10.02 20.37 6.23
CA GLU B 481 10.13 19.51 5.06
C GLU B 481 9.22 19.88 3.90
N ARG B 482 8.24 20.76 4.08
CA ARG B 482 7.26 21.01 3.02
C ARG B 482 7.94 21.62 1.78
N ALA B 483 8.91 22.51 1.99
CA ALA B 483 9.51 23.21 0.86
C ALA B 483 10.15 22.22 -0.11
N TYR B 484 11.02 21.35 0.39
CA TYR B 484 11.77 20.48 -0.52
C TYR B 484 10.87 19.40 -1.11
N VAL B 485 9.90 18.88 -0.35
CA VAL B 485 8.98 17.92 -0.93
C VAL B 485 8.21 18.55 -2.07
N GLU B 486 7.73 19.78 -1.88
CA GLU B 486 7.01 20.46 -2.95
C GLU B 486 7.92 20.68 -4.15
N GLN B 487 9.16 21.09 -3.92
CA GLN B 487 10.05 21.38 -5.04
C GLN B 487 10.36 20.11 -5.82
N ILE B 488 10.63 19.00 -5.13
CA ILE B 488 10.90 17.76 -5.83
C ILE B 488 9.65 17.27 -6.55
N GLU B 489 8.47 17.49 -5.97
CA GLU B 489 7.24 17.09 -6.65
C GLU B 489 7.08 17.85 -7.97
N LYS B 490 7.27 19.17 -7.93
CA LYS B 490 7.13 19.94 -9.17
C LYS B 490 8.22 19.58 -10.17
N ALA B 491 9.43 19.29 -9.69
CA ALA B 491 10.49 18.83 -10.60
C ALA B 491 10.10 17.51 -11.25
N PHE B 492 9.50 16.60 -10.48
CA PHE B 492 9.02 15.35 -11.04
C PHE B 492 7.97 15.59 -12.11
N SER B 493 7.02 16.48 -11.83
CA SER B 493 5.99 16.78 -12.82
C SER B 493 6.61 17.34 -14.09
N TYR B 494 7.55 18.27 -13.95
CA TYR B 494 8.22 18.83 -15.12
C TYR B 494 8.95 17.75 -15.91
N ALA B 495 9.67 16.88 -15.21
CA ALA B 495 10.41 15.82 -15.89
C ALA B 495 9.47 14.90 -16.63
N SER B 496 8.35 14.52 -16.00
CA SER B 496 7.40 13.62 -16.65
C SER B 496 6.82 14.26 -17.90
N LYS B 497 6.40 15.53 -17.79
CA LYS B 497 5.81 16.18 -18.96
C LYS B 497 6.82 16.33 -20.09
N VAL B 498 8.06 16.70 -19.76
CA VAL B 498 9.04 16.88 -20.82
C VAL B 498 9.40 15.54 -21.46
N LEU B 499 9.46 14.47 -20.67
CA LEU B 499 9.74 13.16 -21.24
C LEU B 499 8.62 12.71 -22.15
N LEU B 500 7.37 12.92 -21.75
CA LEU B 500 6.25 12.58 -22.62
C LEU B 500 6.27 13.40 -23.91
N ASP B 501 6.59 14.69 -23.79
CA ASP B 501 6.71 15.52 -24.98
C ASP B 501 7.81 15.01 -25.89
N PHE B 502 8.93 14.58 -25.30
CA PHE B 502 10.04 14.04 -26.08
C PHE B 502 9.61 12.78 -26.82
N LEU B 503 8.89 11.88 -26.14
CA LEU B 503 8.40 10.68 -26.80
C LEU B 503 7.45 11.02 -27.94
N MET B 504 6.51 11.92 -27.68
CA MET B 504 5.59 12.36 -28.73
C MET B 504 6.32 13.08 -29.85
N GLY B 505 7.53 13.54 -29.60
CA GLY B 505 8.29 14.32 -30.56
C GLY B 505 9.36 13.51 -31.26
N GLU B 506 10.59 13.60 -30.76
CA GLU B 506 11.73 13.02 -31.46
C GLU B 506 11.57 11.54 -31.72
N LYS B 507 10.75 10.84 -30.94
CA LYS B 507 10.57 9.41 -31.09
C LYS B 507 9.28 9.02 -31.80
N GLU B 508 8.27 9.88 -31.79
CA GLU B 508 6.99 9.61 -32.45
C GLU B 508 6.49 8.21 -32.13
N LEU B 509 6.30 7.95 -30.84
CA LEU B 509 5.77 6.65 -30.42
C LEU B 509 4.41 6.38 -31.05
N LEU B 510 3.62 7.43 -31.28
CA LEU B 510 2.30 7.24 -31.87
C LEU B 510 2.40 6.59 -33.25
N ALA B 511 3.33 7.10 -34.08
CA ALA B 511 3.47 6.54 -35.42
C ALA B 511 3.97 5.10 -35.37
N HIS B 512 4.91 4.80 -34.46
CA HIS B 512 5.38 3.42 -34.34
C HIS B 512 4.27 2.49 -33.91
N LEU B 513 3.42 2.93 -32.98
CA LEU B 513 2.29 2.09 -32.58
C LEU B 513 1.30 1.94 -33.72
N ARG B 514 1.09 2.99 -34.50
CA ARG B 514 0.23 2.88 -35.67
C ARG B 514 0.77 1.83 -36.64
N SER B 515 2.09 1.83 -36.85
CA SER B 515 2.70 0.86 -37.74
C SER B 515 2.56 -0.56 -37.18
N ILE B 516 2.92 -0.75 -35.91
CA ILE B 516 2.84 -2.08 -35.31
C ILE B 516 1.41 -2.56 -35.19
N LYS B 517 0.43 -1.66 -35.30
CA LYS B 517 -0.96 -2.08 -35.48
C LYS B 517 -1.27 -2.43 -36.93
N ARG B 518 -0.68 -1.69 -37.88
CA ARG B 518 -0.87 -2.03 -39.29
C ARG B 518 -0.37 -3.44 -39.59
N TYR B 519 0.80 -3.79 -39.06
CA TYR B 519 1.37 -5.11 -39.23
C TYR B 519 1.23 -5.89 -37.93
N PHE B 520 1.11 -7.20 -38.04
CA PHE B 520 0.80 -8.15 -36.98
C PHE B 520 -0.69 -8.18 -36.65
N LEU B 521 -1.50 -7.28 -37.23
CA LEU B 521 -2.93 -7.24 -36.90
C LEU B 521 -3.78 -6.98 -38.13
N MET B 522 -3.34 -7.44 -39.30
CA MET B 522 -4.15 -7.34 -40.52
C MET B 522 -4.38 -5.85 -40.80
N ASP B 523 -5.50 -5.53 -41.47
CA ASP B 523 -5.81 -4.17 -41.90
C ASP B 523 -4.85 -3.72 -43.00
N GLN B 524 -4.07 -4.66 -43.53
CA GLN B 524 -3.20 -4.39 -44.68
C GLN B 524 -3.53 -5.39 -45.79
N GLY B 525 -4.84 -5.50 -46.04
CA GLY B 525 -5.33 -6.57 -46.89
C GLY B 525 -4.50 -6.81 -48.13
N ASP B 526 -4.14 -5.74 -48.84
CA ASP B 526 -3.31 -5.91 -50.03
C ASP B 526 -1.97 -6.53 -49.68
N PHE B 527 -1.31 -6.02 -48.64
CA PHE B 527 -0.02 -6.55 -48.24
C PHE B 527 -0.12 -8.03 -47.89
N PHE B 528 -1.13 -8.38 -47.09
CA PHE B 528 -1.24 -9.77 -46.64
C PHE B 528 -1.59 -10.71 -47.79
N VAL B 529 -2.50 -10.28 -48.68
CA VAL B 529 -2.86 -11.15 -49.80
C VAL B 529 -1.66 -11.37 -50.71
N HIS B 530 -0.91 -10.31 -50.99
CA HIS B 530 0.28 -10.49 -51.84
C HIS B 530 1.32 -11.36 -51.15
N PHE B 531 1.52 -11.16 -49.84
CA PHE B 531 2.48 -11.98 -49.10
C PHE B 531 2.09 -13.45 -49.16
N MET B 532 0.81 -13.75 -48.95
CA MET B 532 0.34 -15.14 -49.03
C MET B 532 0.56 -15.70 -50.44
N ASP B 533 0.15 -14.94 -51.46
CA ASP B 533 0.27 -15.42 -52.83
C ASP B 533 1.71 -15.65 -53.23
N LEU B 534 2.66 -14.92 -52.63
CA LEU B 534 4.07 -15.10 -52.96
C LEU B 534 4.78 -16.10 -52.07
N THR B 535 4.23 -16.43 -50.90
CA THR B 535 4.91 -17.28 -49.94
C THR B 535 4.32 -18.68 -49.81
N GLU B 536 3.11 -18.90 -50.34
CA GLU B 536 2.44 -20.18 -50.12
C GLU B 536 3.23 -21.34 -50.71
N GLU B 537 3.78 -21.17 -51.92
CA GLU B 537 4.39 -22.30 -52.61
C GLU B 537 5.53 -22.90 -51.80
N GLU B 538 6.40 -22.05 -51.23
CA GLU B 538 7.52 -22.54 -50.43
C GLU B 538 7.20 -22.63 -48.94
N LEU B 539 6.03 -22.15 -48.52
CA LEU B 539 5.68 -22.21 -47.11
C LEU B 539 5.55 -23.64 -46.61
N LYS B 540 5.24 -24.58 -47.49
CA LYS B 540 5.05 -25.98 -47.11
C LYS B 540 6.35 -26.75 -47.04
N LYS B 541 7.48 -26.16 -47.42
CA LYS B 541 8.74 -26.88 -47.41
C LYS B 541 9.20 -27.13 -45.97
N PRO B 542 9.96 -28.18 -45.73
CA PRO B 542 10.50 -28.40 -44.39
C PRO B 542 11.37 -27.25 -43.94
N VAL B 543 11.35 -26.96 -42.63
CA VAL B 543 12.05 -25.81 -42.11
C VAL B 543 13.54 -25.89 -42.40
N ASP B 544 14.13 -27.07 -42.22
CA ASP B 544 15.56 -27.22 -42.45
C ASP B 544 15.97 -26.82 -43.85
N ASP B 545 15.06 -26.90 -44.81
CA ASP B 545 15.30 -26.45 -46.17
C ASP B 545 14.99 -24.97 -46.37
N ILE B 546 14.55 -24.27 -45.33
CA ILE B 546 14.17 -22.87 -45.43
C ILE B 546 15.38 -22.01 -45.09
N THR B 547 15.68 -21.04 -45.96
CA THR B 547 16.67 -20.02 -45.69
C THR B 547 15.98 -18.66 -45.72
N PRO B 548 15.95 -17.90 -44.63
CA PRO B 548 15.13 -16.68 -44.59
C PRO B 548 15.55 -15.63 -45.60
N THR B 549 16.68 -15.80 -46.29
CA THR B 549 17.09 -14.81 -47.28
C THR B 549 16.01 -14.62 -48.35
N ARG B 550 15.55 -15.72 -48.95
CA ARG B 550 14.51 -15.61 -49.95
C ARG B 550 13.20 -15.11 -49.35
N LEU B 551 12.92 -15.48 -48.10
CA LEU B 551 11.71 -14.98 -47.45
C LEU B 551 11.72 -13.47 -47.37
N GLU B 552 12.83 -12.89 -46.89
CA GLU B 552 12.92 -11.44 -46.81
C GLU B 552 12.97 -10.80 -48.19
N ALA B 553 13.57 -11.49 -49.17
CA ALA B 553 13.55 -10.97 -50.53
C ALA B 553 12.12 -10.84 -51.04
N LEU B 554 11.31 -11.87 -50.83
CA LEU B 554 9.91 -11.80 -51.22
C LEU B 554 9.17 -10.71 -50.43
N LEU B 555 9.47 -10.59 -49.15
CA LEU B 555 8.84 -9.55 -48.34
C LEU B 555 9.10 -8.17 -48.93
N GLU B 556 10.37 -7.87 -49.21
CA GLU B 556 10.71 -6.56 -49.76
C GLU B 556 10.13 -6.37 -51.16
N LEU B 557 10.13 -7.43 -51.98
CA LEU B 557 9.51 -7.33 -53.29
C LEU B 557 8.04 -6.95 -53.17
N ALA B 558 7.31 -7.61 -52.27
CA ALA B 558 5.91 -7.28 -52.06
C ALA B 558 5.76 -5.84 -51.55
N LEU B 559 6.62 -5.44 -50.62
CA LEU B 559 6.55 -4.07 -50.09
C LEU B 559 6.70 -3.06 -51.21
N ARG B 560 7.71 -3.22 -52.07
CA ARG B 560 7.93 -2.29 -53.17
C ARG B 560 6.88 -2.42 -54.26
N MET B 561 6.24 -3.57 -54.39
CA MET B 561 5.22 -3.80 -55.41
C MET B 561 3.82 -3.49 -54.88
N SER B 562 3.71 -2.57 -53.93
CA SER B 562 2.43 -2.20 -53.35
C SER B 562 2.37 -0.68 -53.23
N THR B 563 1.28 -0.19 -52.63
CA THR B 563 1.07 1.23 -52.42
C THR B 563 0.91 1.57 -50.94
N ALA B 564 1.46 0.74 -50.05
CA ALA B 564 1.40 0.97 -48.61
C ALA B 564 2.71 1.49 -48.05
N ASN B 565 3.57 2.05 -48.90
CA ASN B 565 4.89 2.52 -48.49
C ASN B 565 4.82 3.83 -47.71
N THR B 566 3.64 4.43 -47.54
CA THR B 566 3.56 5.70 -46.83
C THR B 566 4.21 5.61 -45.44
N ASP B 567 4.11 4.47 -44.79
CA ASP B 567 4.73 4.32 -43.48
C ASP B 567 6.25 4.41 -43.63
N PRO B 568 6.91 5.23 -42.82
CA PRO B 568 8.37 5.35 -42.89
C PRO B 568 9.14 4.44 -41.95
N PHE B 569 8.49 3.45 -41.33
CA PHE B 569 9.12 2.61 -40.32
C PHE B 569 9.06 1.13 -40.68
N LYS B 570 8.84 0.80 -41.95
CA LYS B 570 8.82 -0.59 -42.38
C LYS B 570 10.19 -1.24 -42.34
N ASP B 571 11.26 -0.46 -42.13
CA ASP B 571 12.62 -0.96 -42.22
C ASP B 571 13.09 -1.62 -40.94
N ASP B 572 12.22 -1.77 -39.95
CA ASP B 572 12.56 -2.39 -38.67
C ASP B 572 11.79 -3.69 -38.49
N LEU B 573 11.68 -4.49 -39.55
CA LEU B 573 11.00 -5.78 -39.50
C LEU B 573 11.91 -6.85 -40.10
N LYS B 574 11.75 -8.07 -39.61
CA LYS B 574 12.53 -9.20 -40.09
C LYS B 574 11.68 -10.47 -39.97
N ILE B 575 12.05 -11.48 -40.75
CA ILE B 575 11.35 -12.76 -40.76
C ILE B 575 12.19 -13.77 -39.98
N ASP B 576 11.55 -14.46 -39.04
CA ASP B 576 12.21 -15.47 -38.24
C ASP B 576 11.43 -16.76 -38.34
N LEU B 577 12.09 -17.86 -37.98
CA LEU B 577 11.49 -19.20 -37.97
C LEU B 577 11.62 -19.72 -36.55
N MET B 578 10.64 -19.40 -35.72
CA MET B 578 10.68 -19.82 -34.33
C MET B 578 10.61 -21.35 -34.26
N PRO B 579 11.50 -22.01 -33.50
CA PRO B 579 11.55 -23.47 -33.55
C PRO B 579 10.50 -24.14 -32.67
N HIS B 580 9.27 -23.65 -32.72
CA HIS B 580 8.17 -24.25 -31.99
C HIS B 580 6.86 -23.69 -32.51
N ASP B 581 5.77 -24.39 -32.21
CA ASP B 581 4.44 -24.04 -32.67
C ASP B 581 3.60 -23.49 -31.52
N LEU B 582 2.44 -22.93 -31.89
CA LEU B 582 1.55 -22.39 -30.89
C LEU B 582 1.09 -23.48 -29.93
N ILE B 583 0.67 -24.63 -30.46
CA ILE B 583 0.05 -25.64 -29.62
C ILE B 583 1.03 -26.13 -28.56
N THR B 584 2.22 -26.56 -28.98
CA THR B 584 3.18 -27.12 -28.02
C THR B 584 3.70 -26.03 -27.09
N GLN B 585 4.03 -24.86 -27.64
CA GLN B 585 4.51 -23.77 -26.81
C GLN B 585 3.51 -23.44 -25.70
N LEU B 586 2.25 -23.24 -26.07
CA LEU B 586 1.24 -22.85 -25.09
C LEU B 586 0.92 -23.99 -24.13
N LEU B 587 0.91 -25.24 -24.60
CA LEU B 587 0.69 -26.35 -23.68
C LEU B 587 1.80 -26.42 -22.64
N ARG B 588 3.05 -26.25 -23.07
CA ARG B 588 4.14 -26.19 -22.11
C ARG B 588 3.96 -25.02 -21.15
N VAL B 589 3.53 -23.87 -21.68
CA VAL B 589 3.38 -22.69 -20.85
C VAL B 589 2.33 -22.91 -19.76
N LEU B 590 1.19 -23.50 -20.13
CA LEU B 590 0.06 -23.61 -19.22
C LEU B 590 0.16 -24.86 -18.33
N ALA B 591 0.27 -26.03 -18.95
CA ALA B 591 0.22 -27.29 -18.20
C ALA B 591 1.55 -27.49 -17.47
N ILE B 592 1.65 -26.86 -16.31
CA ILE B 592 2.85 -26.94 -15.47
C ILE B 592 2.43 -27.16 -14.04
N GLU B 593 3.33 -27.76 -13.26
CA GLU B 593 3.20 -27.87 -11.81
C GLU B 593 2.20 -28.94 -11.38
N THR B 594 1.52 -29.57 -12.34
CA THR B 594 0.59 -30.65 -11.99
C THR B 594 1.24 -32.03 -12.15
N GLN B 595 1.52 -32.42 -13.39
CA GLN B 595 2.35 -33.59 -13.64
C GLN B 595 3.28 -33.41 -14.82
N GLN B 596 3.32 -32.23 -15.44
CA GLN B 596 3.98 -32.03 -16.73
C GLN B 596 5.13 -31.04 -16.63
N GLU B 597 5.72 -30.91 -15.44
CA GLU B 597 6.87 -30.01 -15.30
C GLU B 597 8.04 -30.50 -16.16
N LYS B 598 8.28 -31.80 -16.17
CA LYS B 598 9.30 -32.40 -17.02
C LYS B 598 8.76 -33.56 -17.85
N ALA B 599 7.46 -33.83 -17.80
CA ALA B 599 6.92 -34.99 -18.51
C ALA B 599 7.11 -34.86 -20.01
N MET B 600 6.80 -33.70 -20.58
CA MET B 600 6.90 -33.51 -22.02
C MET B 600 7.45 -32.13 -22.40
N VAL B 601 7.87 -31.31 -21.44
CA VAL B 601 8.45 -30.02 -21.77
C VAL B 601 9.81 -30.20 -22.45
N HIS B 602 10.58 -31.18 -22.00
CA HIS B 602 11.93 -31.38 -22.52
C HIS B 602 11.94 -32.02 -23.91
N ALA B 603 10.79 -32.49 -24.39
CA ALA B 603 10.74 -33.07 -25.73
C ALA B 603 11.25 -32.07 -26.76
N ASP B 604 12.18 -32.51 -27.60
CA ASP B 604 12.81 -31.62 -28.57
C ASP B 604 12.16 -31.82 -29.93
N PRO B 605 11.75 -30.75 -30.63
CA PRO B 605 11.15 -30.93 -31.96
C PRO B 605 12.11 -31.51 -32.98
N THR B 606 13.41 -31.52 -32.71
CA THR B 606 14.36 -32.11 -33.65
C THR B 606 14.02 -33.56 -33.95
N GLU B 607 13.46 -34.28 -32.97
CA GLU B 607 13.07 -35.67 -33.20
C GLU B 607 11.94 -35.78 -34.23
N LEU B 608 11.23 -34.69 -34.50
CA LEU B 608 10.16 -34.65 -35.48
C LEU B 608 10.49 -33.64 -36.56
N THR B 609 9.65 -33.59 -37.59
CA THR B 609 9.82 -32.70 -38.73
C THR B 609 8.83 -31.56 -38.65
N LEU B 610 9.31 -30.34 -38.87
CA LEU B 610 8.49 -29.14 -38.85
C LEU B 610 8.44 -28.52 -40.24
N SER B 611 7.25 -28.06 -40.63
CA SER B 611 7.06 -27.42 -41.92
C SER B 611 7.28 -25.92 -41.80
N GLY B 612 7.30 -25.25 -42.95
CA GLY B 612 7.63 -23.84 -43.01
C GLY B 612 6.50 -22.92 -42.58
N LEU B 613 5.31 -23.45 -42.31
CA LEU B 613 4.19 -22.60 -41.93
C LEU B 613 4.21 -22.29 -40.45
N GLU B 614 4.59 -23.27 -39.62
CA GLU B 614 4.52 -23.07 -38.18
C GLU B 614 5.60 -22.12 -37.69
N ALA B 615 6.86 -22.45 -37.96
CA ALA B 615 7.97 -21.65 -37.42
C ALA B 615 7.93 -20.22 -37.93
N PHE B 616 7.34 -19.98 -39.09
CA PHE B 616 7.35 -18.65 -39.68
C PHE B 616 6.72 -17.64 -38.74
N SER B 617 7.37 -16.48 -38.61
CA SER B 617 6.87 -15.41 -37.76
C SER B 617 7.66 -14.14 -38.07
N PHE B 618 7.18 -13.03 -37.53
CA PHE B 618 7.80 -11.73 -37.71
C PHE B 618 8.48 -11.29 -36.42
N ASP B 619 9.55 -10.52 -36.57
CA ASP B 619 10.28 -9.94 -35.45
C ASP B 619 10.55 -8.48 -35.76
N TYR B 620 10.63 -7.67 -34.70
CA TYR B 620 10.83 -6.24 -34.82
C TYR B 620 12.02 -5.82 -33.97
N VAL B 621 12.85 -4.93 -34.51
CA VAL B 621 14.03 -4.42 -33.83
C VAL B 621 13.98 -2.90 -33.88
N VAL B 622 14.09 -2.27 -32.70
CA VAL B 622 14.09 -0.83 -32.60
C VAL B 622 15.19 -0.41 -31.63
N THR B 623 15.68 0.82 -31.80
CA THR B 623 16.77 1.33 -30.98
C THR B 623 16.27 1.66 -29.58
N TRP B 624 17.24 1.83 -28.66
CA TRP B 624 16.88 2.05 -27.26
C TRP B 624 16.09 3.34 -27.08
N PRO B 625 16.60 4.51 -27.49
CA PRO B 625 15.80 5.73 -27.28
C PRO B 625 14.46 5.71 -27.97
N LEU B 626 14.38 5.09 -29.15
CA LEU B 626 13.15 5.06 -29.93
C LEU B 626 12.28 3.91 -29.45
N SER B 627 11.17 4.25 -28.81
CA SER B 627 10.16 3.28 -28.38
C SER B 627 10.80 2.13 -27.59
N LEU B 628 11.37 2.49 -26.44
CA LEU B 628 11.82 1.48 -25.49
C LEU B 628 10.67 0.61 -25.02
N ILE B 629 9.44 1.12 -25.09
CA ILE B 629 8.28 0.37 -24.62
C ILE B 629 8.12 -0.94 -25.36
N ILE B 630 8.62 -1.04 -26.58
CA ILE B 630 8.49 -2.27 -27.36
C ILE B 630 9.57 -3.22 -26.88
N ASN B 631 9.24 -4.00 -25.84
CA ASN B 631 10.19 -4.89 -25.21
C ASN B 631 10.11 -6.28 -25.83
N ARG B 632 11.14 -7.07 -25.59
CA ARG B 632 11.15 -8.44 -26.10
C ARG B 632 9.91 -9.20 -25.63
N LYS B 633 9.42 -8.90 -24.43
CA LYS B 633 8.17 -9.50 -23.99
C LYS B 633 7.01 -9.07 -24.88
N ALA B 634 6.93 -7.76 -25.16
CA ALA B 634 5.89 -7.28 -26.06
C ALA B 634 6.04 -7.88 -27.45
N LEU B 635 7.28 -8.04 -27.91
CA LEU B 635 7.52 -8.69 -29.19
C LEU B 635 7.00 -10.11 -29.17
N THR B 636 7.23 -10.84 -28.07
CA THR B 636 6.72 -12.20 -27.96
C THR B 636 5.20 -12.23 -28.05
N ARG B 637 4.54 -11.35 -27.30
CA ARG B 637 3.08 -11.33 -27.34
C ARG B 637 2.60 -11.01 -28.76
N TYR B 638 3.20 -10.01 -29.39
CA TYR B 638 2.79 -9.61 -30.73
C TYR B 638 2.98 -10.75 -31.71
N GLN B 639 4.11 -11.44 -31.65
CA GLN B 639 4.37 -12.51 -32.63
C GLN B 639 3.42 -13.68 -32.39
N MET B 640 3.14 -14.03 -31.14
CA MET B 640 2.16 -15.08 -30.87
C MET B 640 0.81 -14.72 -31.48
N LEU B 641 0.31 -13.52 -31.19
CA LEU B 641 -0.99 -13.13 -31.71
C LEU B 641 -0.98 -13.10 -33.23
N PHE B 642 0.07 -12.55 -33.83
CA PHE B 642 0.13 -12.45 -35.28
C PHE B 642 0.17 -13.82 -35.94
N ARG B 643 0.95 -14.75 -35.40
CA ARG B 643 1.02 -16.07 -36.01
C ARG B 643 -0.29 -16.81 -35.86
N HIS B 644 -0.97 -16.66 -34.72
CA HIS B 644 -2.29 -17.28 -34.59
C HIS B 644 -3.26 -16.71 -35.62
N MET B 645 -3.34 -15.39 -35.72
CA MET B 645 -4.25 -14.78 -36.68
C MET B 645 -3.88 -15.16 -38.11
N PHE B 646 -2.59 -15.21 -38.41
CA PHE B 646 -2.14 -15.56 -39.75
C PHE B 646 -2.46 -17.01 -40.08
N TYR B 647 -2.35 -17.91 -39.11
CA TYR B 647 -2.76 -19.29 -39.35
C TYR B 647 -4.25 -19.38 -39.62
N CYS B 648 -5.05 -18.63 -38.86
CA CYS B 648 -6.49 -18.61 -39.16
C CYS B 648 -6.74 -18.09 -40.57
N LYS B 649 -6.05 -17.02 -40.95
CA LYS B 649 -6.20 -16.49 -42.31
C LYS B 649 -5.77 -17.51 -43.34
N HIS B 650 -4.72 -18.27 -43.05
CA HIS B 650 -4.26 -19.30 -43.98
C HIS B 650 -5.31 -20.39 -44.15
N VAL B 651 -5.95 -20.80 -43.06
CA VAL B 651 -7.01 -21.79 -43.15
C VAL B 651 -8.16 -21.24 -43.98
N GLU B 652 -8.54 -19.98 -43.76
CA GLU B 652 -9.59 -19.38 -44.56
C GLU B 652 -9.21 -19.36 -46.03
N ARG B 653 -7.96 -19.01 -46.33
CA ARG B 653 -7.50 -19.00 -47.71
C ARG B 653 -7.56 -20.39 -48.33
N GLN B 654 -7.19 -21.42 -47.55
CA GLN B 654 -7.28 -22.78 -48.07
C GLN B 654 -8.71 -23.15 -48.41
N LEU B 655 -9.65 -22.81 -47.53
CA LEU B 655 -11.05 -23.09 -47.82
C LEU B 655 -11.52 -22.35 -49.07
N CYS B 656 -11.15 -21.07 -49.18
CA CYS B 656 -11.57 -20.30 -50.35
C CYS B 656 -10.98 -20.87 -51.63
N SER B 657 -9.72 -21.30 -51.58
CA SER B 657 -9.11 -21.92 -52.76
C SER B 657 -9.81 -23.22 -53.11
N VAL B 658 -10.17 -24.02 -52.11
CA VAL B 658 -10.92 -25.24 -52.37
C VAL B 658 -12.23 -24.89 -53.07
N TRP B 659 -12.91 -23.85 -52.62
CA TRP B 659 -14.12 -23.40 -53.30
C TRP B 659 -13.83 -23.00 -54.74
N ILE B 660 -12.70 -22.30 -54.96
CA ILE B 660 -12.37 -21.82 -56.29
C ILE B 660 -12.14 -23.00 -57.23
N SER B 661 -11.44 -24.03 -56.76
CA SER B 661 -10.98 -25.10 -57.65
C SER B 661 -12.14 -25.80 -58.33
N ASN B 662 -13.19 -26.12 -57.58
CA ASN B 662 -14.31 -26.90 -58.10
C ASN B 662 -15.33 -25.96 -58.72
N LYS B 663 -15.35 -25.92 -60.06
CA LYS B 663 -16.33 -25.15 -60.80
C LYS B 663 -16.88 -25.90 -62.00
N ALA B 664 -16.41 -27.12 -62.26
CA ALA B 664 -16.95 -27.91 -63.37
C ALA B 664 -18.45 -28.15 -63.21
N ALA B 665 -18.94 -28.16 -61.98
CA ALA B 665 -20.37 -28.35 -61.72
C ALA B 665 -21.18 -27.08 -61.93
N LYS B 666 -20.60 -26.06 -62.56
CA LYS B 666 -21.34 -24.82 -62.81
C LYS B 666 -22.57 -25.08 -63.67
N ARG B 667 -22.43 -25.89 -64.72
CA ARG B 667 -23.51 -26.21 -65.64
C ARG B 667 -23.64 -27.71 -65.86
N PHE B 668 -23.21 -28.51 -64.88
CA PHE B 668 -23.34 -29.96 -64.93
C PHE B 668 -24.27 -30.39 -63.80
N SER B 669 -24.46 -31.70 -63.66
CA SER B 669 -25.41 -32.25 -62.71
C SER B 669 -25.02 -31.87 -61.29
N LEU B 670 -25.84 -31.04 -60.65
CA LEU B 670 -25.59 -30.67 -59.26
C LEU B 670 -25.83 -31.84 -58.33
N HIS B 671 -26.96 -32.53 -58.49
CA HIS B 671 -27.35 -33.58 -57.56
C HIS B 671 -26.49 -34.82 -57.69
N SER B 672 -25.99 -35.13 -58.88
CA SER B 672 -25.25 -36.36 -59.11
C SER B 672 -23.83 -36.22 -58.57
N ALA B 673 -23.00 -37.21 -58.85
CA ALA B 673 -21.59 -37.20 -58.45
C ALA B 673 -21.41 -37.49 -56.97
N LYS B 674 -22.53 -37.60 -56.24
CA LYS B 674 -22.52 -38.04 -54.85
C LYS B 674 -21.44 -37.37 -54.02
N TRP B 675 -20.35 -38.08 -53.73
CA TRP B 675 -19.29 -37.53 -52.88
C TRP B 675 -18.43 -36.51 -53.61
N PHE B 676 -18.59 -36.36 -54.92
CA PHE B 676 -18.02 -35.23 -55.63
C PHE B 676 -18.90 -34.00 -55.53
N ALA B 677 -20.07 -34.12 -54.90
CA ALA B 677 -20.98 -33.01 -54.70
C ALA B 677 -21.45 -32.85 -53.26
N GLY B 678 -21.45 -33.90 -52.45
CA GLY B 678 -21.86 -33.76 -51.07
C GLY B 678 -20.96 -32.84 -50.28
N ALA B 679 -19.65 -32.97 -50.46
CA ALA B 679 -18.68 -32.14 -49.75
C ALA B 679 -19.12 -30.68 -49.71
N PHE B 680 -19.84 -30.22 -50.73
CA PHE B 680 -20.37 -28.87 -50.77
C PHE B 680 -20.84 -28.43 -49.39
N THR B 681 -21.81 -29.16 -48.83
CA THR B 681 -22.36 -28.74 -47.54
C THR B 681 -21.27 -28.54 -46.51
N LEU B 682 -20.40 -29.56 -46.33
CA LEU B 682 -19.34 -29.43 -45.34
C LEU B 682 -18.59 -28.12 -45.53
N ARG B 683 -18.17 -27.85 -46.77
CA ARG B 683 -17.41 -26.63 -47.01
C ARG B 683 -18.14 -25.42 -46.47
N GLN B 684 -19.41 -25.26 -46.85
CA GLN B 684 -20.20 -24.15 -46.31
C GLN B 684 -19.99 -24.05 -44.81
N ARG B 685 -20.30 -25.12 -44.08
CA ARG B 685 -20.12 -25.11 -42.64
C ARG B 685 -18.77 -24.50 -42.28
N MET B 686 -17.68 -25.12 -42.74
CA MET B 686 -16.36 -24.65 -42.36
C MET B 686 -16.26 -23.15 -42.58
N LEU B 687 -16.59 -22.70 -43.79
CA LEU B 687 -16.51 -21.27 -44.09
C LEU B 687 -17.15 -20.47 -42.98
N ASN B 688 -18.45 -20.67 -42.75
CA ASN B 688 -19.13 -19.87 -41.75
C ASN B 688 -18.36 -19.90 -40.45
N PHE B 689 -18.03 -21.10 -39.97
CA PHE B 689 -17.28 -21.22 -38.73
C PHE B 689 -16.11 -20.25 -38.72
N VAL B 690 -15.17 -20.44 -39.66
CA VAL B 690 -13.98 -19.59 -39.62
C VAL B 690 -14.39 -18.13 -39.67
N GLN B 691 -15.28 -17.78 -40.59
CA GLN B 691 -15.73 -16.40 -40.66
C GLN B 691 -16.12 -15.90 -39.28
N ASN B 692 -17.06 -16.59 -38.64
CA ASN B 692 -17.48 -16.18 -37.31
C ASN B 692 -16.28 -15.84 -36.45
N ILE B 693 -15.39 -16.82 -36.24
CA ILE B 693 -14.31 -16.60 -35.28
C ILE B 693 -13.48 -15.40 -35.70
N GLN B 694 -13.14 -15.30 -36.99
CA GLN B 694 -12.28 -14.20 -37.40
C GLN B 694 -12.96 -12.86 -37.11
N SER B 695 -14.27 -12.78 -37.35
CA SER B 695 -14.98 -11.56 -37.01
C SER B 695 -14.85 -11.28 -35.51
N TYR B 696 -15.09 -12.29 -34.69
CA TYR B 696 -14.95 -12.11 -33.25
C TYR B 696 -13.53 -11.68 -32.89
N MET B 697 -12.56 -12.11 -33.69
CA MET B 697 -11.18 -11.70 -33.42
C MET B 697 -10.92 -10.28 -33.89
N MET B 698 -11.58 -9.83 -34.95
CA MET B 698 -11.29 -8.51 -35.49
C MET B 698 -12.09 -7.42 -34.77
N PHE B 699 -13.42 -7.45 -34.87
CA PHE B 699 -14.23 -6.36 -34.34
C PHE B 699 -14.34 -6.41 -32.82
N GLU B 700 -14.29 -7.60 -32.23
CA GLU B 700 -14.48 -7.74 -30.79
C GLU B 700 -13.17 -7.80 -30.01
N VAL B 701 -12.03 -7.63 -30.69
CA VAL B 701 -10.73 -7.60 -30.01
C VAL B 701 -10.01 -6.32 -30.40
N MET B 702 -9.84 -6.10 -31.71
CA MET B 702 -9.10 -4.94 -32.17
C MET B 702 -9.75 -3.65 -31.70
N GLU B 703 -11.05 -3.49 -31.96
CA GLU B 703 -11.70 -2.20 -31.70
C GLU B 703 -11.64 -1.82 -30.23
N PRO B 704 -12.07 -2.65 -29.28
CA PRO B 704 -12.10 -2.19 -27.88
C PRO B 704 -10.72 -1.84 -27.34
N THR B 705 -9.80 -2.80 -27.43
CA THR B 705 -8.46 -2.57 -26.88
C THR B 705 -7.75 -1.43 -27.60
N TRP B 706 -7.88 -1.34 -28.92
CA TRP B 706 -7.25 -0.25 -29.65
C TRP B 706 -7.81 1.10 -29.21
N HIS B 707 -9.14 1.22 -29.13
CA HIS B 707 -9.71 2.50 -28.77
C HIS B 707 -9.32 2.89 -27.35
N VAL B 708 -9.39 1.94 -26.41
CA VAL B 708 -9.05 2.27 -25.03
C VAL B 708 -7.58 2.66 -24.91
N LEU B 709 -6.70 1.95 -25.62
CA LEU B 709 -5.28 2.31 -25.57
C LEU B 709 -5.05 3.69 -26.16
N GLU B 710 -5.54 3.94 -27.38
CA GLU B 710 -5.30 5.21 -28.02
C GLU B 710 -5.93 6.36 -27.27
N GLN B 711 -6.96 6.09 -26.47
CA GLN B 711 -7.55 7.15 -25.65
C GLN B 711 -6.75 7.39 -24.38
N ASN B 712 -6.58 6.35 -23.56
CA ASN B 712 -5.90 6.53 -22.28
C ASN B 712 -4.47 7.01 -22.47
N LEU B 713 -3.79 6.59 -23.55
CA LEU B 713 -2.44 7.06 -23.79
C LEU B 713 -2.40 8.57 -24.00
N ARG B 714 -3.36 9.12 -24.74
CA ARG B 714 -3.41 10.55 -24.94
C ARG B 714 -3.54 11.31 -23.64
N SER B 715 -4.03 10.66 -22.58
CA SER B 715 -4.13 11.26 -21.26
C SER B 715 -3.05 10.74 -20.31
N ALA B 716 -2.11 9.96 -20.82
CA ALA B 716 -1.05 9.43 -19.98
C ALA B 716 -0.18 10.56 -19.45
N SER B 717 0.26 10.41 -18.20
CA SER B 717 1.06 11.44 -17.52
C SER B 717 2.54 11.10 -17.49
N ASN B 718 2.91 9.88 -17.08
CA ASN B 718 4.31 9.49 -17.03
C ASN B 718 4.55 8.26 -17.88
N ILE B 719 5.80 7.78 -17.91
CA ILE B 719 6.11 6.58 -18.68
C ILE B 719 5.43 5.35 -18.10
N ASP B 720 5.31 5.27 -16.77
CA ASP B 720 4.64 4.11 -16.17
C ASP B 720 3.19 4.01 -16.65
N ASP B 721 2.55 5.16 -16.88
CA ASP B 721 1.17 5.14 -17.36
C ASP B 721 1.07 4.45 -18.71
N VAL B 722 1.92 4.86 -19.67
CA VAL B 722 1.88 4.25 -20.99
C VAL B 722 2.31 2.79 -20.93
N LEU B 723 3.27 2.47 -20.05
CA LEU B 723 3.68 1.08 -19.89
C LEU B 723 2.50 0.22 -19.42
N GLY B 724 1.77 0.69 -18.41
CA GLY B 724 0.60 -0.03 -17.96
C GLY B 724 -0.47 -0.12 -19.03
N HIS B 725 -0.66 0.95 -19.79
CA HIS B 725 -1.64 0.93 -20.87
C HIS B 725 -1.29 -0.13 -21.91
N HIS B 726 -0.02 -0.20 -22.30
CA HIS B 726 0.39 -1.20 -23.28
C HIS B 726 0.24 -2.60 -22.72
N ALA B 727 0.60 -2.80 -21.44
CA ALA B 727 0.43 -4.11 -20.82
C ALA B 727 -1.05 -4.51 -20.83
N SER B 728 -1.93 -3.57 -20.50
CA SER B 728 -3.37 -3.86 -20.52
C SER B 728 -3.85 -4.14 -21.92
N PHE B 729 -3.30 -3.44 -22.91
CA PHE B 729 -3.67 -3.72 -24.30
C PHE B 729 -3.32 -5.15 -24.68
N LEU B 730 -2.10 -5.57 -24.36
CA LEU B 730 -1.69 -6.93 -24.65
C LEU B 730 -2.56 -7.93 -23.88
N ASP B 731 -2.87 -7.61 -22.62
CA ASP B 731 -3.75 -8.46 -21.83
C ASP B 731 -5.10 -8.63 -22.52
N ASN B 732 -5.71 -7.52 -22.93
CA ASN B 732 -7.01 -7.59 -23.57
C ASN B 732 -6.94 -8.42 -24.84
N CYS B 733 -5.92 -8.18 -25.66
CA CYS B 733 -5.82 -8.90 -26.91
C CYS B 733 -5.64 -10.40 -26.69
N LEU B 734 -4.80 -10.78 -25.72
CA LEU B 734 -4.53 -12.20 -25.50
C LEU B 734 -5.69 -12.89 -24.79
N LYS B 735 -6.46 -12.16 -23.98
CA LYS B 735 -7.61 -12.75 -23.33
C LYS B 735 -8.78 -12.91 -24.28
N ASP B 736 -8.92 -11.98 -25.24
CA ASP B 736 -10.03 -12.07 -26.20
C ASP B 736 -9.99 -13.40 -26.95
N CYS B 737 -8.81 -13.79 -27.43
CA CYS B 737 -8.67 -15.07 -28.11
C CYS B 737 -8.73 -16.25 -27.15
N MET B 738 -8.72 -16.01 -25.84
CA MET B 738 -8.86 -17.06 -24.84
C MET B 738 -7.81 -18.15 -25.03
N LEU B 739 -6.58 -17.71 -25.26
CA LEU B 739 -5.43 -18.62 -25.38
C LEU B 739 -4.82 -18.97 -24.03
N THR B 740 -5.57 -18.80 -22.94
CA THR B 740 -5.08 -19.03 -21.59
C THR B 740 -5.80 -20.20 -20.94
N ASN B 741 -5.99 -21.28 -21.69
CA ASN B 741 -6.61 -22.49 -21.16
C ASN B 741 -6.20 -23.69 -22.01
N PRO B 742 -5.84 -24.81 -21.39
CA PRO B 742 -5.35 -25.95 -22.17
C PRO B 742 -6.42 -26.60 -23.02
N GLU B 743 -7.58 -26.88 -22.43
CA GLU B 743 -8.60 -27.65 -23.14
C GLU B 743 -9.10 -26.91 -24.38
N LEU B 744 -9.38 -25.61 -24.25
CA LEU B 744 -9.91 -24.87 -25.39
C LEU B 744 -8.88 -24.77 -26.50
N LEU B 745 -7.63 -24.47 -26.15
CA LEU B 745 -6.56 -24.45 -27.14
C LEU B 745 -6.44 -25.79 -27.85
N ARG B 746 -6.46 -26.89 -27.08
CA ARG B 746 -6.29 -28.21 -27.67
C ARG B 746 -7.42 -28.52 -28.64
N VAL B 747 -8.66 -28.25 -28.23
CA VAL B 747 -9.79 -28.58 -29.10
C VAL B 747 -9.78 -27.70 -30.35
N PHE B 748 -9.45 -26.42 -30.20
CA PHE B 748 -9.38 -25.54 -31.36
C PHE B 748 -8.30 -25.99 -32.33
N SER B 749 -7.14 -26.37 -31.80
CA SER B 749 -6.06 -26.87 -32.66
C SER B 749 -6.49 -28.16 -33.36
N LYS B 750 -7.20 -29.04 -32.65
CA LYS B 750 -7.70 -30.25 -33.28
C LYS B 750 -8.65 -29.92 -34.41
N LEU B 751 -9.56 -28.98 -34.20
CA LEU B 751 -10.49 -28.58 -35.26
C LEU B 751 -9.72 -28.05 -36.47
N MET B 752 -8.75 -27.18 -36.23
CA MET B 752 -7.98 -26.62 -37.34
C MET B 752 -7.24 -27.72 -38.09
N SER B 753 -6.61 -28.64 -37.35
CA SER B 753 -5.85 -29.71 -37.99
C SER B 753 -6.75 -30.59 -38.84
N VAL B 754 -7.92 -30.96 -38.31
CA VAL B 754 -8.80 -31.84 -39.07
C VAL B 754 -9.36 -31.13 -40.29
N CYS B 755 -9.69 -29.84 -40.17
CA CYS B 755 -10.18 -29.11 -41.33
C CYS B 755 -9.10 -29.00 -42.40
N VAL B 756 -7.85 -28.74 -41.99
CA VAL B 756 -6.76 -28.69 -42.96
C VAL B 756 -6.57 -30.04 -43.64
N MET B 757 -6.64 -31.12 -42.85
CA MET B 757 -6.50 -32.46 -43.42
C MET B 757 -7.60 -32.70 -44.45
N PHE B 758 -8.84 -32.31 -44.14
CA PHE B 758 -9.92 -32.45 -45.09
C PHE B 758 -9.63 -31.65 -46.36
N THR B 759 -9.14 -30.43 -46.21
CA THR B 759 -8.87 -29.59 -47.37
C THR B 759 -7.84 -30.25 -48.28
N ASN B 760 -6.73 -30.74 -47.71
CA ASN B 760 -5.70 -31.33 -48.55
C ASN B 760 -6.16 -32.65 -49.15
N CYS B 761 -6.95 -33.44 -48.41
CA CYS B 761 -7.46 -34.68 -48.98
C CYS B 761 -8.41 -34.39 -50.13
N LEU B 762 -9.26 -33.37 -49.99
CA LEU B 762 -10.19 -33.03 -51.06
C LEU B 762 -9.45 -32.50 -52.28
N GLN B 763 -8.42 -31.68 -52.07
CA GLN B 763 -7.65 -31.21 -53.23
C GLN B 763 -6.90 -32.36 -53.88
N ARG B 764 -6.44 -33.33 -53.10
CA ARG B 764 -5.86 -34.54 -53.68
C ARG B 764 -6.87 -35.28 -54.54
N PHE B 765 -8.10 -35.43 -54.04
CA PHE B 765 -9.14 -36.09 -54.83
C PHE B 765 -9.40 -35.33 -56.12
N THR B 766 -9.50 -34.00 -56.05
CA THR B 766 -9.76 -33.21 -57.24
C THR B 766 -8.62 -33.35 -58.24
N GLN B 767 -7.38 -33.33 -57.77
CA GLN B 767 -6.24 -33.50 -58.67
C GLN B 767 -6.27 -34.87 -59.33
N SER B 768 -6.57 -35.92 -58.56
CA SER B 768 -6.63 -37.26 -59.12
C SER B 768 -7.73 -37.36 -60.18
N MET B 769 -8.89 -36.76 -59.92
CA MET B 769 -9.96 -36.76 -60.91
C MET B 769 -9.54 -36.00 -62.16
N LYS B 770 -8.87 -34.84 -61.98
CA LYS B 770 -8.49 -34.02 -63.12
C LYS B 770 -7.48 -34.74 -64.00
N LEU B 771 -6.44 -35.32 -63.40
CA LEU B 771 -5.40 -35.95 -64.21
C LEU B 771 -5.95 -37.13 -65.01
N ASP B 772 -7.07 -37.71 -64.59
CA ASP B 772 -7.74 -38.77 -65.34
C ASP B 772 -8.88 -38.24 -66.21
N SER B 773 -9.09 -36.92 -66.24
CA SER B 773 -10.15 -36.34 -67.04
C SER B 773 -9.60 -35.26 -67.96
N PRO B 815 -2.66 -46.37 -55.17
CA PRO B 815 -2.03 -46.36 -53.84
C PRO B 815 -2.94 -45.77 -52.77
N GLN B 816 -2.34 -45.22 -51.71
CA GLN B 816 -3.13 -44.56 -50.68
C GLN B 816 -4.01 -43.47 -51.28
N LEU B 817 -3.45 -42.68 -52.21
CA LEU B 817 -4.23 -41.62 -52.83
C LEU B 817 -5.41 -42.19 -53.60
N ALA B 818 -5.18 -43.25 -54.37
CA ALA B 818 -6.24 -43.84 -55.17
C ALA B 818 -7.33 -44.50 -54.32
N SER B 819 -6.99 -44.94 -53.11
CA SER B 819 -7.94 -45.61 -52.22
C SER B 819 -8.30 -44.74 -51.02
N SER B 820 -8.16 -43.42 -51.15
CA SER B 820 -8.46 -42.51 -50.05
C SER B 820 -9.94 -42.17 -49.94
N PHE B 821 -10.78 -42.68 -50.85
CA PHE B 821 -12.21 -42.38 -50.84
C PHE B 821 -12.99 -43.64 -50.48
N GLU B 822 -13.61 -43.63 -49.30
CA GLU B 822 -14.56 -44.64 -48.86
C GLU B 822 -15.75 -43.96 -48.19
N ALA B 823 -16.34 -43.01 -48.90
CA ALA B 823 -17.26 -42.06 -48.30
C ALA B 823 -16.50 -41.19 -47.31
N THR B 824 -15.36 -40.64 -47.77
CA THR B 824 -14.50 -39.88 -46.89
C THR B 824 -15.22 -38.68 -46.29
N ILE B 825 -16.10 -38.04 -47.07
CA ILE B 825 -16.82 -36.88 -46.56
C ILE B 825 -17.63 -37.26 -45.33
N THR B 826 -18.26 -38.44 -45.35
CA THR B 826 -19.05 -38.87 -44.21
C THR B 826 -18.18 -39.00 -42.96
N LYS B 827 -17.01 -39.62 -43.08
CA LYS B 827 -16.13 -39.78 -41.94
C LYS B 827 -15.65 -38.43 -41.43
N PHE B 828 -15.25 -37.55 -42.34
CA PHE B 828 -14.76 -36.24 -41.93
C PHE B 828 -15.85 -35.46 -41.19
N ASP B 829 -17.07 -35.48 -41.73
CA ASP B 829 -18.17 -34.80 -41.05
C ASP B 829 -18.45 -35.43 -39.70
N LYS B 830 -18.42 -36.77 -39.63
CA LYS B 830 -18.69 -37.45 -38.37
C LYS B 830 -17.70 -37.00 -37.30
N ASN B 831 -16.42 -36.88 -37.66
CA ASN B 831 -15.45 -36.42 -36.67
C ASN B 831 -15.62 -34.94 -36.36
N PHE B 832 -15.79 -34.11 -37.40
CA PHE B 832 -15.80 -32.67 -37.21
C PHE B 832 -16.99 -32.21 -36.39
N SER B 833 -18.18 -32.76 -36.67
CA SER B 833 -19.36 -32.33 -35.93
C SER B 833 -19.21 -32.63 -34.45
N ALA B 834 -18.71 -33.83 -34.12
CA ALA B 834 -18.48 -34.16 -32.72
C ALA B 834 -17.46 -33.22 -32.10
N HIS B 835 -16.37 -32.93 -32.82
CA HIS B 835 -15.36 -32.03 -32.28
C HIS B 835 -15.96 -30.65 -32.01
N LEU B 836 -16.74 -30.13 -32.96
CA LEU B 836 -17.30 -28.79 -32.81
C LEU B 836 -18.32 -28.74 -31.67
N LEU B 837 -19.17 -29.77 -31.55
CA LEU B 837 -20.13 -29.78 -30.45
C LEU B 837 -19.40 -29.88 -29.12
N ASP B 838 -18.33 -30.67 -29.05
CA ASP B 838 -17.54 -30.73 -27.82
C ASP B 838 -16.95 -29.37 -27.50
N LEU B 839 -16.44 -28.67 -28.52
CA LEU B 839 -15.88 -27.34 -28.29
C LEU B 839 -16.95 -26.38 -27.77
N LEU B 840 -18.14 -26.43 -28.35
CA LEU B 840 -19.21 -25.55 -27.89
C LEU B 840 -19.62 -25.89 -26.46
N ALA B 841 -19.65 -27.18 -26.12
CA ALA B 841 -19.95 -27.57 -24.75
C ALA B 841 -18.91 -27.04 -23.78
N ARG B 842 -17.63 -27.15 -24.15
CA ARG B 842 -16.56 -26.60 -23.31
C ARG B 842 -16.74 -25.10 -23.14
N LEU B 843 -17.05 -24.40 -24.24
CA LEU B 843 -17.24 -22.95 -24.17
C LEU B 843 -18.38 -22.60 -23.23
N SER B 844 -19.51 -23.30 -23.36
CA SER B 844 -20.66 -23.00 -22.51
C SER B 844 -20.35 -23.28 -21.04
N ILE B 845 -19.70 -24.41 -20.76
CA ILE B 845 -19.41 -24.76 -19.38
C ILE B 845 -18.44 -23.74 -18.77
N TYR B 846 -17.42 -23.34 -19.52
CA TYR B 846 -16.48 -22.36 -18.98
C TYR B 846 -17.12 -20.99 -18.84
N SER B 847 -18.04 -20.62 -19.75
CA SER B 847 -18.68 -19.31 -19.66
C SER B 847 -19.63 -19.25 -18.47
N THR B 848 -20.32 -20.35 -18.16
CA THR B 848 -21.25 -20.34 -17.04
C THR B 848 -20.55 -20.03 -15.72
N SER B 849 -19.24 -20.28 -15.63
CA SER B 849 -18.47 -19.92 -14.45
C SER B 849 -17.62 -18.68 -14.64
N ASP B 850 -17.35 -18.28 -15.89
CA ASP B 850 -16.54 -17.10 -16.17
C ASP B 850 -17.37 -15.92 -16.63
N CYS B 851 -18.70 -16.03 -16.66
CA CYS B 851 -19.62 -14.94 -16.99
C CYS B 851 -19.14 -14.29 -18.28
N GLU B 852 -19.00 -12.97 -18.35
CA GLU B 852 -18.59 -12.28 -19.57
C GLU B 852 -19.62 -12.47 -20.69
N HIS B 853 -19.47 -11.71 -21.77
CA HIS B 853 -20.39 -11.78 -22.90
C HIS B 853 -19.69 -12.06 -24.22
N GLY B 854 -18.35 -12.03 -24.28
CA GLY B 854 -17.67 -12.33 -25.52
C GLY B 854 -18.02 -13.71 -26.05
N MET B 855 -17.98 -14.71 -25.18
CA MET B 855 -18.40 -16.05 -25.58
C MET B 855 -19.88 -16.07 -25.92
N ALA B 856 -20.69 -15.27 -25.24
CA ALA B 856 -22.10 -15.18 -25.58
C ALA B 856 -22.29 -14.69 -27.02
N SER B 857 -21.56 -13.63 -27.39
CA SER B 857 -21.62 -13.16 -28.77
C SER B 857 -21.09 -14.21 -29.74
N VAL B 858 -20.04 -14.93 -29.34
CA VAL B 858 -19.48 -15.97 -30.20
C VAL B 858 -20.54 -17.03 -30.50
N ILE B 859 -21.20 -17.52 -29.46
CA ILE B 859 -22.23 -18.55 -29.68
C ILE B 859 -23.41 -17.96 -30.44
N SER B 860 -23.75 -16.71 -30.20
CA SER B 860 -24.86 -16.09 -30.92
C SER B 860 -24.59 -16.05 -32.42
N ARG B 861 -23.39 -15.65 -32.81
CA ARG B 861 -23.06 -15.57 -34.23
C ARG B 861 -22.77 -16.95 -34.82
N LEU B 862 -22.31 -17.90 -34.01
CA LEU B 862 -22.03 -19.23 -34.53
C LEU B 862 -23.28 -19.89 -35.08
N ASP B 863 -24.40 -19.76 -34.36
CA ASP B 863 -25.62 -20.48 -34.66
C ASP B 863 -26.80 -19.52 -34.78
N PHE B 864 -26.62 -18.46 -35.55
CA PHE B 864 -27.66 -17.44 -35.69
C PHE B 864 -28.97 -18.07 -36.14
N ASN B 865 -28.93 -18.92 -37.16
CA ASN B 865 -30.12 -19.59 -37.67
C ASN B 865 -30.33 -20.92 -36.95
N GLY B 866 -31.53 -21.47 -37.14
CA GLY B 866 -31.95 -22.66 -36.43
C GLY B 866 -31.50 -23.98 -37.03
N PHE B 867 -30.77 -23.95 -38.15
CA PHE B 867 -30.40 -25.19 -38.82
C PHE B 867 -29.48 -26.07 -37.97
N TYR B 868 -28.79 -25.51 -36.98
CA TYR B 868 -27.80 -26.25 -36.21
C TYR B 868 -27.94 -25.94 -34.73
N THR B 869 -29.17 -25.93 -34.22
CA THR B 869 -29.46 -25.56 -32.84
C THR B 869 -29.78 -26.74 -31.94
N GLU B 870 -30.76 -27.57 -32.31
CA GLU B 870 -31.25 -28.59 -31.40
C GLU B 870 -30.14 -29.52 -30.93
N ARG B 871 -29.15 -29.79 -31.78
CA ARG B 871 -28.11 -30.75 -31.41
C ARG B 871 -27.32 -30.28 -30.19
N LEU B 872 -27.00 -28.99 -30.13
CA LEU B 872 -26.22 -28.49 -29.00
C LEU B 872 -26.98 -28.67 -27.70
N GLU B 873 -28.28 -28.34 -27.69
CA GLU B 873 -29.08 -28.49 -26.48
C GLU B 873 -29.21 -29.96 -26.10
N ARG B 874 -29.43 -30.84 -27.09
CA ARG B 874 -29.56 -32.26 -26.78
C ARG B 874 -28.27 -32.80 -26.18
N LEU B 875 -27.13 -32.43 -26.74
CA LEU B 875 -25.85 -32.88 -26.18
C LEU B 875 -25.63 -32.31 -24.78
N SER B 876 -25.95 -31.04 -24.57
CA SER B 876 -25.78 -30.43 -23.25
C SER B 876 -26.71 -31.04 -22.21
N ALA B 877 -27.86 -31.56 -22.64
CA ALA B 877 -28.79 -32.16 -21.68
C ALA B 877 -28.14 -33.34 -20.96
N GLU B 878 -27.44 -34.20 -21.70
CA GLU B 878 -26.75 -35.36 -21.16
C GLU B 878 -25.25 -35.05 -21.18
N ARG B 879 -24.68 -34.82 -20.00
CA ARG B 879 -23.26 -34.50 -19.89
C ARG B 879 -22.70 -35.03 -18.58
N ALA C 33 25.19 -8.16 5.28
CA ALA C 33 24.08 -8.83 5.94
C ALA C 33 24.17 -8.69 7.46
N GLU C 34 25.27 -8.12 7.95
CA GLU C 34 25.48 -7.94 9.38
C GLU C 34 25.44 -9.28 10.11
N GLU C 35 25.92 -10.33 9.43
CA GLU C 35 25.84 -11.67 10.00
C GLU C 35 26.42 -11.72 11.41
N THR C 36 27.59 -11.11 11.60
CA THR C 36 28.13 -11.03 12.95
C THR C 36 27.20 -10.25 13.87
N GLU C 37 26.66 -9.13 13.38
CA GLU C 37 25.71 -8.38 14.19
C GLU C 37 24.42 -9.14 14.40
N LEU C 38 23.99 -9.92 13.40
CA LEU C 38 22.81 -10.77 13.60
C LEU C 38 23.05 -11.77 14.73
N PHE C 39 24.22 -12.39 14.76
CA PHE C 39 24.54 -13.30 15.86
C PHE C 39 24.61 -12.56 17.18
N GLU C 40 25.18 -11.35 17.17
CA GLU C 40 25.27 -10.58 18.40
C GLU C 40 23.89 -10.28 18.97
N LEU C 41 22.95 -9.86 18.12
CA LEU C 41 21.61 -9.59 18.60
C LEU C 41 20.88 -10.86 18.97
N ALA C 42 21.19 -11.98 18.30
CA ALA C 42 20.64 -13.26 18.71
C ALA C 42 21.07 -13.61 20.12
N GLN C 43 22.35 -13.41 20.43
CA GLN C 43 22.82 -13.62 21.80
C GLN C 43 22.16 -12.64 22.75
N ALA C 44 22.01 -11.39 22.34
CA ALA C 44 21.34 -10.39 23.16
C ALA C 44 19.93 -10.85 23.52
N ALA C 45 19.26 -11.54 22.60
CA ALA C 45 17.94 -12.09 22.92
C ALA C 45 18.01 -12.96 24.16
N GLY C 46 18.99 -13.85 24.23
CA GLY C 46 19.24 -14.61 25.43
C GLY C 46 18.07 -15.43 25.91
N GLY C 47 17.43 -16.16 25.00
CA GLY C 47 16.28 -16.96 25.36
C GLY C 47 16.66 -18.30 25.95
N ALA C 48 16.00 -19.37 25.49
CA ALA C 48 16.28 -20.71 25.97
C ALA C 48 17.43 -21.35 25.19
N GLU C 52 18.50 -23.92 15.40
CA GLU C 52 17.47 -22.95 15.07
C GLU C 52 18.05 -21.54 15.03
N VAL C 53 17.67 -20.78 14.01
CA VAL C 53 18.12 -19.40 13.87
C VAL C 53 16.91 -18.48 13.85
N PHE C 54 16.04 -18.65 12.85
CA PHE C 54 14.81 -17.88 12.73
C PHE C 54 15.07 -16.41 12.44
N LYS C 55 16.35 -16.01 12.46
CA LYS C 55 16.69 -14.61 12.23
C LYS C 55 16.50 -14.20 10.79
N ILE C 56 16.23 -15.14 9.89
CA ILE C 56 15.89 -14.84 8.51
C ILE C 56 14.70 -13.88 8.52
N LEU C 57 13.87 -13.98 9.57
CA LEU C 57 12.70 -13.11 9.65
C LEU C 57 13.09 -11.64 9.60
N VAL C 58 14.29 -11.28 10.07
CA VAL C 58 14.70 -9.88 10.04
C VAL C 58 14.67 -9.34 8.63
N ASP C 59 14.89 -10.20 7.63
CA ASP C 59 14.81 -9.75 6.25
C ASP C 59 13.47 -9.07 5.96
N LEU C 60 12.39 -9.65 6.46
CA LEU C 60 11.07 -9.03 6.26
C LEU C 60 11.05 -7.64 6.89
N LEU C 61 11.65 -7.49 8.06
CA LEU C 61 11.76 -6.15 8.65
C LEU C 61 12.51 -5.21 7.72
N LYS C 62 13.57 -5.71 7.08
CA LYS C 62 14.30 -4.90 6.10
C LYS C 62 13.44 -4.52 4.91
N LEU C 63 12.33 -5.21 4.67
CA LEU C 63 11.46 -4.95 3.54
C LEU C 63 10.19 -4.21 3.97
N ASN C 64 10.32 -3.34 4.97
CA ASN C 64 9.23 -2.49 5.46
C ASN C 64 7.93 -3.29 5.61
N VAL C 65 8.01 -4.33 6.45
CA VAL C 65 6.85 -5.13 6.79
C VAL C 65 6.26 -4.61 8.09
N ALA C 66 4.95 -4.76 8.22
CA ALA C 66 4.26 -4.30 9.43
C ALA C 66 4.60 -5.21 10.60
N PRO C 67 5.16 -4.69 11.70
CA PRO C 67 5.44 -5.56 12.85
C PRO C 67 4.22 -6.30 13.36
N LEU C 68 3.05 -5.66 13.35
CA LEU C 68 1.83 -6.32 13.80
C LEU C 68 1.51 -7.53 12.94
N ALA C 69 1.69 -7.39 11.62
CA ALA C 69 1.38 -8.51 10.72
C ALA C 69 2.27 -9.71 11.01
N VAL C 70 3.57 -9.48 11.20
CA VAL C 70 4.47 -10.60 11.49
C VAL C 70 4.16 -11.19 12.85
N PHE C 71 3.79 -10.36 13.83
CA PHE C 71 3.46 -10.90 15.15
C PHE C 71 2.22 -11.79 15.09
N GLN C 72 1.19 -11.35 14.38
CA GLN C 72 0.00 -12.19 14.25
C GLN C 72 0.31 -13.43 13.42
N MET C 73 1.23 -13.33 12.46
CA MET C 73 1.69 -14.53 11.76
C MET C 73 2.30 -15.52 12.73
N LEU C 74 3.15 -15.05 13.63
CA LEU C 74 3.77 -15.93 14.62
C LEU C 74 2.70 -16.54 15.52
N LYS C 75 1.73 -15.73 15.95
CA LYS C 75 0.66 -16.25 16.79
C LYS C 75 -0.11 -17.36 16.07
N SER C 76 -0.49 -17.13 14.81
CA SER C 76 -1.22 -18.15 14.06
C SER C 76 -0.38 -19.40 13.87
N MET C 77 0.91 -19.23 13.57
CA MET C 77 1.79 -20.38 13.41
C MET C 77 1.84 -21.19 14.70
N CYS C 78 1.91 -20.51 15.85
CA CYS C 78 1.85 -21.23 17.13
C CYS C 78 0.52 -21.97 17.26
N ALA C 79 -0.59 -21.32 16.88
CA ALA C 79 -1.90 -21.94 17.04
C ALA C 79 -1.99 -23.23 16.24
N GLY C 80 -1.49 -23.23 15.01
CA GLY C 80 -1.52 -24.42 14.17
C GLY C 80 -2.91 -24.77 13.70
N ARG D 58 -19.43 -13.24 0.68
CA ARG D 58 -19.48 -11.83 1.04
C ARG D 58 -19.03 -10.98 -0.16
N ASN D 59 -17.92 -10.25 0.01
CA ASN D 59 -17.38 -9.43 -1.07
C ASN D 59 -18.43 -8.45 -1.59
N MET D 60 -18.11 -7.75 -2.68
CA MET D 60 -19.05 -6.86 -3.34
C MET D 60 -19.57 -7.45 -4.65
N LYS D 61 -19.25 -8.70 -4.95
CA LYS D 61 -19.79 -9.42 -6.10
C LYS D 61 -19.27 -8.88 -7.42
N ASP D 62 -18.40 -7.86 -7.38
CA ASP D 62 -17.74 -7.34 -8.55
C ASP D 62 -16.30 -7.81 -8.65
N PHE D 63 -15.92 -8.80 -7.85
CA PHE D 63 -14.53 -9.26 -7.81
C PHE D 63 -14.09 -9.94 -9.11
N GLU D 64 -15.02 -10.44 -9.92
CA GLU D 64 -14.62 -11.17 -11.13
C GLU D 64 -13.51 -10.46 -11.88
N ASN D 65 -13.50 -9.13 -11.87
CA ASN D 65 -12.38 -8.39 -12.44
C ASN D 65 -11.09 -8.71 -11.70
N GLN D 66 -11.15 -8.79 -10.36
CA GLN D 66 -9.97 -9.18 -9.61
C GLN D 66 -9.59 -10.63 -9.90
N ILE D 67 -10.58 -11.47 -10.23
CA ILE D 67 -10.28 -12.84 -10.66
C ILE D 67 -9.48 -12.82 -11.96
N THR D 68 -9.88 -11.97 -12.90
CA THR D 68 -9.12 -11.84 -14.14
C THR D 68 -7.72 -11.31 -13.87
N GLU D 69 -7.59 -10.37 -12.94
CA GLU D 69 -6.28 -9.85 -12.58
C GLU D 69 -5.39 -10.93 -11.98
N LEU D 70 -5.97 -11.80 -11.14
CA LEU D 70 -5.22 -12.93 -10.62
C LEU D 70 -4.84 -13.92 -11.72
N LYS D 71 -5.72 -14.12 -12.70
CA LYS D 71 -5.35 -14.91 -13.86
C LYS D 71 -4.15 -14.29 -14.58
N LYS D 72 -4.14 -12.98 -14.71
CA LYS D 72 -3.00 -12.29 -15.31
C LYS D 72 -1.73 -12.54 -14.52
N GLU D 73 -1.82 -12.41 -13.19
CA GLU D 73 -0.67 -12.67 -12.34
C GLU D 73 -0.22 -14.11 -12.39
N ASN D 74 -1.09 -15.04 -12.75
CA ASN D 74 -0.71 -16.44 -12.89
C ASN D 74 -0.43 -16.84 -14.33
N PHE D 75 -0.56 -15.92 -15.28
CA PHE D 75 -0.27 -16.20 -16.69
C PHE D 75 1.00 -15.51 -17.18
N ASN D 76 1.22 -14.25 -16.82
CA ASN D 76 2.39 -13.54 -17.34
C ASN D 76 3.68 -14.14 -16.79
N LEU D 77 3.76 -14.30 -15.47
CA LEU D 77 4.94 -14.92 -14.89
C LEU D 77 5.00 -16.41 -15.20
N LYS D 78 3.85 -17.02 -15.51
CA LYS D 78 3.83 -18.38 -16.04
C LYS D 78 4.51 -18.45 -17.40
N LEU D 79 4.34 -17.41 -18.22
CA LEU D 79 4.99 -17.36 -19.52
C LEU D 79 6.49 -17.12 -19.37
N ARG D 80 6.88 -16.15 -18.55
CA ARG D 80 8.29 -15.79 -18.45
C ARG D 80 9.11 -16.96 -17.89
N ILE D 81 8.54 -17.73 -16.97
CA ILE D 81 9.27 -18.84 -16.38
C ILE D 81 9.62 -19.87 -17.44
N TYR D 82 8.75 -20.03 -18.45
CA TYR D 82 9.06 -20.96 -19.54
C TYR D 82 10.29 -20.52 -20.30
N PHE D 83 10.40 -19.22 -20.57
CA PHE D 83 11.60 -18.72 -21.23
C PHE D 83 12.84 -18.94 -20.37
N LEU D 84 12.73 -18.69 -19.07
CA LEU D 84 13.86 -18.95 -18.19
C LEU D 84 14.26 -20.42 -18.25
N GLU D 85 13.28 -21.31 -18.21
CA GLU D 85 13.57 -22.75 -18.26
C GLU D 85 14.28 -23.13 -19.55
N GLU D 86 13.71 -22.72 -20.70
CA GLU D 86 14.31 -23.07 -21.97
C GLU D 86 15.69 -22.44 -22.15
N ARG D 87 15.95 -21.30 -21.49
CA ARG D 87 17.29 -20.74 -21.53
C ARG D 87 18.24 -21.53 -20.63
N MET D 88 17.74 -22.15 -19.57
CA MET D 88 18.60 -22.98 -18.74
C MET D 88 19.20 -24.13 -19.53
N GLN D 89 18.38 -24.80 -20.35
CA GLN D 89 18.86 -25.99 -21.04
C GLN D 89 19.78 -25.65 -22.21
N GLN D 90 19.59 -24.49 -22.84
CA GLN D 90 20.36 -24.15 -24.03
C GLN D 90 21.85 -24.07 -23.75
N GLU D 91 22.24 -23.72 -22.53
CA GLU D 91 23.66 -23.66 -22.17
C GLU D 91 24.15 -25.04 -21.73
N ARG E 58 -23.41 -22.60 -8.94
CA ARG E 58 -22.31 -22.35 -8.03
C ARG E 58 -22.83 -21.75 -6.72
N ASN E 59 -21.90 -21.28 -5.88
CA ASN E 59 -22.25 -20.61 -4.64
C ASN E 59 -21.06 -19.76 -4.21
N MET E 60 -21.28 -18.92 -3.21
CA MET E 60 -20.22 -18.05 -2.71
C MET E 60 -18.99 -18.85 -2.29
N LYS E 61 -19.17 -20.08 -1.82
CA LYS E 61 -18.03 -20.89 -1.39
C LYS E 61 -17.16 -21.31 -2.57
N ASP E 62 -17.76 -21.47 -3.75
CA ASP E 62 -16.98 -21.85 -4.92
C ASP E 62 -15.94 -20.79 -5.25
N PHE E 63 -16.33 -19.52 -5.20
CA PHE E 63 -15.40 -18.45 -5.54
C PHE E 63 -14.22 -18.44 -4.58
N GLU E 64 -14.48 -18.55 -3.27
CA GLU E 64 -13.38 -18.51 -2.32
C GLU E 64 -12.50 -19.74 -2.44
N ASN E 65 -13.09 -20.92 -2.69
CA ASN E 65 -12.27 -22.11 -2.85
C ASN E 65 -11.34 -21.99 -4.06
N GLN E 66 -11.91 -21.61 -5.22
CA GLN E 66 -11.09 -21.49 -6.42
C GLN E 66 -10.04 -20.40 -6.25
N ILE E 67 -10.40 -19.29 -5.58
CA ILE E 67 -9.42 -18.23 -5.34
C ILE E 67 -8.29 -18.75 -4.47
N THR E 68 -8.61 -19.52 -3.42
CA THR E 68 -7.57 -20.01 -2.53
C THR E 68 -6.62 -20.94 -3.27
N GLU E 69 -7.15 -21.87 -4.06
CA GLU E 69 -6.28 -22.78 -4.80
C GLU E 69 -5.46 -22.02 -5.84
N LEU E 70 -6.07 -21.05 -6.52
CA LEU E 70 -5.35 -20.26 -7.51
C LEU E 70 -4.22 -19.46 -6.86
N LYS E 71 -4.48 -18.92 -5.66
CA LYS E 71 -3.44 -18.19 -4.95
C LYS E 71 -2.32 -19.11 -4.50
N LYS E 72 -2.66 -20.34 -4.08
CA LYS E 72 -1.62 -21.31 -3.76
C LYS E 72 -0.75 -21.58 -4.98
N GLU E 73 -1.39 -21.77 -6.13
CA GLU E 73 -0.63 -21.98 -7.37
C GLU E 73 0.25 -20.77 -7.69
N ASN E 74 -0.27 -19.56 -7.47
CA ASN E 74 0.51 -18.36 -7.72
C ASN E 74 1.73 -18.30 -6.80
N PHE E 75 1.55 -18.65 -5.53
CA PHE E 75 2.68 -18.68 -4.61
C PHE E 75 3.73 -19.69 -5.04
N ASN E 76 3.28 -20.87 -5.49
CA ASN E 76 4.24 -21.85 -6.00
C ASN E 76 4.98 -21.31 -7.22
N LEU E 77 4.26 -20.64 -8.12
CA LEU E 77 4.92 -20.02 -9.27
C LEU E 77 5.96 -19.01 -8.84
N LYS E 78 5.62 -18.18 -7.84
CA LYS E 78 6.57 -17.18 -7.36
C LYS E 78 7.83 -17.84 -6.80
N LEU E 79 7.67 -18.87 -5.98
CA LEU E 79 8.85 -19.53 -5.41
C LEU E 79 9.68 -20.18 -6.50
N ARG E 80 9.04 -20.80 -7.49
CA ARG E 80 9.78 -21.44 -8.57
C ARG E 80 10.56 -20.42 -9.39
N ILE E 81 9.93 -19.29 -9.73
CA ILE E 81 10.64 -18.27 -10.49
C ILE E 81 11.78 -17.67 -9.67
N TYR E 82 11.59 -17.54 -8.36
CA TYR E 82 12.69 -17.09 -7.50
C TYR E 82 13.86 -18.07 -7.56
N PHE E 83 13.55 -19.37 -7.49
CA PHE E 83 14.61 -20.38 -7.54
C PHE E 83 15.29 -20.40 -8.90
N LEU E 84 14.59 -20.03 -9.96
CA LEU E 84 15.24 -19.91 -11.26
C LEU E 84 16.12 -18.66 -11.32
N GLU E 85 15.63 -17.54 -10.79
CA GLU E 85 16.38 -16.30 -10.85
C GLU E 85 17.67 -16.39 -10.03
N GLU E 86 17.64 -17.06 -8.87
CA GLU E 86 18.86 -17.23 -8.11
C GLU E 86 19.88 -18.06 -8.89
N ARG E 87 19.42 -19.08 -9.62
CA ARG E 87 20.32 -19.83 -10.49
C ARG E 87 20.90 -18.94 -11.59
N MET E 88 20.07 -18.07 -12.16
CA MET E 88 20.57 -17.17 -13.19
C MET E 88 21.63 -16.22 -12.64
N GLN E 89 21.42 -15.71 -11.43
CA GLN E 89 22.34 -14.72 -10.88
C GLN E 89 23.64 -15.35 -10.38
N GLN E 90 23.57 -16.56 -9.81
CA GLN E 90 24.74 -17.12 -9.15
C GLN E 90 25.93 -17.33 -10.08
N GLU E 91 25.70 -17.37 -11.40
CA GLU E 91 26.80 -17.52 -12.35
C GLU E 91 27.38 -16.16 -12.71
#